data_8XZK
# 
_entry.id   8XZK 
# 
_audit_conform.dict_name       mmcif_pdbx.dic 
_audit_conform.dict_version    5.395 
_audit_conform.dict_location   http://mmcif.pdb.org/dictionaries/ascii/mmcif_pdbx.dic 
# 
loop_
_database_2.database_id 
_database_2.database_code 
_database_2.pdbx_database_accession 
_database_2.pdbx_DOI 
PDB   8XZK         pdb_00008xzk 10.2210/pdb8xzk/pdb 
WWPDB D_1300044550 ?            ?                   
# 
loop_
_pdbx_audit_revision_history.ordinal 
_pdbx_audit_revision_history.data_content_type 
_pdbx_audit_revision_history.major_revision 
_pdbx_audit_revision_history.minor_revision 
_pdbx_audit_revision_history.revision_date 
1 'Structure model' 1 0 2024-07-24 
2 'Structure model' 1 1 2024-08-21 
# 
_pdbx_audit_revision_details.ordinal             1 
_pdbx_audit_revision_details.revision_ordinal    1 
_pdbx_audit_revision_details.data_content_type   'Structure model' 
_pdbx_audit_revision_details.provider            repository 
_pdbx_audit_revision_details.type                'Initial release' 
_pdbx_audit_revision_details.description         ? 
_pdbx_audit_revision_details.details             ? 
# 
_pdbx_audit_revision_group.ordinal             1 
_pdbx_audit_revision_group.revision_ordinal    2 
_pdbx_audit_revision_group.data_content_type   'Structure model' 
_pdbx_audit_revision_group.group               'Database references' 
# 
_pdbx_audit_revision_category.ordinal             1 
_pdbx_audit_revision_category.revision_ordinal    2 
_pdbx_audit_revision_category.data_content_type   'Structure model' 
_pdbx_audit_revision_category.category            citation 
# 
loop_
_pdbx_audit_revision_item.ordinal 
_pdbx_audit_revision_item.revision_ordinal 
_pdbx_audit_revision_item.data_content_type 
_pdbx_audit_revision_item.item 
1 2 'Structure model' '_citation.journal_volume' 
2 2 'Structure model' '_citation.page_first'     
3 2 'Structure model' '_citation.page_last'      
# 
_pdbx_database_status.status_code                     REL 
_pdbx_database_status.status_code_sf                  REL 
_pdbx_database_status.status_code_mr                  ? 
_pdbx_database_status.entry_id                        8XZK 
_pdbx_database_status.recvd_initial_deposition_date   2024-01-21 
_pdbx_database_status.SG_entry                        N 
_pdbx_database_status.deposit_site                    PDBJ 
_pdbx_database_status.process_site                    PDBJ 
_pdbx_database_status.status_code_cs                  ? 
_pdbx_database_status.status_code_nmr_data            ? 
_pdbx_database_status.methods_development_category    ? 
_pdbx_database_status.pdb_format_compatible           Y 
# 
_pdbx_contact_author.id                 2 
_pdbx_contact_author.email              aimingren@zju.edu.cn 
_pdbx_contact_author.name_first         Aiming 
_pdbx_contact_author.name_last          Ren 
_pdbx_contact_author.name_mi            ? 
_pdbx_contact_author.role               'principal investigator/group leader' 
_pdbx_contact_author.identifier_ORCID   0000-0002-5420-4899 
# 
loop_
_audit_author.name 
_audit_author.pdbx_ordinal 
_audit_author.identifier_ORCID 
'Li, C.Y.'  1 ? 
'Ren, A.M.' 2 ? 
# 
_citation.abstract                  ? 
_citation.abstract_id_CAS           ? 
_citation.book_id_ISBN              ? 
_citation.book_publisher            ? 
_citation.book_publisher_city       ? 
_citation.book_title                ? 
_citation.coordinate_linkage        ? 
_citation.country                   UK 
_citation.database_id_Medline       ? 
_citation.details                   ? 
_citation.id                        primary 
_citation.journal_abbrev            'Nucleic Acids Res.' 
_citation.journal_id_ASTM           NARHAD 
_citation.journal_id_CSD            0389 
_citation.journal_id_ISSN           1362-4962 
_citation.journal_full              ? 
_citation.journal_issue             ? 
_citation.journal_volume            52 
_citation.language                  ? 
_citation.page_first                8454 
_citation.page_last                 8465 
_citation.title                     
'Structure-based characterization and compound identification of the wild-type THF class-II riboswitch.' 
_citation.year                      2024 
_citation.database_id_CSD           ? 
_citation.pdbx_database_id_DOI      10.1093/nar/gkae377 
_citation.pdbx_database_id_PubMed   38769061 
_citation.pdbx_database_id_patent   ? 
_citation.unpublished_flag          ? 
# 
loop_
_citation_author.citation_id 
_citation_author.name 
_citation_author.ordinal 
_citation_author.identifier_ORCID 
primary 'Li, C.'    1  ?                   
primary 'Xu, X.'    2  ?                   
primary 'Geng, Z.'  3  ?                   
primary 'Zheng, L.' 4  ?                   
primary 'Song, Q.'  5  ?                   
primary 'Shen, X.'  6  ?                   
primary 'Wu, J.'    7  ?                   
primary 'Zhao, J.'  8  ?                   
primary 'Li, H.'    9  ?                   
primary 'He, M.'    10 ?                   
primary 'Tai, X.'   11 ?                   
primary 'Zhang, L.' 12 0000-0001-8139-0474 
primary 'Ma, J.'    13 ?                   
primary 'Dong, Y.'  14 ?                   
primary 'Ren, A.'   15 0000-0002-5420-4899 
# 
loop_
_entity.id 
_entity.type 
_entity.src_method 
_entity.pdbx_description 
_entity.formula_weight 
_entity.pdbx_number_of_molecules 
_entity.pdbx_ec 
_entity.pdbx_mutation 
_entity.pdbx_fragment 
_entity.details 
1 polymer man 'RNA (53-MER)' 17094.062 1 ? ? ? ? 
2 water   nat water          18.015    4 ? ? ? ? 
# 
_entity_poly.entity_id                      1 
_entity_poly.type                           polyribonucleotide 
_entity_poly.nstd_linkage                   no 
_entity_poly.nstd_monomer                   yes 
_entity_poly.pdbx_seq_one_letter_code       '(GDP)GGUGUGUACCGUUCAACUCGUCCCAGCUUCGACUGGGACUACGGGAGCGCCU' 
_entity_poly.pdbx_seq_one_letter_code_can   GGGUGUGUACCGUUCAACUCGUCCCAGCUUCGACUGGGACUACGGGAGCGCCU 
_entity_poly.pdbx_strand_id                 A 
_entity_poly.pdbx_target_identifier         ? 
# 
_pdbx_entity_nonpoly.entity_id   2 
_pdbx_entity_nonpoly.name        water 
_pdbx_entity_nonpoly.comp_id     HOH 
# 
loop_
_entity_poly_seq.entity_id 
_entity_poly_seq.num 
_entity_poly_seq.mon_id 
_entity_poly_seq.hetero 
1 1  GDP n 
1 2  G   n 
1 3  G   n 
1 4  U   n 
1 5  G   n 
1 6  U   n 
1 7  G   n 
1 8  U   n 
1 9  A   n 
1 10 C   n 
1 11 C   n 
1 12 G   n 
1 13 U   n 
1 14 U   n 
1 15 C   n 
1 16 A   n 
1 17 A   n 
1 18 C   n 
1 19 U   n 
1 20 C   n 
1 21 G   n 
1 22 U   n 
1 23 C   n 
1 24 C   n 
1 25 C   n 
1 26 A   n 
1 27 G   n 
1 28 C   n 
1 29 U   n 
1 30 U   n 
1 31 C   n 
1 32 G   n 
1 33 A   n 
1 34 C   n 
1 35 U   n 
1 36 G   n 
1 37 G   n 
1 38 G   n 
1 39 A   n 
1 40 C   n 
1 41 U   n 
1 42 A   n 
1 43 C   n 
1 44 G   n 
1 45 G   n 
1 46 G   n 
1 47 A   n 
1 48 G   n 
1 49 C   n 
1 50 G   n 
1 51 C   n 
1 52 C   n 
1 53 U   n 
# 
_entity_src_gen.entity_id                          1 
_entity_src_gen.pdbx_src_id                        1 
_entity_src_gen.pdbx_alt_source_flag               sample 
_entity_src_gen.pdbx_seq_type                      'Biological sequence' 
_entity_src_gen.pdbx_beg_seq_num                   1 
_entity_src_gen.pdbx_end_seq_num                   53 
_entity_src_gen.gene_src_common_name               ? 
_entity_src_gen.gene_src_genus                     ? 
_entity_src_gen.pdbx_gene_src_gene                 ? 
_entity_src_gen.gene_src_species                   ? 
_entity_src_gen.gene_src_strain                    ? 
_entity_src_gen.gene_src_tissue                    ? 
_entity_src_gen.gene_src_tissue_fraction           ? 
_entity_src_gen.gene_src_details                   ? 
_entity_src_gen.pdbx_gene_src_fragment             ? 
_entity_src_gen.pdbx_gene_src_scientific_name      'unidentified eubacterium clone A70' 
_entity_src_gen.pdbx_gene_src_ncbi_taxonomy_id     41312 
_entity_src_gen.pdbx_gene_src_variant              ? 
_entity_src_gen.pdbx_gene_src_cell_line            ? 
_entity_src_gen.pdbx_gene_src_atcc                 ? 
_entity_src_gen.pdbx_gene_src_organ                ? 
_entity_src_gen.pdbx_gene_src_organelle            ? 
_entity_src_gen.pdbx_gene_src_cell                 ? 
_entity_src_gen.pdbx_gene_src_cellular_location    ? 
_entity_src_gen.host_org_common_name               ? 
_entity_src_gen.pdbx_host_org_scientific_name      'in vitro transcription vector pT7-TP(deltai)' 
_entity_src_gen.pdbx_host_org_ncbi_taxonomy_id     905931 
_entity_src_gen.host_org_genus                     ? 
_entity_src_gen.pdbx_host_org_gene                 ? 
_entity_src_gen.pdbx_host_org_organ                ? 
_entity_src_gen.host_org_species                   ? 
_entity_src_gen.pdbx_host_org_tissue               ? 
_entity_src_gen.pdbx_host_org_tissue_fraction      ? 
_entity_src_gen.pdbx_host_org_strain               ? 
_entity_src_gen.pdbx_host_org_variant              ? 
_entity_src_gen.pdbx_host_org_cell_line            ? 
_entity_src_gen.pdbx_host_org_atcc                 ? 
_entity_src_gen.pdbx_host_org_culture_collection   ? 
_entity_src_gen.pdbx_host_org_cell                 ? 
_entity_src_gen.pdbx_host_org_organelle            ? 
_entity_src_gen.pdbx_host_org_cellular_location    ? 
_entity_src_gen.pdbx_host_org_vector_type          ? 
_entity_src_gen.pdbx_host_org_vector               ? 
_entity_src_gen.host_org_details                   ? 
_entity_src_gen.expression_system_id               ? 
_entity_src_gen.plasmid_name                       ? 
_entity_src_gen.plasmid_details                    ? 
_entity_src_gen.pdbx_description                   ? 
# 
loop_
_chem_comp.id 
_chem_comp.type 
_chem_comp.mon_nstd_flag 
_chem_comp.name 
_chem_comp.pdbx_synonyms 
_chem_comp.formula 
_chem_comp.formula_weight 
A   'RNA linking' y "ADENOSINE-5'-MONOPHOSPHATE" ? 'C10 H14 N5 O7 P'   347.221 
C   'RNA linking' y "CYTIDINE-5'-MONOPHOSPHATE"  ? 'C9 H14 N3 O8 P'    323.197 
G   'RNA linking' y "GUANOSINE-5'-MONOPHOSPHATE" ? 'C10 H14 N5 O8 P'   363.221 
GDP 'RNA linking' n "GUANOSINE-5'-DIPHOSPHATE"   ? 'C10 H15 N5 O11 P2' 443.201 
HOH non-polymer   . WATER                        ? 'H2 O'              18.015  
U   'RNA linking' y "URIDINE-5'-MONOPHOSPHATE"   ? 'C9 H13 N2 O9 P'    324.181 
# 
loop_
_pdbx_poly_seq_scheme.asym_id 
_pdbx_poly_seq_scheme.entity_id 
_pdbx_poly_seq_scheme.seq_id 
_pdbx_poly_seq_scheme.mon_id 
_pdbx_poly_seq_scheme.ndb_seq_num 
_pdbx_poly_seq_scheme.pdb_seq_num 
_pdbx_poly_seq_scheme.auth_seq_num 
_pdbx_poly_seq_scheme.pdb_mon_id 
_pdbx_poly_seq_scheme.auth_mon_id 
_pdbx_poly_seq_scheme.pdb_strand_id 
_pdbx_poly_seq_scheme.pdb_ins_code 
_pdbx_poly_seq_scheme.hetero 
A 1 1  GDP 1  1  1  GDP GDP A . n 
A 1 2  G   2  2  2  G   G   A . n 
A 1 3  G   3  3  3  G   G   A . n 
A 1 4  U   4  4  4  U   U   A . n 
A 1 5  G   5  5  5  G   G   A . n 
A 1 6  U   6  6  6  U   U   A . n 
A 1 7  G   7  7  7  G   G   A . n 
A 1 8  U   8  8  8  U   U   A . n 
A 1 9  A   9  9  9  A   A   A . n 
A 1 10 C   10 10 10 C   C   A . n 
A 1 11 C   11 11 11 C   C   A . n 
A 1 12 G   12 12 12 G   G   A . n 
A 1 13 U   13 13 13 U   U   A . n 
A 1 14 U   14 14 14 U   U   A . n 
A 1 15 C   15 15 15 C   C   A . n 
A 1 16 A   16 16 16 A   A   A . n 
A 1 17 A   17 17 17 A   A   A . n 
A 1 18 C   18 18 18 C   C   A . n 
A 1 19 U   19 19 19 U   U   A . n 
A 1 20 C   20 20 20 C   C   A . n 
A 1 21 G   21 21 21 G   G   A . n 
A 1 22 U   22 22 22 U   U   A . n 
A 1 23 C   23 23 23 C   C   A . n 
A 1 24 C   24 24 24 C   C   A . n 
A 1 25 C   25 25 25 C   C   A . n 
A 1 26 A   26 26 26 A   A   A . n 
A 1 27 G   27 27 27 G   G   A . n 
A 1 28 C   28 28 28 C   C   A . n 
A 1 29 U   29 29 29 U   U   A . n 
A 1 30 U   30 30 30 U   U   A . n 
A 1 31 C   31 31 31 C   C   A . n 
A 1 32 G   32 32 32 G   G   A . n 
A 1 33 A   33 33 33 A   A   A . n 
A 1 34 C   34 34 34 C   C   A . n 
A 1 35 U   35 35 35 U   U   A . n 
A 1 36 G   36 36 36 G   G   A . n 
A 1 37 G   37 37 37 G   G   A . n 
A 1 38 G   38 38 38 G   G   A . n 
A 1 39 A   39 39 39 A   A   A . n 
A 1 40 C   40 40 40 C   C   A . n 
A 1 41 U   41 41 41 U   U   A . n 
A 1 42 A   42 42 42 A   A   A . n 
A 1 43 C   43 43 43 C   C   A . n 
A 1 44 G   44 44 44 G   G   A . n 
A 1 45 G   45 45 45 G   G   A . n 
A 1 46 G   46 46 46 G   G   A . n 
A 1 47 A   47 47 47 A   A   A . n 
A 1 48 G   48 48 48 G   G   A . n 
A 1 49 C   49 49 49 C   C   A . n 
A 1 50 G   50 50 50 G   G   A . n 
A 1 51 C   51 51 51 C   C   A . n 
A 1 52 C   52 52 52 C   C   A . n 
A 1 53 U   53 53 53 U   U   A . n 
# 
loop_
_pdbx_nonpoly_scheme.asym_id 
_pdbx_nonpoly_scheme.entity_id 
_pdbx_nonpoly_scheme.mon_id 
_pdbx_nonpoly_scheme.ndb_seq_num 
_pdbx_nonpoly_scheme.pdb_seq_num 
_pdbx_nonpoly_scheme.auth_seq_num 
_pdbx_nonpoly_scheme.pdb_mon_id 
_pdbx_nonpoly_scheme.auth_mon_id 
_pdbx_nonpoly_scheme.pdb_strand_id 
_pdbx_nonpoly_scheme.pdb_ins_code 
B 2 HOH 1 101 2 HOH HOH A . 
B 2 HOH 2 102 1 HOH HOH A . 
B 2 HOH 3 103 4 HOH HOH A . 
B 2 HOH 4 104 3 HOH HOH A . 
# 
loop_
_software.citation_id 
_software.classification 
_software.compiler_name 
_software.compiler_version 
_software.contact_author 
_software.contact_author_email 
_software.date 
_software.description 
_software.dependencies 
_software.hardware 
_software.language 
_software.location 
_software.mods 
_software.name 
_software.os 
_software.os_version 
_software.type 
_software.version 
_software.pdbx_ordinal 
? refinement       ? ? ? ? ? ? ? ? ? ? ? PHENIX   ? ? ? '(1.18.2_3874: ???)' 1 
? 'data scaling'   ? ? ? ? ? ? ? ? ? ? ? Aimless  ? ? ? .                    2 
? 'data reduction' ? ? ? ? ? ? ? ? ? ? ? HKL-3000 ? ? ? .                    3 
? phasing          ? ? ? ? ? ? ? ? ? ? ? PHASER   ? ? ? .                    4 
# 
_cell.angle_alpha                  90.00 
_cell.angle_alpha_esd              ? 
_cell.angle_beta                   90.00 
_cell.angle_beta_esd               ? 
_cell.angle_gamma                  90.00 
_cell.angle_gamma_esd              ? 
_cell.entry_id                     8XZK 
_cell.details                      ? 
_cell.formula_units_Z              ? 
_cell.length_a                     45.282 
_cell.length_a_esd                 ? 
_cell.length_b                     55.624 
_cell.length_b_esd                 ? 
_cell.length_c                     61.903 
_cell.length_c_esd                 ? 
_cell.volume                       ? 
_cell.volume_esd                   ? 
_cell.Z_PDB                        4 
_cell.reciprocal_angle_alpha       ? 
_cell.reciprocal_angle_beta        ? 
_cell.reciprocal_angle_gamma       ? 
_cell.reciprocal_angle_alpha_esd   ? 
_cell.reciprocal_angle_beta_esd    ? 
_cell.reciprocal_angle_gamma_esd   ? 
_cell.reciprocal_length_a          ? 
_cell.reciprocal_length_b          ? 
_cell.reciprocal_length_c          ? 
_cell.reciprocal_length_a_esd      ? 
_cell.reciprocal_length_b_esd      ? 
_cell.reciprocal_length_c_esd      ? 
_cell.pdbx_unique_axis             ? 
_cell.pdbx_esd_method              ? 
# 
_symmetry.entry_id                         8XZK 
_symmetry.cell_setting                     ? 
_symmetry.Int_Tables_number                19 
_symmetry.space_group_name_Hall            ? 
_symmetry.space_group_name_H-M             'P 21 21 21' 
_symmetry.pdbx_full_space_group_name_H-M   ? 
# 
_exptl.absorpt_coefficient_mu     ? 
_exptl.absorpt_correction_T_max   ? 
_exptl.absorpt_correction_T_min   ? 
_exptl.absorpt_correction_type    ? 
_exptl.absorpt_process_details    ? 
_exptl.entry_id                   8XZK 
_exptl.crystals_number            1 
_exptl.details                    ? 
_exptl.method                     'X-RAY DIFFRACTION' 
_exptl.method_details             ? 
# 
_exptl_crystal.colour                       ? 
_exptl_crystal.density_diffrn               ? 
_exptl_crystal.density_Matthews             2.34 
_exptl_crystal.density_method               ? 
_exptl_crystal.density_percent_sol          47.40 
_exptl_crystal.description                  ? 
_exptl_crystal.F_000                        ? 
_exptl_crystal.id                           1 
_exptl_crystal.preparation                  ? 
_exptl_crystal.size_max                     ? 
_exptl_crystal.size_mid                     ? 
_exptl_crystal.size_min                     ? 
_exptl_crystal.size_rad                     ? 
_exptl_crystal.colour_lustre                ? 
_exptl_crystal.colour_modifier              ? 
_exptl_crystal.colour_primary               ? 
_exptl_crystal.density_meas                 ? 
_exptl_crystal.density_meas_esd             ? 
_exptl_crystal.density_meas_gt              ? 
_exptl_crystal.density_meas_lt              ? 
_exptl_crystal.density_meas_temp            ? 
_exptl_crystal.density_meas_temp_esd        ? 
_exptl_crystal.density_meas_temp_gt         ? 
_exptl_crystal.density_meas_temp_lt         ? 
_exptl_crystal.pdbx_crystal_image_url       ? 
_exptl_crystal.pdbx_crystal_image_format    ? 
_exptl_crystal.pdbx_mosaicity               ? 
_exptl_crystal.pdbx_mosaicity_esd           ? 
_exptl_crystal.pdbx_mosaic_method           ? 
_exptl_crystal.pdbx_mosaic_block_size       ? 
_exptl_crystal.pdbx_mosaic_block_size_esd   ? 
# 
_exptl_crystal_grow.apparatus       ? 
_exptl_crystal_grow.atmosphere      ? 
_exptl_crystal_grow.crystal_id      1 
_exptl_crystal_grow.details         ? 
_exptl_crystal_grow.method          'VAPOR DIFFUSION, SITTING DROP' 
_exptl_crystal_grow.method_ref      ? 
_exptl_crystal_grow.pH              ? 
_exptl_crystal_grow.pressure        ? 
_exptl_crystal_grow.pressure_esd    ? 
_exptl_crystal_grow.seeding         ? 
_exptl_crystal_grow.seeding_ref     ? 
_exptl_crystal_grow.temp_details    ? 
_exptl_crystal_grow.temp_esd        ? 
_exptl_crystal_grow.time            ? 
_exptl_crystal_grow.pdbx_details    
'0.08 M Sodium chloride, 0.04 M Sodium cacodylate trihydrate pH 7.0, 30% v/v MPD, 0.012 M Spermine tetrahydrochloride' 
_exptl_crystal_grow.pdbx_pH_range   ? 
_exptl_crystal_grow.temp            289 
# 
_diffrn.ambient_environment              ? 
_diffrn.ambient_temp                     100 
_diffrn.ambient_temp_details             ? 
_diffrn.ambient_temp_esd                 ? 
_diffrn.crystal_id                       1 
_diffrn.crystal_support                  ? 
_diffrn.crystal_treatment                ? 
_diffrn.details                          ? 
_diffrn.id                               1 
_diffrn.ambient_pressure                 ? 
_diffrn.ambient_pressure_esd             ? 
_diffrn.ambient_pressure_gt              ? 
_diffrn.ambient_pressure_lt              ? 
_diffrn.ambient_temp_gt                  ? 
_diffrn.ambient_temp_lt                  ? 
_diffrn.pdbx_serial_crystal_experiment   N 
# 
_diffrn_detector.details                      ? 
_diffrn_detector.detector                     PIXEL 
_diffrn_detector.diffrn_id                    1 
_diffrn_detector.type                         'DECTRIS PILATUS 6M' 
_diffrn_detector.area_resol_mean              ? 
_diffrn_detector.dtime                        ? 
_diffrn_detector.pdbx_frames_total            ? 
_diffrn_detector.pdbx_collection_time_total   ? 
_diffrn_detector.pdbx_collection_date         2022-01-18 
_diffrn_detector.pdbx_frequency               ? 
_diffrn_detector.id                           ? 
_diffrn_detector.number_of_axes               ? 
# 
_diffrn_radiation.collimation                      ? 
_diffrn_radiation.diffrn_id                        1 
_diffrn_radiation.filter_edge                      ? 
_diffrn_radiation.inhomogeneity                    ? 
_diffrn_radiation.monochromator                    ? 
_diffrn_radiation.polarisn_norm                    ? 
_diffrn_radiation.polarisn_ratio                   ? 
_diffrn_radiation.probe                            ? 
_diffrn_radiation.type                             ? 
_diffrn_radiation.xray_symbol                      ? 
_diffrn_radiation.wavelength_id                    1 
_diffrn_radiation.pdbx_monochromatic_or_laue_m_l   M 
_diffrn_radiation.pdbx_wavelength_list             ? 
_diffrn_radiation.pdbx_wavelength                  ? 
_diffrn_radiation.pdbx_diffrn_protocol             'SINGLE WAVELENGTH' 
_diffrn_radiation.pdbx_analyzer                    ? 
_diffrn_radiation.pdbx_scattering_type             x-ray 
# 
_diffrn_radiation_wavelength.id           1 
_diffrn_radiation_wavelength.wavelength   0.97853 
_diffrn_radiation_wavelength.wt           1.0 
# 
_diffrn_source.current                     ? 
_diffrn_source.details                     ? 
_diffrn_source.diffrn_id                   1 
_diffrn_source.power                       ? 
_diffrn_source.size                        ? 
_diffrn_source.source                      SYNCHROTRON 
_diffrn_source.target                      ? 
_diffrn_source.type                        'SSRF BEAMLINE BL18U1' 
_diffrn_source.voltage                     ? 
_diffrn_source.take-off_angle              ? 
_diffrn_source.pdbx_wavelength_list        0.97853 
_diffrn_source.pdbx_wavelength             ? 
_diffrn_source.pdbx_synchrotron_beamline   BL18U1 
_diffrn_source.pdbx_synchrotron_site       SSRF 
# 
_reflns.B_iso_Wilson_estimate                          ? 
_reflns.entry_id                                       8XZK 
_reflns.data_reduction_details                         ? 
_reflns.data_reduction_method                          ? 
_reflns.d_resolution_high                              2.58 
_reflns.d_resolution_low                               41.37 
_reflns.details                                        ? 
_reflns.limit_h_max                                    ? 
_reflns.limit_h_min                                    ? 
_reflns.limit_k_max                                    ? 
_reflns.limit_k_min                                    ? 
_reflns.limit_l_max                                    ? 
_reflns.limit_l_min                                    ? 
_reflns.number_all                                     ? 
_reflns.number_obs                                     4721 
_reflns.observed_criterion                             ? 
_reflns.observed_criterion_F_max                       ? 
_reflns.observed_criterion_F_min                       ? 
_reflns.observed_criterion_I_max                       ? 
_reflns.observed_criterion_I_min                       ? 
_reflns.observed_criterion_sigma_F                     ? 
_reflns.observed_criterion_sigma_I                     ? 
_reflns.percent_possible_obs                           89.0 
_reflns.R_free_details                                 ? 
_reflns.Rmerge_F_all                                   ? 
_reflns.Rmerge_F_obs                                   ? 
_reflns.Friedel_coverage                               ? 
_reflns.number_gt                                      ? 
_reflns.threshold_expression                           ? 
_reflns.pdbx_redundancy                                11.7 
_reflns.pdbx_netI_over_av_sigmaI                       ? 
_reflns.pdbx_netI_over_sigmaI                          16.9 
_reflns.pdbx_res_netI_over_av_sigmaI_2                 ? 
_reflns.pdbx_res_netI_over_sigmaI_2                    ? 
_reflns.pdbx_chi_squared                               1.02 
_reflns.pdbx_scaling_rejects                           ? 
_reflns.pdbx_d_res_high_opt                            ? 
_reflns.pdbx_d_res_low_opt                             ? 
_reflns.pdbx_d_res_opt_method                          ? 
_reflns.phase_calculation_details                      ? 
_reflns.pdbx_Rrim_I_all                                0.098 
_reflns.pdbx_Rpim_I_all                                0.028 
_reflns.pdbx_d_opt                                     ? 
_reflns.pdbx_number_measured_all                       55367 
_reflns.pdbx_diffrn_id                                 1 
_reflns.pdbx_ordinal                                   1 
_reflns.pdbx_CC_half                                   0.998 
_reflns.pdbx_CC_star                                   ? 
_reflns.pdbx_R_split                                   ? 
_reflns.pdbx_Rmerge_I_obs                              0.093 
_reflns.pdbx_Rmerge_I_all                              ? 
_reflns.pdbx_Rsym_value                                ? 
_reflns.pdbx_CC_split_method                           ? 
_reflns.pdbx_aniso_diffraction_limit_axis_1_ortho[1]   ? 
_reflns.pdbx_aniso_diffraction_limit_axis_1_ortho[2]   ? 
_reflns.pdbx_aniso_diffraction_limit_axis_1_ortho[3]   ? 
_reflns.pdbx_aniso_diffraction_limit_axis_2_ortho[1]   ? 
_reflns.pdbx_aniso_diffraction_limit_axis_2_ortho[2]   ? 
_reflns.pdbx_aniso_diffraction_limit_axis_2_ortho[3]   ? 
_reflns.pdbx_aniso_diffraction_limit_axis_3_ortho[1]   ? 
_reflns.pdbx_aniso_diffraction_limit_axis_3_ortho[2]   ? 
_reflns.pdbx_aniso_diffraction_limit_axis_3_ortho[3]   ? 
_reflns.pdbx_aniso_diffraction_limit_1                 ? 
_reflns.pdbx_aniso_diffraction_limit_2                 ? 
_reflns.pdbx_aniso_diffraction_limit_3                 ? 
_reflns.pdbx_aniso_B_tensor_eigenvector_1_ortho[1]     ? 
_reflns.pdbx_aniso_B_tensor_eigenvector_1_ortho[2]     ? 
_reflns.pdbx_aniso_B_tensor_eigenvector_1_ortho[3]     ? 
_reflns.pdbx_aniso_B_tensor_eigenvector_2_ortho[1]     ? 
_reflns.pdbx_aniso_B_tensor_eigenvector_2_ortho[2]     ? 
_reflns.pdbx_aniso_B_tensor_eigenvector_2_ortho[3]     ? 
_reflns.pdbx_aniso_B_tensor_eigenvector_3_ortho[1]     ? 
_reflns.pdbx_aniso_B_tensor_eigenvector_3_ortho[2]     ? 
_reflns.pdbx_aniso_B_tensor_eigenvector_3_ortho[3]     ? 
_reflns.pdbx_aniso_B_tensor_eigenvalue_1               ? 
_reflns.pdbx_aniso_B_tensor_eigenvalue_2               ? 
_reflns.pdbx_aniso_B_tensor_eigenvalue_3               ? 
_reflns.pdbx_orthogonalization_convention              ? 
_reflns.pdbx_percent_possible_ellipsoidal              ? 
_reflns.pdbx_percent_possible_spherical                ? 
_reflns.pdbx_percent_possible_ellipsoidal_anomalous    ? 
_reflns.pdbx_percent_possible_spherical_anomalous      ? 
_reflns.pdbx_redundancy_anomalous                      ? 
_reflns.pdbx_CC_half_anomalous                         ? 
_reflns.pdbx_absDiff_over_sigma_anomalous              ? 
_reflns.pdbx_percent_possible_anomalous                ? 
_reflns.pdbx_observed_signal_threshold                 ? 
_reflns.pdbx_signal_type                               ? 
_reflns.pdbx_signal_details                            ? 
_reflns.pdbx_signal_software_id                        ? 
# 
_reflns_shell.d_res_high                                    2.58 
_reflns_shell.d_res_low                                     2.72 
_reflns_shell.meanI_over_sigI_all                           ? 
_reflns_shell.meanI_over_sigI_obs                           ? 
_reflns_shell.number_measured_all                           1902 
_reflns_shell.number_measured_obs                           ? 
_reflns_shell.number_possible                               ? 
_reflns_shell.number_unique_all                             ? 
_reflns_shell.number_unique_obs                             188 
_reflns_shell.percent_possible_obs                          25.4 
_reflns_shell.Rmerge_F_all                                  ? 
_reflns_shell.Rmerge_F_obs                                  ? 
_reflns_shell.meanI_over_sigI_gt                            ? 
_reflns_shell.meanI_over_uI_all                             ? 
_reflns_shell.meanI_over_uI_gt                              ? 
_reflns_shell.number_measured_gt                            ? 
_reflns_shell.number_unique_gt                              ? 
_reflns_shell.percent_possible_gt                           ? 
_reflns_shell.Rmerge_F_gt                                   ? 
_reflns_shell.Rmerge_I_gt                                   ? 
_reflns_shell.pdbx_redundancy                               10.1 
_reflns_shell.pdbx_chi_squared                              0.72 
_reflns_shell.pdbx_netI_over_sigmaI_all                     ? 
_reflns_shell.pdbx_netI_over_sigmaI_obs                     1.4 
_reflns_shell.pdbx_Rrim_I_all                               1.607 
_reflns_shell.pdbx_Rpim_I_all                               0.477 
_reflns_shell.pdbx_rejects                                  ? 
_reflns_shell.pdbx_ordinal                                  1 
_reflns_shell.pdbx_diffrn_id                                1 
_reflns_shell.pdbx_CC_half                                  0.766 
_reflns_shell.pdbx_CC_star                                  ? 
_reflns_shell.pdbx_R_split                                  ? 
_reflns_shell.percent_possible_all                          ? 
_reflns_shell.Rmerge_I_all                                  ? 
_reflns_shell.Rmerge_I_obs                                  1.530 
_reflns_shell.pdbx_Rsym_value                               ? 
_reflns_shell.pdbx_percent_possible_ellipsoidal             ? 
_reflns_shell.pdbx_percent_possible_spherical               ? 
_reflns_shell.pdbx_percent_possible_ellipsoidal_anomalous   ? 
_reflns_shell.pdbx_percent_possible_spherical_anomalous     ? 
_reflns_shell.pdbx_redundancy_anomalous                     ? 
_reflns_shell.pdbx_CC_half_anomalous                        ? 
_reflns_shell.pdbx_absDiff_over_sigma_anomalous             ? 
_reflns_shell.pdbx_percent_possible_anomalous               ? 
# 
_refine.aniso_B[1][1]                            ? 
_refine.aniso_B[1][2]                            ? 
_refine.aniso_B[1][3]                            ? 
_refine.aniso_B[2][2]                            ? 
_refine.aniso_B[2][3]                            ? 
_refine.aniso_B[3][3]                            ? 
_refine.B_iso_max                                ? 
_refine.B_iso_mean                               ? 
_refine.B_iso_min                                ? 
_refine.correlation_coeff_Fo_to_Fc               ? 
_refine.correlation_coeff_Fo_to_Fc_free          ? 
_refine.details                                  ? 
_refine.diff_density_max                         ? 
_refine.diff_density_max_esd                     ? 
_refine.diff_density_min                         ? 
_refine.diff_density_min_esd                     ? 
_refine.diff_density_rms                         ? 
_refine.diff_density_rms_esd                     ? 
_refine.entry_id                                 8XZK 
_refine.pdbx_refine_id                           'X-RAY DIFFRACTION' 
_refine.ls_abs_structure_details                 ? 
_refine.ls_abs_structure_Flack                   ? 
_refine.ls_abs_structure_Flack_esd               ? 
_refine.ls_abs_structure_Rogers                  ? 
_refine.ls_abs_structure_Rogers_esd              ? 
_refine.ls_d_res_high                            2.58 
_refine.ls_d_res_low                             36.55 
_refine.ls_extinction_coef                       ? 
_refine.ls_extinction_coef_esd                   ? 
_refine.ls_extinction_expression                 ? 
_refine.ls_extinction_method                     ? 
_refine.ls_goodness_of_fit_all                   ? 
_refine.ls_goodness_of_fit_all_esd               ? 
_refine.ls_goodness_of_fit_obs                   ? 
_refine.ls_goodness_of_fit_obs_esd               ? 
_refine.ls_hydrogen_treatment                    ? 
_refine.ls_matrix_type                           ? 
_refine.ls_number_constraints                    ? 
_refine.ls_number_parameters                     ? 
_refine.ls_number_reflns_all                     ? 
_refine.ls_number_reflns_obs                     4609 
_refine.ls_number_reflns_R_free                  461 
_refine.ls_number_reflns_R_work                  ? 
_refine.ls_number_restraints                     ? 
_refine.ls_percent_reflns_obs                    87.64 
_refine.ls_percent_reflns_R_free                 10.00 
_refine.ls_R_factor_all                          ? 
_refine.ls_R_factor_obs                          0.2053 
_refine.ls_R_factor_R_free                       0.2627 
_refine.ls_R_factor_R_free_error                 ? 
_refine.ls_R_factor_R_free_error_details         ? 
_refine.ls_R_factor_R_work                       0.1990 
_refine.ls_R_Fsqd_factor_obs                     ? 
_refine.ls_R_I_factor_obs                        ? 
_refine.ls_redundancy_reflns_all                 ? 
_refine.ls_redundancy_reflns_obs                 ? 
_refine.ls_restrained_S_all                      ? 
_refine.ls_restrained_S_obs                      ? 
_refine.ls_shift_over_esd_max                    ? 
_refine.ls_shift_over_esd_mean                   ? 
_refine.ls_structure_factor_coef                 ? 
_refine.ls_weighting_details                     ? 
_refine.ls_weighting_scheme                      ? 
_refine.ls_wR_factor_all                         ? 
_refine.ls_wR_factor_obs                         ? 
_refine.ls_wR_factor_R_free                      ? 
_refine.ls_wR_factor_R_work                      ? 
_refine.occupancy_max                            ? 
_refine.occupancy_min                            ? 
_refine.solvent_model_details                    'FLAT BULK SOLVENT MODEL' 
_refine.solvent_model_param_bsol                 ? 
_refine.solvent_model_param_ksol                 ? 
_refine.pdbx_R_complete                          ? 
_refine.ls_R_factor_gt                           ? 
_refine.ls_goodness_of_fit_gt                    ? 
_refine.ls_goodness_of_fit_ref                   ? 
_refine.ls_shift_over_su_max                     ? 
_refine.ls_shift_over_su_max_lt                  ? 
_refine.ls_shift_over_su_mean                    ? 
_refine.ls_shift_over_su_mean_lt                 ? 
_refine.pdbx_ls_sigma_I                          ? 
_refine.pdbx_ls_sigma_F                          1.34 
_refine.pdbx_ls_sigma_Fsqd                       ? 
_refine.pdbx_data_cutoff_high_absF               ? 
_refine.pdbx_data_cutoff_high_rms_absF           ? 
_refine.pdbx_data_cutoff_low_absF                ? 
_refine.pdbx_isotropic_thermal_model             ? 
_refine.pdbx_ls_cross_valid_method               THROUGHOUT 
_refine.pdbx_method_to_determine_struct          'MOLECULAR REPLACEMENT' 
_refine.pdbx_starting_model                      ? 
_refine.pdbx_stereochemistry_target_values       ML 
_refine.pdbx_R_Free_selection_details            ? 
_refine.pdbx_stereochem_target_val_spec_case     ? 
_refine.pdbx_overall_ESU_R                       ? 
_refine.pdbx_overall_ESU_R_Free                  ? 
_refine.pdbx_solvent_vdw_probe_radii             1.11 
_refine.pdbx_solvent_ion_probe_radii             ? 
_refine.pdbx_solvent_shrinkage_radii             0.90 
_refine.pdbx_real_space_R                        ? 
_refine.pdbx_density_correlation                 ? 
_refine.pdbx_pd_number_of_powder_patterns        ? 
_refine.pdbx_pd_number_of_points                 ? 
_refine.pdbx_pd_meas_number_of_points            ? 
_refine.pdbx_pd_proc_ls_prof_R_factor            ? 
_refine.pdbx_pd_proc_ls_prof_wR_factor           ? 
_refine.pdbx_pd_Marquardt_correlation_coeff      ? 
_refine.pdbx_pd_Fsqrd_R_factor                   ? 
_refine.pdbx_pd_ls_matrix_band_width             ? 
_refine.pdbx_overall_phase_error                 34.02 
_refine.pdbx_overall_SU_R_free_Cruickshank_DPI   ? 
_refine.pdbx_overall_SU_R_free_Blow_DPI          ? 
_refine.pdbx_overall_SU_R_Blow_DPI               ? 
_refine.pdbx_TLS_residual_ADP_flag               ? 
_refine.pdbx_diffrn_id                           1 
_refine.overall_SU_B                             ? 
_refine.overall_SU_ML                            0.30 
_refine.overall_SU_R_Cruickshank_DPI             ? 
_refine.overall_SU_R_free                        ? 
_refine.overall_FOM_free_R_set                   ? 
_refine.overall_FOM_work_R_set                   ? 
_refine.pdbx_average_fsc_overall                 ? 
_refine.pdbx_average_fsc_work                    ? 
_refine.pdbx_average_fsc_free                    ? 
# 
_refine_hist.pdbx_refine_id                   'X-RAY DIFFRACTION' 
_refine_hist.cycle_id                         LAST 
_refine_hist.details                          ? 
_refine_hist.d_res_high                       2.58 
_refine_hist.d_res_low                        36.55 
_refine_hist.number_atoms_solvent             4 
_refine_hist.number_atoms_total               1136 
_refine_hist.number_reflns_all                ? 
_refine_hist.number_reflns_obs                ? 
_refine_hist.number_reflns_R_free             ? 
_refine_hist.number_reflns_R_work             ? 
_refine_hist.R_factor_all                     ? 
_refine_hist.R_factor_obs                     ? 
_refine_hist.R_factor_R_free                  ? 
_refine_hist.R_factor_R_work                  ? 
_refine_hist.pdbx_number_residues_total       ? 
_refine_hist.pdbx_B_iso_mean_ligand           ? 
_refine_hist.pdbx_B_iso_mean_solvent          ? 
_refine_hist.pdbx_number_atoms_protein        0 
_refine_hist.pdbx_number_atoms_nucleic_acid   1132 
_refine_hist.pdbx_number_atoms_ligand         0 
_refine_hist.pdbx_number_atoms_lipid          ? 
_refine_hist.pdbx_number_atoms_carb           ? 
_refine_hist.pdbx_pseudo_atom_details         ? 
# 
loop_
_refine_ls_restr.pdbx_refine_id 
_refine_ls_restr.criterion 
_refine_ls_restr.dev_ideal 
_refine_ls_restr.dev_ideal_target 
_refine_ls_restr.number 
_refine_ls_restr.rejects 
_refine_ls_restr.type 
_refine_ls_restr.weight 
_refine_ls_restr.pdbx_restraint_function 
'X-RAY DIFFRACTION' ? 0.005  ? 1261 ? f_bond_d           ? ? 
'X-RAY DIFFRACTION' ? 1.100  ? 1963 ? f_angle_d          ? ? 
'X-RAY DIFFRACTION' ? 13.958 ? 632  ? f_dihedral_angle_d ? ? 
'X-RAY DIFFRACTION' ? 0.044  ? 264  ? f_chiral_restr     ? ? 
'X-RAY DIFFRACTION' ? 0.006  ? 53   ? f_plane_restr      ? ? 
# 
loop_
_refine_ls_shell.pdbx_refine_id 
_refine_ls_shell.d_res_high 
_refine_ls_shell.d_res_low 
_refine_ls_shell.number_reflns_all 
_refine_ls_shell.number_reflns_obs 
_refine_ls_shell.number_reflns_R_free 
_refine_ls_shell.number_reflns_R_work 
_refine_ls_shell.percent_reflns_obs 
_refine_ls_shell.percent_reflns_R_free 
_refine_ls_shell.R_factor_all 
_refine_ls_shell.R_factor_obs 
_refine_ls_shell.R_factor_R_free_error 
_refine_ls_shell.R_factor_R_work 
_refine_ls_shell.redundancy_reflns_all 
_refine_ls_shell.redundancy_reflns_obs 
_refine_ls_shell.wR_factor_all 
_refine_ls_shell.wR_factor_obs 
_refine_ls_shell.wR_factor_R_free 
_refine_ls_shell.wR_factor_R_work 
_refine_ls_shell.pdbx_R_complete 
_refine_ls_shell.pdbx_total_number_of_bins_used 
_refine_ls_shell.pdbx_phase_error 
_refine_ls_shell.pdbx_fsc_work 
_refine_ls_shell.pdbx_fsc_free 
_refine_ls_shell.R_factor_R_free 
'X-RAY DIFFRACTION' 2.58 2.95  . . 113 1041 67.00 . . . . 0.3193 . . . . . . . . . . . 0.3947 
'X-RAY DIFFRACTION' 2.95 3.72  . . 167 1492 97.00 . . . . 0.2341 . . . . . . . . . . . 0.3235 
'X-RAY DIFFRACTION' 3.72 36.55 . . 181 1615 98.00 . . . . 0.1648 . . . . . . . . . . . 0.2140 
# 
_struct.entry_id                     8XZK 
_struct.title                        'Crystal structure of folE riboswitch' 
_struct.pdbx_model_details           ? 
_struct.pdbx_formula_weight          ? 
_struct.pdbx_formula_weight_method   ? 
_struct.pdbx_model_type_details      ? 
_struct.pdbx_CASP_flag               N 
# 
_struct_keywords.entry_id        8XZK 
_struct_keywords.text            'riboswitch, RNA' 
_struct_keywords.pdbx_keywords   RNA 
# 
loop_
_struct_asym.id 
_struct_asym.pdbx_blank_PDB_chainid_flag 
_struct_asym.pdbx_modified 
_struct_asym.entity_id 
_struct_asym.details 
A N N 1 ? 
B N N 2 ? 
# 
_struct_ref.id                         1 
_struct_ref.db_name                    PDB 
_struct_ref.db_code                    8XZK 
_struct_ref.pdbx_db_accession          8XZK 
_struct_ref.pdbx_db_isoform            ? 
_struct_ref.entity_id                  1 
_struct_ref.pdbx_seq_one_letter_code   ? 
_struct_ref.pdbx_align_begin           1 
# 
_struct_ref_seq.align_id                      1 
_struct_ref_seq.ref_id                        1 
_struct_ref_seq.pdbx_PDB_id_code              8XZK 
_struct_ref_seq.pdbx_strand_id                A 
_struct_ref_seq.seq_align_beg                 1 
_struct_ref_seq.pdbx_seq_align_beg_ins_code   ? 
_struct_ref_seq.seq_align_end                 53 
_struct_ref_seq.pdbx_seq_align_end_ins_code   ? 
_struct_ref_seq.pdbx_db_accession             8XZK 
_struct_ref_seq.db_align_beg                  1 
_struct_ref_seq.pdbx_db_align_beg_ins_code    ? 
_struct_ref_seq.db_align_end                  53 
_struct_ref_seq.pdbx_db_align_end_ins_code    ? 
_struct_ref_seq.pdbx_auth_seq_align_beg       1 
_struct_ref_seq.pdbx_auth_seq_align_end       53 
# 
_pdbx_struct_assembly.id                   1 
_pdbx_struct_assembly.details              author_defined_assembly 
_pdbx_struct_assembly.method_details       ? 
_pdbx_struct_assembly.oligomeric_details   monomeric 
_pdbx_struct_assembly.oligomeric_count     1 
# 
_pdbx_struct_assembly_gen.assembly_id       1 
_pdbx_struct_assembly_gen.oper_expression   1 
_pdbx_struct_assembly_gen.asym_id_list      A,B 
# 
_pdbx_struct_assembly_auth_evidence.id                     1 
_pdbx_struct_assembly_auth_evidence.assembly_id            1 
_pdbx_struct_assembly_auth_evidence.experimental_support   none 
_pdbx_struct_assembly_auth_evidence.details                ? 
# 
_pdbx_struct_oper_list.id                   1 
_pdbx_struct_oper_list.type                 'identity operation' 
_pdbx_struct_oper_list.name                 1_555 
_pdbx_struct_oper_list.symmetry_operation   x,y,z 
_pdbx_struct_oper_list.matrix[1][1]         1.0000000000 
_pdbx_struct_oper_list.matrix[1][2]         0.0000000000 
_pdbx_struct_oper_list.matrix[1][3]         0.0000000000 
_pdbx_struct_oper_list.vector[1]            0.0000000000 
_pdbx_struct_oper_list.matrix[2][1]         0.0000000000 
_pdbx_struct_oper_list.matrix[2][2]         1.0000000000 
_pdbx_struct_oper_list.matrix[2][3]         0.0000000000 
_pdbx_struct_oper_list.vector[2]            0.0000000000 
_pdbx_struct_oper_list.matrix[3][1]         0.0000000000 
_pdbx_struct_oper_list.matrix[3][2]         0.0000000000 
_pdbx_struct_oper_list.matrix[3][3]         1.0000000000 
_pdbx_struct_oper_list.vector[3]            0.0000000000 
# 
loop_
_struct_conn.id 
_struct_conn.conn_type_id 
_struct_conn.pdbx_leaving_atom_flag 
_struct_conn.pdbx_PDB_id 
_struct_conn.ptnr1_label_asym_id 
_struct_conn.ptnr1_label_comp_id 
_struct_conn.ptnr1_label_seq_id 
_struct_conn.ptnr1_label_atom_id 
_struct_conn.pdbx_ptnr1_label_alt_id 
_struct_conn.pdbx_ptnr1_PDB_ins_code 
_struct_conn.pdbx_ptnr1_standard_comp_id 
_struct_conn.ptnr1_symmetry 
_struct_conn.ptnr2_label_asym_id 
_struct_conn.ptnr2_label_comp_id 
_struct_conn.ptnr2_label_seq_id 
_struct_conn.ptnr2_label_atom_id 
_struct_conn.pdbx_ptnr2_label_alt_id 
_struct_conn.pdbx_ptnr2_PDB_ins_code 
_struct_conn.ptnr1_auth_asym_id 
_struct_conn.ptnr1_auth_comp_id 
_struct_conn.ptnr1_auth_seq_id 
_struct_conn.ptnr2_auth_asym_id 
_struct_conn.ptnr2_auth_comp_id 
_struct_conn.ptnr2_auth_seq_id 
_struct_conn.ptnr2_symmetry 
_struct_conn.pdbx_ptnr3_label_atom_id 
_struct_conn.pdbx_ptnr3_label_seq_id 
_struct_conn.pdbx_ptnr3_label_comp_id 
_struct_conn.pdbx_ptnr3_label_asym_id 
_struct_conn.pdbx_ptnr3_label_alt_id 
_struct_conn.pdbx_ptnr3_PDB_ins_code 
_struct_conn.details 
_struct_conn.pdbx_dist_value 
_struct_conn.pdbx_value_order 
_struct_conn.pdbx_role 
covale1  covale both ? A GDP 1  "O3'" ? ? ? 1_555 A G 2  P  ? ? A GDP 1  A G 2  1_555 ? ? ? ? ? ? ?               1.563 ? ? 
hydrog1  hydrog ?    ? A GDP 1  N2    ? ? ? 1_555 A U 53 O2 ? ? A GDP 1  A U 53 1_555 ? ? ? ? ? ? 'GDP-U MISPAIR' ?     ? ? 
hydrog2  hydrog ?    ? A G   2  N1    ? ? ? 1_555 A C 52 N3 ? ? A G   2  A C 52 1_555 ? ? ? ? ? ? WATSON-CRICK    ?     ? ? 
hydrog3  hydrog ?    ? A G   2  N2    ? ? ? 1_555 A C 52 O2 ? ? A G   2  A C 52 1_555 ? ? ? ? ? ? WATSON-CRICK    ?     ? ? 
hydrog4  hydrog ?    ? A G   2  O6    ? ? ? 1_555 A C 52 N4 ? ? A G   2  A C 52 1_555 ? ? ? ? ? ? WATSON-CRICK    ?     ? ? 
hydrog5  hydrog ?    ? A G   3  N1    ? ? ? 1_555 A C 51 N3 ? ? A G   3  A C 51 1_555 ? ? ? ? ? ? WATSON-CRICK    ?     ? ? 
hydrog6  hydrog ?    ? A G   3  N2    ? ? ? 1_555 A C 51 O2 ? ? A G   3  A C 51 1_555 ? ? ? ? ? ? WATSON-CRICK    ?     ? ? 
hydrog7  hydrog ?    ? A G   3  O6    ? ? ? 1_555 A C 51 N4 ? ? A G   3  A C 51 1_555 ? ? ? ? ? ? WATSON-CRICK    ?     ? ? 
hydrog8  hydrog ?    ? A U   4  N3    ? ? ? 1_555 A G 50 O6 ? ? A U   4  A G 50 1_555 ? ? ? ? ? ? TYPE_28_PAIR    ?     ? ? 
hydrog9  hydrog ?    ? A U   4  O2    ? ? ? 1_555 A G 50 N1 ? ? A U   4  A G 50 1_555 ? ? ? ? ? ? TYPE_28_PAIR    ?     ? ? 
hydrog10 hydrog ?    ? A G   5  N1    ? ? ? 1_555 A C 49 N3 ? ? A G   5  A C 49 1_555 ? ? ? ? ? ? WATSON-CRICK    ?     ? ? 
hydrog11 hydrog ?    ? A G   5  N2    ? ? ? 1_555 A C 49 O2 ? ? A G   5  A C 49 1_555 ? ? ? ? ? ? WATSON-CRICK    ?     ? ? 
hydrog12 hydrog ?    ? A G   5  O6    ? ? ? 1_555 A C 49 N4 ? ? A G   5  A C 49 1_555 ? ? ? ? ? ? WATSON-CRICK    ?     ? ? 
hydrog13 hydrog ?    ? A U   6  N3    ? ? ? 1_555 A G 48 O6 ? ? A U   6  A G 48 1_555 ? ? ? ? ? ? TYPE_28_PAIR    ?     ? ? 
hydrog14 hydrog ?    ? A U   6  O2    ? ? ? 1_555 A G 48 N1 ? ? A U   6  A G 48 1_555 ? ? ? ? ? ? TYPE_28_PAIR    ?     ? ? 
hydrog15 hydrog ?    ? A G   7  N2    ? ? ? 1_555 A A 47 N7 ? ? A G   7  A A 47 1_555 ? ? ? ? ? ? TYPE_11_PAIR    ?     ? ? 
hydrog16 hydrog ?    ? A G   7  N3    ? ? ? 1_555 A A 47 N6 ? ? A G   7  A A 47 1_555 ? ? ? ? ? ? TYPE_11_PAIR    ?     ? ? 
hydrog17 hydrog ?    ? A A   9  N6    ? ? ? 1_555 A G 46 N3 ? ? A A   9  A G 46 1_555 ? ? ? ? ? ? TYPE_11_PAIR    ?     ? ? 
hydrog18 hydrog ?    ? A A   9  N7    ? ? ? 1_555 A G 46 N2 ? ? A A   9  A G 46 1_555 ? ? ? ? ? ? TYPE_11_PAIR    ?     ? ? 
hydrog19 hydrog ?    ? A C   10 N3    ? ? ? 1_555 A G 45 N1 ? ? A C   10 A G 45 1_555 ? ? ? ? ? ? WATSON-CRICK    ?     ? ? 
hydrog20 hydrog ?    ? A C   10 N4    ? ? ? 1_555 A G 45 O6 ? ? A C   10 A G 45 1_555 ? ? ? ? ? ? WATSON-CRICK    ?     ? ? 
hydrog21 hydrog ?    ? A C   10 O2    ? ? ? 1_555 A G 45 N2 ? ? A C   10 A G 45 1_555 ? ? ? ? ? ? WATSON-CRICK    ?     ? ? 
hydrog22 hydrog ?    ? A C   11 N3    ? ? ? 1_555 A G 44 N1 ? ? A C   11 A G 44 1_555 ? ? ? ? ? ? WATSON-CRICK    ?     ? ? 
hydrog23 hydrog ?    ? A C   11 N4    ? ? ? 1_555 A G 44 O6 ? ? A C   11 A G 44 1_555 ? ? ? ? ? ? WATSON-CRICK    ?     ? ? 
hydrog24 hydrog ?    ? A C   11 O2    ? ? ? 1_555 A G 44 N2 ? ? A C   11 A G 44 1_555 ? ? ? ? ? ? WATSON-CRICK    ?     ? ? 
hydrog25 hydrog ?    ? A G   12 N1    ? ? ? 1_555 A C 43 N3 ? ? A G   12 A C 43 1_555 ? ? ? ? ? ? WATSON-CRICK    ?     ? ? 
hydrog26 hydrog ?    ? A G   12 N2    ? ? ? 1_555 A C 43 O2 ? ? A G   12 A C 43 1_555 ? ? ? ? ? ? WATSON-CRICK    ?     ? ? 
hydrog27 hydrog ?    ? A G   12 O6    ? ? ? 1_555 A C 43 N4 ? ? A G   12 A C 43 1_555 ? ? ? ? ? ? WATSON-CRICK    ?     ? ? 
hydrog28 hydrog ?    ? A U   13 O2    ? ? ? 1_555 A A 16 N6 ? ? A U   13 A A 16 1_555 ? ? ? ? ? ? 'U-A PAIR'      ?     ? ? 
hydrog29 hydrog ?    ? A U   13 N3    ? ? ? 1_555 A A 42 N1 ? ? A U   13 A A 42 1_555 ? ? ? ? ? ? WATSON-CRICK    ?     ? ? 
hydrog30 hydrog ?    ? A U   13 O4    ? ? ? 1_555 A A 42 N6 ? ? A U   13 A A 42 1_555 ? ? ? ? ? ? WATSON-CRICK    ?     ? ? 
hydrog31 hydrog ?    ? A U   14 N3    ? ? ? 1_555 A A 17 N7 ? ? A U   14 A A 17 1_555 ? ? ? ? ? ? HOOGSTEEN       ?     ? ? 
hydrog32 hydrog ?    ? A U   14 O4    ? ? ? 1_555 A A 17 N6 ? ? A U   14 A A 17 1_555 ? ? ? ? ? ? HOOGSTEEN       ?     ? ? 
hydrog33 hydrog ?    ? A A   16 N6    ? ? ? 1_555 A C 43 O2 ? ? A A   16 A C 43 1_555 ? ? ? ? ? ? 'A-C MISPAIR'   ?     ? ? 
hydrog34 hydrog ?    ? A A   17 N6    ? ? ? 1_555 A A 42 N3 ? ? A A   17 A A 42 1_555 ? ? ? ? ? ? 'A-A MISPAIR'   ?     ? ? 
hydrog35 hydrog ?    ? A G   21 N1    ? ? ? 1_555 A C 40 N3 ? ? A G   21 A C 40 1_555 ? ? ? ? ? ? WATSON-CRICK    ?     ? ? 
hydrog36 hydrog ?    ? A G   21 N2    ? ? ? 1_555 A C 40 O2 ? ? A G   21 A C 40 1_555 ? ? ? ? ? ? WATSON-CRICK    ?     ? ? 
hydrog37 hydrog ?    ? A G   21 O6    ? ? ? 1_555 A C 40 N4 ? ? A G   21 A C 40 1_555 ? ? ? ? ? ? WATSON-CRICK    ?     ? ? 
hydrog38 hydrog ?    ? A U   22 N3    ? ? ? 1_555 A A 39 N1 ? ? A U   22 A A 39 1_555 ? ? ? ? ? ? WATSON-CRICK    ?     ? ? 
hydrog39 hydrog ?    ? A U   22 O4    ? ? ? 1_555 A A 39 N6 ? ? A U   22 A A 39 1_555 ? ? ? ? ? ? WATSON-CRICK    ?     ? ? 
hydrog40 hydrog ?    ? A C   23 N3    ? ? ? 1_555 A G 38 N1 ? ? A C   23 A G 38 1_555 ? ? ? ? ? ? WATSON-CRICK    ?     ? ? 
hydrog41 hydrog ?    ? A C   23 N4    ? ? ? 1_555 A G 38 O6 ? ? A C   23 A G 38 1_555 ? ? ? ? ? ? WATSON-CRICK    ?     ? ? 
hydrog42 hydrog ?    ? A C   23 O2    ? ? ? 1_555 A G 38 N2 ? ? A C   23 A G 38 1_555 ? ? ? ? ? ? WATSON-CRICK    ?     ? ? 
hydrog43 hydrog ?    ? A C   24 N3    ? ? ? 1_555 A G 37 N1 ? ? A C   24 A G 37 1_555 ? ? ? ? ? ? WATSON-CRICK    ?     ? ? 
hydrog44 hydrog ?    ? A C   24 N4    ? ? ? 1_555 A G 37 O6 ? ? A C   24 A G 37 1_555 ? ? ? ? ? ? WATSON-CRICK    ?     ? ? 
hydrog45 hydrog ?    ? A C   24 O2    ? ? ? 1_555 A G 37 N2 ? ? A C   24 A G 37 1_555 ? ? ? ? ? ? WATSON-CRICK    ?     ? ? 
hydrog46 hydrog ?    ? A C   25 N3    ? ? ? 1_555 A G 36 N1 ? ? A C   25 A G 36 1_555 ? ? ? ? ? ? WATSON-CRICK    ?     ? ? 
hydrog47 hydrog ?    ? A C   25 N4    ? ? ? 1_555 A G 36 O6 ? ? A C   25 A G 36 1_555 ? ? ? ? ? ? WATSON-CRICK    ?     ? ? 
hydrog48 hydrog ?    ? A C   25 O2    ? ? ? 1_555 A G 36 N2 ? ? A C   25 A G 36 1_555 ? ? ? ? ? ? WATSON-CRICK    ?     ? ? 
hydrog49 hydrog ?    ? A A   26 N1    ? ? ? 1_555 A U 35 N3 ? ? A A   26 A U 35 1_555 ? ? ? ? ? ? WATSON-CRICK    ?     ? ? 
hydrog50 hydrog ?    ? A A   26 N6    ? ? ? 1_555 A U 35 O4 ? ? A A   26 A U 35 1_555 ? ? ? ? ? ? WATSON-CRICK    ?     ? ? 
hydrog51 hydrog ?    ? A G   27 N1    ? ? ? 1_555 A C 34 N3 ? ? A G   27 A C 34 1_555 ? ? ? ? ? ? WATSON-CRICK    ?     ? ? 
hydrog52 hydrog ?    ? A G   27 N2    ? ? ? 1_555 A C 34 O2 ? ? A G   27 A C 34 1_555 ? ? ? ? ? ? WATSON-CRICK    ?     ? ? 
hydrog53 hydrog ?    ? A G   27 O6    ? ? ? 1_555 A C 34 N4 ? ? A G   27 A C 34 1_555 ? ? ? ? ? ? WATSON-CRICK    ?     ? ? 
hydrog54 hydrog ?    ? A C   28 N3    ? ? ? 1_555 A G 32 N1 ? ? A C   28 A G 32 1_555 ? ? ? ? ? ? WATSON-CRICK    ?     ? ? 
hydrog55 hydrog ?    ? A C   28 N4    ? ? ? 1_555 A G 32 O6 ? ? A C   28 A G 32 1_555 ? ? ? ? ? ? WATSON-CRICK    ?     ? ? 
hydrog56 hydrog ?    ? A C   28 O2    ? ? ? 1_555 A G 32 N2 ? ? A C   28 A G 32 1_555 ? ? ? ? ? ? WATSON-CRICK    ?     ? ? 
# 
loop_
_struct_conn_type.id 
_struct_conn_type.criteria 
_struct_conn_type.reference 
covale ? ? 
hydrog ? ? 
# 
loop_
_pdbx_validate_close_contact.id 
_pdbx_validate_close_contact.PDB_model_num 
_pdbx_validate_close_contact.auth_atom_id_1 
_pdbx_validate_close_contact.auth_asym_id_1 
_pdbx_validate_close_contact.auth_comp_id_1 
_pdbx_validate_close_contact.auth_seq_id_1 
_pdbx_validate_close_contact.PDB_ins_code_1 
_pdbx_validate_close_contact.label_alt_id_1 
_pdbx_validate_close_contact.auth_atom_id_2 
_pdbx_validate_close_contact.auth_asym_id_2 
_pdbx_validate_close_contact.auth_comp_id_2 
_pdbx_validate_close_contact.auth_seq_id_2 
_pdbx_validate_close_contact.PDB_ins_code_2 
_pdbx_validate_close_contact.label_alt_id_2 
_pdbx_validate_close_contact.dist 
1 1 "O2'" A C 28 ? ? OP2 A U   30  ? ? 2.15 
2 1 O6    A G 3  ? ? O   A HOH 101 ? ? 2.15 
# 
_pdbx_validate_rmsd_angle.id                         1 
_pdbx_validate_rmsd_angle.PDB_model_num              1 
_pdbx_validate_rmsd_angle.auth_atom_id_1             "C3'" 
_pdbx_validate_rmsd_angle.auth_asym_id_1             A 
_pdbx_validate_rmsd_angle.auth_comp_id_1             GDP 
_pdbx_validate_rmsd_angle.auth_seq_id_1              1 
_pdbx_validate_rmsd_angle.PDB_ins_code_1             ? 
_pdbx_validate_rmsd_angle.label_alt_id_1             ? 
_pdbx_validate_rmsd_angle.auth_atom_id_2             "O3'" 
_pdbx_validate_rmsd_angle.auth_asym_id_2             A 
_pdbx_validate_rmsd_angle.auth_comp_id_2             GDP 
_pdbx_validate_rmsd_angle.auth_seq_id_2              1 
_pdbx_validate_rmsd_angle.PDB_ins_code_2             ? 
_pdbx_validate_rmsd_angle.label_alt_id_2             ? 
_pdbx_validate_rmsd_angle.auth_atom_id_3             P 
_pdbx_validate_rmsd_angle.auth_asym_id_3             A 
_pdbx_validate_rmsd_angle.auth_comp_id_3             G 
_pdbx_validate_rmsd_angle.auth_seq_id_3              2 
_pdbx_validate_rmsd_angle.PDB_ins_code_3             ? 
_pdbx_validate_rmsd_angle.label_alt_id_3             ? 
_pdbx_validate_rmsd_angle.angle_value                109.36 
_pdbx_validate_rmsd_angle.angle_target_value         119.70 
_pdbx_validate_rmsd_angle.angle_deviation            -10.34 
_pdbx_validate_rmsd_angle.angle_standard_deviation   1.20 
_pdbx_validate_rmsd_angle.linker_flag                Y 
# 
_pdbx_entry_details.entry_id                   8XZK 
_pdbx_entry_details.nonpolymer_details         ? 
_pdbx_entry_details.sequence_details           ? 
_pdbx_entry_details.compound_details           ? 
_pdbx_entry_details.source_details             ? 
_pdbx_entry_details.has_ligand_of_interest     N 
_pdbx_entry_details.has_protein_modification   ? 
# 
loop_
_chem_comp_atom.comp_id 
_chem_comp_atom.atom_id 
_chem_comp_atom.type_symbol 
_chem_comp_atom.pdbx_aromatic_flag 
_chem_comp_atom.pdbx_stereo_config 
_chem_comp_atom.pdbx_ordinal 
A   OP3    O N N 1   
A   P      P N N 2   
A   OP1    O N N 3   
A   OP2    O N N 4   
A   "O5'"  O N N 5   
A   "C5'"  C N N 6   
A   "C4'"  C N R 7   
A   "O4'"  O N N 8   
A   "C3'"  C N S 9   
A   "O3'"  O N N 10  
A   "C2'"  C N R 11  
A   "O2'"  O N N 12  
A   "C1'"  C N R 13  
A   N9     N Y N 14  
A   C8     C Y N 15  
A   N7     N Y N 16  
A   C5     C Y N 17  
A   C6     C Y N 18  
A   N6     N N N 19  
A   N1     N Y N 20  
A   C2     C Y N 21  
A   N3     N Y N 22  
A   C4     C Y N 23  
A   HOP3   H N N 24  
A   HOP2   H N N 25  
A   "H5'"  H N N 26  
A   "H5''" H N N 27  
A   "H4'"  H N N 28  
A   "H3'"  H N N 29  
A   "HO3'" H N N 30  
A   "H2'"  H N N 31  
A   "HO2'" H N N 32  
A   "H1'"  H N N 33  
A   H8     H N N 34  
A   H61    H N N 35  
A   H62    H N N 36  
A   H2     H N N 37  
C   OP3    O N N 38  
C   P      P N N 39  
C   OP1    O N N 40  
C   OP2    O N N 41  
C   "O5'"  O N N 42  
C   "C5'"  C N N 43  
C   "C4'"  C N R 44  
C   "O4'"  O N N 45  
C   "C3'"  C N S 46  
C   "O3'"  O N N 47  
C   "C2'"  C N R 48  
C   "O2'"  O N N 49  
C   "C1'"  C N R 50  
C   N1     N N N 51  
C   C2     C N N 52  
C   O2     O N N 53  
C   N3     N N N 54  
C   C4     C N N 55  
C   N4     N N N 56  
C   C5     C N N 57  
C   C6     C N N 58  
C   HOP3   H N N 59  
C   HOP2   H N N 60  
C   "H5'"  H N N 61  
C   "H5''" H N N 62  
C   "H4'"  H N N 63  
C   "H3'"  H N N 64  
C   "HO3'" H N N 65  
C   "H2'"  H N N 66  
C   "HO2'" H N N 67  
C   "H1'"  H N N 68  
C   H41    H N N 69  
C   H42    H N N 70  
C   H5     H N N 71  
C   H6     H N N 72  
G   OP3    O N N 73  
G   P      P N N 74  
G   OP1    O N N 75  
G   OP2    O N N 76  
G   "O5'"  O N N 77  
G   "C5'"  C N N 78  
G   "C4'"  C N R 79  
G   "O4'"  O N N 80  
G   "C3'"  C N S 81  
G   "O3'"  O N N 82  
G   "C2'"  C N R 83  
G   "O2'"  O N N 84  
G   "C1'"  C N R 85  
G   N9     N Y N 86  
G   C8     C Y N 87  
G   N7     N Y N 88  
G   C5     C Y N 89  
G   C6     C N N 90  
G   O6     O N N 91  
G   N1     N N N 92  
G   C2     C N N 93  
G   N2     N N N 94  
G   N3     N N N 95  
G   C4     C Y N 96  
G   HOP3   H N N 97  
G   HOP2   H N N 98  
G   "H5'"  H N N 99  
G   "H5''" H N N 100 
G   "H4'"  H N N 101 
G   "H3'"  H N N 102 
G   "HO3'" H N N 103 
G   "H2'"  H N N 104 
G   "HO2'" H N N 105 
G   "H1'"  H N N 106 
G   H8     H N N 107 
G   H1     H N N 108 
G   H21    H N N 109 
G   H22    H N N 110 
GDP PB     P N N 111 
GDP O1B    O N N 112 
GDP O2B    O N N 113 
GDP O3B    O N N 114 
GDP O3A    O N N 115 
GDP PA     P N N 116 
GDP O1A    O N N 117 
GDP O2A    O N N 118 
GDP "O5'"  O N N 119 
GDP "C5'"  C N N 120 
GDP "C4'"  C N R 121 
GDP "O4'"  O N N 122 
GDP "C3'"  C N S 123 
GDP "O3'"  O N N 124 
GDP "C2'"  C N R 125 
GDP "O2'"  O N N 126 
GDP "C1'"  C N R 127 
GDP N9     N Y N 128 
GDP C8     C Y N 129 
GDP N7     N Y N 130 
GDP C5     C Y N 131 
GDP C6     C N N 132 
GDP O6     O N N 133 
GDP N1     N N N 134 
GDP C2     C N N 135 
GDP N2     N N N 136 
GDP N3     N N N 137 
GDP C4     C Y N 138 
GDP HOB2   H N N 139 
GDP HOB3   H N N 140 
GDP HOA2   H N N 141 
GDP "H5'"  H N N 142 
GDP "H5''" H N N 143 
GDP "H4'"  H N N 144 
GDP "H3'"  H N N 145 
GDP "HO3'" H N N 146 
GDP "H2'"  H N N 147 
GDP "HO2'" H N N 148 
GDP "H1'"  H N N 149 
GDP H8     H N N 150 
GDP HN1    H N N 151 
GDP HN21   H N N 152 
GDP HN22   H N N 153 
HOH O      O N N 154 
HOH H1     H N N 155 
HOH H2     H N N 156 
U   OP3    O N N 157 
U   P      P N N 158 
U   OP1    O N N 159 
U   OP2    O N N 160 
U   "O5'"  O N N 161 
U   "C5'"  C N N 162 
U   "C4'"  C N R 163 
U   "O4'"  O N N 164 
U   "C3'"  C N S 165 
U   "O3'"  O N N 166 
U   "C2'"  C N R 167 
U   "O2'"  O N N 168 
U   "C1'"  C N R 169 
U   N1     N N N 170 
U   C2     C N N 171 
U   O2     O N N 172 
U   N3     N N N 173 
U   C4     C N N 174 
U   O4     O N N 175 
U   C5     C N N 176 
U   C6     C N N 177 
U   HOP3   H N N 178 
U   HOP2   H N N 179 
U   "H5'"  H N N 180 
U   "H5''" H N N 181 
U   "H4'"  H N N 182 
U   "H3'"  H N N 183 
U   "HO3'" H N N 184 
U   "H2'"  H N N 185 
U   "HO2'" H N N 186 
U   "H1'"  H N N 187 
U   H3     H N N 188 
U   H5     H N N 189 
U   H6     H N N 190 
# 
loop_
_chem_comp_bond.comp_id 
_chem_comp_bond.atom_id_1 
_chem_comp_bond.atom_id_2 
_chem_comp_bond.value_order 
_chem_comp_bond.pdbx_aromatic_flag 
_chem_comp_bond.pdbx_stereo_config 
_chem_comp_bond.pdbx_ordinal 
A   OP3   P      sing N N 1   
A   OP3   HOP3   sing N N 2   
A   P     OP1    doub N N 3   
A   P     OP2    sing N N 4   
A   P     "O5'"  sing N N 5   
A   OP2   HOP2   sing N N 6   
A   "O5'" "C5'"  sing N N 7   
A   "C5'" "C4'"  sing N N 8   
A   "C5'" "H5'"  sing N N 9   
A   "C5'" "H5''" sing N N 10  
A   "C4'" "O4'"  sing N N 11  
A   "C4'" "C3'"  sing N N 12  
A   "C4'" "H4'"  sing N N 13  
A   "O4'" "C1'"  sing N N 14  
A   "C3'" "O3'"  sing N N 15  
A   "C3'" "C2'"  sing N N 16  
A   "C3'" "H3'"  sing N N 17  
A   "O3'" "HO3'" sing N N 18  
A   "C2'" "O2'"  sing N N 19  
A   "C2'" "C1'"  sing N N 20  
A   "C2'" "H2'"  sing N N 21  
A   "O2'" "HO2'" sing N N 22  
A   "C1'" N9     sing N N 23  
A   "C1'" "H1'"  sing N N 24  
A   N9    C8     sing Y N 25  
A   N9    C4     sing Y N 26  
A   C8    N7     doub Y N 27  
A   C8    H8     sing N N 28  
A   N7    C5     sing Y N 29  
A   C5    C6     sing Y N 30  
A   C5    C4     doub Y N 31  
A   C6    N6     sing N N 32  
A   C6    N1     doub Y N 33  
A   N6    H61    sing N N 34  
A   N6    H62    sing N N 35  
A   N1    C2     sing Y N 36  
A   C2    N3     doub Y N 37  
A   C2    H2     sing N N 38  
A   N3    C4     sing Y N 39  
C   OP3   P      sing N N 40  
C   OP3   HOP3   sing N N 41  
C   P     OP1    doub N N 42  
C   P     OP2    sing N N 43  
C   P     "O5'"  sing N N 44  
C   OP2   HOP2   sing N N 45  
C   "O5'" "C5'"  sing N N 46  
C   "C5'" "C4'"  sing N N 47  
C   "C5'" "H5'"  sing N N 48  
C   "C5'" "H5''" sing N N 49  
C   "C4'" "O4'"  sing N N 50  
C   "C4'" "C3'"  sing N N 51  
C   "C4'" "H4'"  sing N N 52  
C   "O4'" "C1'"  sing N N 53  
C   "C3'" "O3'"  sing N N 54  
C   "C3'" "C2'"  sing N N 55  
C   "C3'" "H3'"  sing N N 56  
C   "O3'" "HO3'" sing N N 57  
C   "C2'" "O2'"  sing N N 58  
C   "C2'" "C1'"  sing N N 59  
C   "C2'" "H2'"  sing N N 60  
C   "O2'" "HO2'" sing N N 61  
C   "C1'" N1     sing N N 62  
C   "C1'" "H1'"  sing N N 63  
C   N1    C2     sing N N 64  
C   N1    C6     sing N N 65  
C   C2    O2     doub N N 66  
C   C2    N3     sing N N 67  
C   N3    C4     doub N N 68  
C   C4    N4     sing N N 69  
C   C4    C5     sing N N 70  
C   N4    H41    sing N N 71  
C   N4    H42    sing N N 72  
C   C5    C6     doub N N 73  
C   C5    H5     sing N N 74  
C   C6    H6     sing N N 75  
G   OP3   P      sing N N 76  
G   OP3   HOP3   sing N N 77  
G   P     OP1    doub N N 78  
G   P     OP2    sing N N 79  
G   P     "O5'"  sing N N 80  
G   OP2   HOP2   sing N N 81  
G   "O5'" "C5'"  sing N N 82  
G   "C5'" "C4'"  sing N N 83  
G   "C5'" "H5'"  sing N N 84  
G   "C5'" "H5''" sing N N 85  
G   "C4'" "O4'"  sing N N 86  
G   "C4'" "C3'"  sing N N 87  
G   "C4'" "H4'"  sing N N 88  
G   "O4'" "C1'"  sing N N 89  
G   "C3'" "O3'"  sing N N 90  
G   "C3'" "C2'"  sing N N 91  
G   "C3'" "H3'"  sing N N 92  
G   "O3'" "HO3'" sing N N 93  
G   "C2'" "O2'"  sing N N 94  
G   "C2'" "C1'"  sing N N 95  
G   "C2'" "H2'"  sing N N 96  
G   "O2'" "HO2'" sing N N 97  
G   "C1'" N9     sing N N 98  
G   "C1'" "H1'"  sing N N 99  
G   N9    C8     sing Y N 100 
G   N9    C4     sing Y N 101 
G   C8    N7     doub Y N 102 
G   C8    H8     sing N N 103 
G   N7    C5     sing Y N 104 
G   C5    C6     sing N N 105 
G   C5    C4     doub Y N 106 
G   C6    O6     doub N N 107 
G   C6    N1     sing N N 108 
G   N1    C2     sing N N 109 
G   N1    H1     sing N N 110 
G   C2    N2     sing N N 111 
G   C2    N3     doub N N 112 
G   N2    H21    sing N N 113 
G   N2    H22    sing N N 114 
G   N3    C4     sing N N 115 
GDP PB    O1B    doub N N 116 
GDP PB    O2B    sing N N 117 
GDP PB    O3B    sing N N 118 
GDP PB    O3A    sing N N 119 
GDP O2B   HOB2   sing N N 120 
GDP O3B   HOB3   sing N N 121 
GDP O3A   PA     sing N N 122 
GDP PA    O1A    doub N N 123 
GDP PA    O2A    sing N N 124 
GDP PA    "O5'"  sing N N 125 
GDP O2A   HOA2   sing N N 126 
GDP "O5'" "C5'"  sing N N 127 
GDP "C5'" "C4'"  sing N N 128 
GDP "C5'" "H5'"  sing N N 129 
GDP "C5'" "H5''" sing N N 130 
GDP "C4'" "O4'"  sing N N 131 
GDP "C4'" "C3'"  sing N N 132 
GDP "C4'" "H4'"  sing N N 133 
GDP "O4'" "C1'"  sing N N 134 
GDP "C3'" "O3'"  sing N N 135 
GDP "C3'" "C2'"  sing N N 136 
GDP "C3'" "H3'"  sing N N 137 
GDP "O3'" "HO3'" sing N N 138 
GDP "C2'" "O2'"  sing N N 139 
GDP "C2'" "C1'"  sing N N 140 
GDP "C2'" "H2'"  sing N N 141 
GDP "O2'" "HO2'" sing N N 142 
GDP "C1'" N9     sing N N 143 
GDP "C1'" "H1'"  sing N N 144 
GDP N9    C8     sing Y N 145 
GDP N9    C4     sing Y N 146 
GDP C8    N7     doub Y N 147 
GDP C8    H8     sing N N 148 
GDP N7    C5     sing Y N 149 
GDP C5    C6     sing N N 150 
GDP C5    C4     doub Y N 151 
GDP C6    O6     doub N N 152 
GDP C6    N1     sing N N 153 
GDP N1    C2     sing N N 154 
GDP N1    HN1    sing N N 155 
GDP C2    N2     sing N N 156 
GDP C2    N3     doub N N 157 
GDP N2    HN21   sing N N 158 
GDP N2    HN22   sing N N 159 
GDP N3    C4     sing N N 160 
HOH O     H1     sing N N 161 
HOH O     H2     sing N N 162 
U   OP3   P      sing N N 163 
U   OP3   HOP3   sing N N 164 
U   P     OP1    doub N N 165 
U   P     OP2    sing N N 166 
U   P     "O5'"  sing N N 167 
U   OP2   HOP2   sing N N 168 
U   "O5'" "C5'"  sing N N 169 
U   "C5'" "C4'"  sing N N 170 
U   "C5'" "H5'"  sing N N 171 
U   "C5'" "H5''" sing N N 172 
U   "C4'" "O4'"  sing N N 173 
U   "C4'" "C3'"  sing N N 174 
U   "C4'" "H4'"  sing N N 175 
U   "O4'" "C1'"  sing N N 176 
U   "C3'" "O3'"  sing N N 177 
U   "C3'" "C2'"  sing N N 178 
U   "C3'" "H3'"  sing N N 179 
U   "O3'" "HO3'" sing N N 180 
U   "C2'" "O2'"  sing N N 181 
U   "C2'" "C1'"  sing N N 182 
U   "C2'" "H2'"  sing N N 183 
U   "O2'" "HO2'" sing N N 184 
U   "C1'" N1     sing N N 185 
U   "C1'" "H1'"  sing N N 186 
U   N1    C2     sing N N 187 
U   N1    C6     sing N N 188 
U   C2    O2     doub N N 189 
U   C2    N3     sing N N 190 
U   N3    C4     sing N N 191 
U   N3    H3     sing N N 192 
U   C4    O4     doub N N 193 
U   C4    C5     sing N N 194 
U   C5    C6     doub N N 195 
U   C5    H5     sing N N 196 
U   C6    H6     sing N N 197 
# 
loop_
_ndb_struct_conf_na.entry_id 
_ndb_struct_conf_na.feature 
8XZK 'double helix'         
8XZK 'a-form double helix'  
8XZK 'hairpin loop'         
8XZK 'bulge loop'           
8XZK 'mismatched base pair' 
8XZK 'quadruple helix'      
# 
loop_
_ndb_struct_na_base_pair.model_number 
_ndb_struct_na_base_pair.i_label_asym_id 
_ndb_struct_na_base_pair.i_label_comp_id 
_ndb_struct_na_base_pair.i_label_seq_id 
_ndb_struct_na_base_pair.i_symmetry 
_ndb_struct_na_base_pair.j_label_asym_id 
_ndb_struct_na_base_pair.j_label_comp_id 
_ndb_struct_na_base_pair.j_label_seq_id 
_ndb_struct_na_base_pair.j_symmetry 
_ndb_struct_na_base_pair.shear 
_ndb_struct_na_base_pair.stretch 
_ndb_struct_na_base_pair.stagger 
_ndb_struct_na_base_pair.buckle 
_ndb_struct_na_base_pair.propeller 
_ndb_struct_na_base_pair.opening 
_ndb_struct_na_base_pair.pair_number 
_ndb_struct_na_base_pair.pair_name 
_ndb_struct_na_base_pair.i_auth_asym_id 
_ndb_struct_na_base_pair.i_auth_seq_id 
_ndb_struct_na_base_pair.i_PDB_ins_code 
_ndb_struct_na_base_pair.j_auth_asym_id 
_ndb_struct_na_base_pair.j_auth_seq_id 
_ndb_struct_na_base_pair.j_PDB_ins_code 
_ndb_struct_na_base_pair.hbond_type_28 
_ndb_struct_na_base_pair.hbond_type_12 
1 A GDP 1  1_555 A U 53 1_555 -0.581 0.507  -0.357 -9.672  8.199   -6.324  1  A_GDP1:U53_A A 1  ? A 53 ? ?  ?  
1 A G   2  1_555 A C 52 1_555 -0.246 -0.242 0.310  7.126   -6.303  0.209   2  A_G2:C52_A   A 2  ? A 52 ? 19 1  
1 A G   3  1_555 A C 51 1_555 0.110  -0.157 -0.308 -10.232 -12.471 -0.736  3  A_G3:C51_A   A 3  ? A 51 ? 19 1  
1 A U   4  1_555 A G 50 1_555 2.363  -0.615 0.321  -10.922 -5.863  -2.512  4  A_U4:G50_A   A 4  ? A 50 ? 28 1  
1 A G   5  1_555 A C 49 1_555 0.305  -0.101 -0.074 -7.341  -8.057  2.291   5  A_G5:C49_A   A 5  ? A 49 ? 19 1  
1 A U   6  1_555 A G 48 1_555 2.508  -0.788 -0.004 -2.111  3.154   -4.958  6  A_U6:G48_A   A 6  ? A 48 ? 28 1  
1 A G   7  1_555 A A 47 1_555 6.926  -4.818 0.313  16.199  0.421   -5.062  7  A_G7:A47_A   A 7  ? A 47 ? 11 10 
1 A A   9  1_555 A G 46 1_555 -6.911 -3.866 0.860  -17.292 -12.228 5.764   8  A_A9:G46_A   A 9  ? A 46 ? 11 9  
1 A C   10 1_555 A G 45 1_555 0.334  -0.169 0.028  -1.727  -3.910  2.793   9  A_C10:G45_A  A 10 ? A 45 ? 19 1  
1 A C   11 1_555 A G 44 1_555 0.277  -0.169 0.059  6.209   -16.768 0.747   10 A_C11:G44_A  A 11 ? A 44 ? 19 1  
1 A G   12 1_555 A C 43 1_555 -0.517 -0.355 0.428  -6.589  -17.489 -0.907  11 A_G12:C43_A  A 12 ? A 43 ? 19 1  
1 A U   13 1_555 A A 42 1_555 0.138  0.034  0.538  -12.095 -8.798  4.808   12 A_U13:A42_A  A 13 ? A 42 ? 20 1  
1 A G   21 1_555 A C 40 1_555 -0.345 -0.381 0.131  -0.132  -14.854 1.798   13 A_G21:C40_A  A 21 ? A 40 ? 19 1  
1 A U   22 1_555 A A 39 1_555 -0.079 -0.428 0.175  -1.543  -12.183 -2.590  14 A_U22:A39_A  A 22 ? A 39 ? 20 1  
1 A C   23 1_555 A G 38 1_555 -0.199 0.090  -0.061 5.547   -15.771 6.070   15 A_C23:G38_A  A 23 ? A 38 ? 19 1  
1 A C   24 1_555 A G 37 1_555 0.174  -0.381 0.037  2.447   -7.379  0.119   16 A_C24:G37_A  A 24 ? A 37 ? 19 1  
1 A C   25 1_555 A G 36 1_555 -0.126 -0.147 0.233  0.063   -6.077  1.282   17 A_C25:G36_A  A 25 ? A 36 ? 19 1  
1 A A   26 1_555 A U 35 1_555 -0.363 -0.184 0.021  2.675   -15.890 0.497   18 A_A26:U35_A  A 26 ? A 35 ? 20 1  
1 A G   27 1_555 A C 34 1_555 -0.512 -0.161 0.194  -8.341  -16.845 -0.420  19 A_G27:C34_A  A 27 ? A 34 ? 19 1  
1 A C   28 1_555 A G 32 1_555 -0.200 0.087  -0.035 0.862   1.456   2.599   20 A_C28:G32_A  A 28 ? A 32 ? 19 1  
1 A U   14 1_555 A A 17 1_555 -0.575 3.535  0.419  3.727   7.583   -70.416 21 A_U14:A17_A  A 14 ? A 17 ? 23 3  
# 
loop_
_ndb_struct_na_base_pair_step.model_number 
_ndb_struct_na_base_pair_step.i_label_asym_id_1 
_ndb_struct_na_base_pair_step.i_label_comp_id_1 
_ndb_struct_na_base_pair_step.i_label_seq_id_1 
_ndb_struct_na_base_pair_step.i_symmetry_1 
_ndb_struct_na_base_pair_step.j_label_asym_id_1 
_ndb_struct_na_base_pair_step.j_label_comp_id_1 
_ndb_struct_na_base_pair_step.j_label_seq_id_1 
_ndb_struct_na_base_pair_step.j_symmetry_1 
_ndb_struct_na_base_pair_step.i_label_asym_id_2 
_ndb_struct_na_base_pair_step.i_label_comp_id_2 
_ndb_struct_na_base_pair_step.i_label_seq_id_2 
_ndb_struct_na_base_pair_step.i_symmetry_2 
_ndb_struct_na_base_pair_step.j_label_asym_id_2 
_ndb_struct_na_base_pair_step.j_label_comp_id_2 
_ndb_struct_na_base_pair_step.j_label_seq_id_2 
_ndb_struct_na_base_pair_step.j_symmetry_2 
_ndb_struct_na_base_pair_step.shift 
_ndb_struct_na_base_pair_step.slide 
_ndb_struct_na_base_pair_step.rise 
_ndb_struct_na_base_pair_step.tilt 
_ndb_struct_na_base_pair_step.roll 
_ndb_struct_na_base_pair_step.twist 
_ndb_struct_na_base_pair_step.x_displacement 
_ndb_struct_na_base_pair_step.y_displacement 
_ndb_struct_na_base_pair_step.helical_rise 
_ndb_struct_na_base_pair_step.inclination 
_ndb_struct_na_base_pair_step.tip 
_ndb_struct_na_base_pair_step.helical_twist 
_ndb_struct_na_base_pair_step.step_number 
_ndb_struct_na_base_pair_step.step_name 
_ndb_struct_na_base_pair_step.i_auth_asym_id_1 
_ndb_struct_na_base_pair_step.i_auth_seq_id_1 
_ndb_struct_na_base_pair_step.i_PDB_ins_code_1 
_ndb_struct_na_base_pair_step.j_auth_asym_id_1 
_ndb_struct_na_base_pair_step.j_auth_seq_id_1 
_ndb_struct_na_base_pair_step.j_PDB_ins_code_1 
_ndb_struct_na_base_pair_step.i_auth_asym_id_2 
_ndb_struct_na_base_pair_step.i_auth_seq_id_2 
_ndb_struct_na_base_pair_step.i_PDB_ins_code_2 
_ndb_struct_na_base_pair_step.j_auth_asym_id_2 
_ndb_struct_na_base_pair_step.j_auth_seq_id_2 
_ndb_struct_na_base_pair_step.j_PDB_ins_code_2 
1 A GDP 1  1_555 A U 53 1_555 A G 2  1_555 A C 52 1_555 0.512  -1.602 2.841 -8.409 7.141  31.467 -3.745  -2.013 2.228 12.689 
14.942  33.299 1  AA_GDP1G2:C52U53_AA A 1  ? A 53 ? A 2  ? A 52 ? 
1 A G   2  1_555 A C 52 1_555 A G 3  1_555 A C 51 1_555 0.036  -1.845 3.604 3.636  10.052 34.976 -4.370  0.458  2.968 16.261 
-5.883  36.524 2  AA_G2G3:C51C52_AA   A 2  ? A 52 ? A 3  ? A 51 ? 
1 A G   3  1_555 A C 51 1_555 A U 4  1_555 A G 50 1_555 -0.137 -1.493 3.278 -3.002 2.002  41.921 -2.285  -0.118 3.208 2.793  4.187 
42.069 3  AA_G3U4:G50C51_AA   A 3  ? A 51 ? A 4  ? A 50 ? 
1 A U   4  1_555 A G 50 1_555 A G 5  1_555 A C 49 1_555 -0.082 -1.868 2.907 6.176  6.415  27.090 -5.002  1.328  2.337 13.247 
-12.755 28.490 4  AA_U4G5:C49G50_AA   A 4  ? A 50 ? A 5  ? A 49 ? 
1 A G   5  1_555 A C 49 1_555 A U 6  1_555 A G 48 1_555 -0.011 -1.276 3.080 2.844  9.102  36.407 -3.043  0.349  2.686 14.269 
-4.459  37.594 5  AA_G5U6:G48C49_AA   A 5  ? A 49 ? A 6  ? A 48 ? 
1 A U   6  1_555 A G 48 1_555 A G 7  1_555 A A 47 1_555 -0.108 -1.089 2.919 4.137  4.690  55.898 -1.390  0.320  2.813 4.986  
-4.398  56.219 6  AA_U6G7:A47G48_AA   A 6  ? A 48 ? A 7  ? A 47 ? 
1 A G   7  1_555 A A 47 1_555 A A 9  1_555 A G 46 1_555 -2.076 -0.142 5.788 8.707  13.797 4.250  -13.992 15.609 0.276 63.845 
-40.294 16.855 7  AA_G7A9:G46A47_AA   A 7  ? A 47 ? A 9  ? A 46 ? 
1 A A   9  1_555 A G 46 1_555 A C 10 1_555 A G 45 1_555 0.354  -0.314 2.941 -0.524 11.491 58.569 -0.831  -0.380 2.837 11.623 0.531 
59.589 8  AA_A9C10:G45G46_AA  A 9  ? A 46 ? A 10 ? A 45 ? 
1 A C   10 1_555 A G 45 1_555 A C 11 1_555 A G 44 1_555 0.025  -1.607 2.993 1.302  6.143  27.397 -4.555  0.213  2.577 12.758 
-2.704  28.094 9  AA_C10C11:G44G45_AA A 10 ? A 45 ? A 11 ? A 44 ? 
1 A C   11 1_555 A G 44 1_555 A G 12 1_555 A C 43 1_555 0.271  -1.920 3.243 -2.023 11.561 29.567 -5.381  -0.823 2.324 21.611 3.781 
31.763 10 AA_C11G12:C43G44_AA A 11 ? A 44 ? A 12 ? A 43 ? 
1 A G   12 1_555 A C 43 1_555 A U 13 1_555 A A 42 1_555 0.005  -1.345 3.344 -1.227 6.542  37.167 -2.915  -0.164 3.070 10.164 1.907 
37.737 11 AA_G12U13:A42C43_AA A 12 ? A 43 ? A 13 ? A 42 ? 
1 A U   13 1_555 A A 42 1_555 A G 21 1_555 A C 40 1_555 -2.764 -2.852 5.880 1.366  2.907  78.328 -2.400  2.254  5.747 2.301  
-1.081  78.383 12 AA_U13G21:C40A42_AA A 13 ? A 42 ? A 21 ? A 40 ? 
1 A G   21 1_555 A C 40 1_555 A U 22 1_555 A A 39 1_555 -0.612 -1.436 3.290 -3.286 6.173  33.186 -3.432  0.534  3.027 10.661 5.674 
33.894 13 AA_G21U22:A39C40_AA A 21 ? A 40 ? A 22 ? A 39 ? 
1 A U   22 1_555 A A 39 1_555 A C 23 1_555 A G 38 1_555 0.507  -1.310 2.988 1.855  5.689  32.251 -3.185  -0.616 2.747 10.132 
-3.303  32.787 14 AA_U22C23:G38A39_AA A 22 ? A 39 ? A 23 ? A 38 ? 
1 A C   23 1_555 A G 38 1_555 A C 24 1_555 A G 37 1_555 0.131  -1.833 3.326 0.355  6.042  32.868 -4.157  -0.170 2.953 10.567 
-0.621  33.405 15 AA_C23C24:G37G38_AA A 23 ? A 38 ? A 24 ? A 37 ? 
1 A C   24 1_555 A G 37 1_555 A C 25 1_555 A G 36 1_555 -0.061 -2.013 3.255 -0.333 5.418  27.070 -5.454  0.053  2.806 11.430 0.702 
27.599 16 AA_C24C25:G36G37_AA A 24 ? A 37 ? A 25 ? A 36 ? 
1 A C   25 1_555 A G 36 1_555 A A 26 1_555 A U 35 1_555 0.470  -1.720 3.097 4.396  9.311  29.384 -4.776  -0.136 2.492 17.685 
-8.350  31.098 17 AA_C25A26:U35G36_AA A 25 ? A 36 ? A 26 ? A 35 ? 
1 A A   26 1_555 A U 35 1_555 A G 27 1_555 A C 34 1_555 0.244  -1.542 3.426 0.462  7.406  35.134 -3.565  -0.330 3.052 12.102 
-0.755  35.885 18 AA_A26G27:C34U35_AA A 26 ? A 35 ? A 27 ? A 34 ? 
1 A G   27 1_555 A C 34 1_555 A C 28 1_555 A G 32 1_555 -0.695 -1.155 2.940 2.409  5.468  26.822 -3.583  1.970  2.587 11.604 
-5.112  27.468 19 AA_G27C28:G32C34_AA A 27 ? A 34 ? A 28 ? A 32 ? 
# 
_pdbx_audit_support.funding_organization   'National Natural Science Foundation of China (NSFC)' 
_pdbx_audit_support.country                China 
_pdbx_audit_support.grant_number           ? 
_pdbx_audit_support.ordinal                1 
# 
_pdbx_initial_refinement_model.id               1 
_pdbx_initial_refinement_model.entity_id_list   ? 
_pdbx_initial_refinement_model.type             'experimental model' 
_pdbx_initial_refinement_model.source_name      PDB 
_pdbx_initial_refinement_model.accession_code   8XZE 
_pdbx_initial_refinement_model.details          ? 
# 
_atom_sites.entry_id                    8XZK 
_atom_sites.Cartn_transf_matrix[1][1]   ? 
_atom_sites.Cartn_transf_matrix[1][2]   ? 
_atom_sites.Cartn_transf_matrix[1][3]   ? 
_atom_sites.Cartn_transf_matrix[2][1]   ? 
_atom_sites.Cartn_transf_matrix[2][2]   ? 
_atom_sites.Cartn_transf_matrix[2][3]   ? 
_atom_sites.Cartn_transf_matrix[3][1]   ? 
_atom_sites.Cartn_transf_matrix[3][2]   ? 
_atom_sites.Cartn_transf_matrix[3][3]   ? 
_atom_sites.Cartn_transf_vector[1]      ? 
_atom_sites.Cartn_transf_vector[2]      ? 
_atom_sites.Cartn_transf_vector[3]      ? 
_atom_sites.Cartn_transform_axes        ? 
_atom_sites.fract_transf_matrix[1][1]   0.01681501 
_atom_sites.fract_transf_matrix[1][2]   0.01148632 
_atom_sites.fract_transf_matrix[1][3]   0.00854535 
_atom_sites.fract_transf_matrix[2][1]   0.00773335 
_atom_sites.fract_transf_matrix[2][2]   -0.01531572 
_atom_sites.fract_transf_matrix[2][3]   0.00536959 
_atom_sites.fract_transf_matrix[3][1]   0.00783458 
_atom_sites.fract_transf_matrix[3][2]   -0.00098486 
_atom_sites.fract_transf_matrix[3][3]   -0.01409259 
_atom_sites.fract_transf_vector[1]      0.457075 
_atom_sites.fract_transf_vector[2]      -0.111412 
_atom_sites.fract_transf_vector[3]      0.065648 
_atom_sites.solution_primary            ? 
_atom_sites.solution_secondary          ? 
_atom_sites.solution_hydrogens          ? 
_atom_sites.special_details             ? 
# 
loop_
_atom_type.symbol 
C  
MG 
N  
O  
P  
# 
loop_
_atom_site.group_PDB 
_atom_site.id 
_atom_site.type_symbol 
_atom_site.label_atom_id 
_atom_site.label_alt_id 
_atom_site.label_comp_id 
_atom_site.label_asym_id 
_atom_site.label_entity_id 
_atom_site.label_seq_id 
_atom_site.pdbx_PDB_ins_code 
_atom_site.Cartn_x 
_atom_site.Cartn_y 
_atom_site.Cartn_z 
_atom_site.occupancy 
_atom_site.B_iso_or_equiv 
_atom_site.pdbx_formal_charge 
_atom_site.auth_seq_id 
_atom_site.auth_comp_id 
_atom_site.auth_asym_id 
_atom_site.auth_atom_id 
_atom_site.pdbx_PDB_model_num 
HETATM 1    P PB    . GDP A 1 1  ? 1.385   -6.591  31.684  1.00 122.80 ? 1   GDP A PB    1 
HETATM 2    O O1B   . GDP A 1 1  ? 0.132   -7.353  32.070  1.00 110.93 ? 1   GDP A O1B   1 
HETATM 3    O O2B   . GDP A 1 1  ? 2.580   -7.305  32.276  1.00 118.09 ? 1   GDP A O2B   1 
HETATM 4    O O3B   . GDP A 1 1  ? 1.312   -5.168  32.209  1.00 110.22 ? 1   GDP A O3B   1 
HETATM 5    O O3A   . GDP A 1 1  ? 1.523   -6.586  30.070  1.00 118.79 ? 1   GDP A O3A   1 
HETATM 6    P PA    . GDP A 1 1  ? 0.445   -5.809  29.151  1.00 119.19 ? 1   GDP A PA    1 
HETATM 7    O O1A   . GDP A 1 1  ? -0.185  -4.675  29.938  1.00 116.04 ? 1   GDP A O1A   1 
HETATM 8    O O2A   . GDP A 1 1  ? 1.044   -5.315  27.850  1.00 103.32 ? 1   GDP A O2A   1 
HETATM 9    O "O5'" . GDP A 1 1  ? -0.647  -6.965  28.861  1.00 108.91 ? 1   GDP A "O5'" 1 
HETATM 10   C "C5'" . GDP A 1 1  ? -0.301  -8.351  28.901  1.00 104.10 ? 1   GDP A "C5'" 1 
HETATM 11   C "C4'" . GDP A 1 1  ? -1.540  -9.186  29.204  1.00 98.04  ? 1   GDP A "C4'" 1 
HETATM 12   O "O4'" . GDP A 1 1  ? -2.025  -8.917  30.526  1.00 93.71  ? 1   GDP A "O4'" 1 
HETATM 13   C "C3'" . GDP A 1 1  ? -2.689  -8.865  28.263  1.00 90.17  ? 1   GDP A "C3'" 1 
HETATM 14   O "O3'" . GDP A 1 1  ? -2.687  -9.706  27.105  1.00 88.46  ? 1   GDP A "O3'" 1 
HETATM 15   C "C2'" . GDP A 1 1  ? -3.916  -9.101  29.113  1.00 87.53  ? 1   GDP A "C2'" 1 
HETATM 16   O "O2'" . GDP A 1 1  ? -4.295  -10.477 29.051  1.00 79.52  ? 1   GDP A "O2'" 1 
HETATM 17   C "C1'" . GDP A 1 1  ? -3.450  -8.760  30.512  1.00 91.59  ? 1   GDP A "C1'" 1 
HETATM 18   N N9    . GDP A 1 1  ? -3.788  -7.332  30.745  1.00 94.09  ? 1   GDP A N9    1 
HETATM 19   C C8    . GDP A 1 1  ? -2.884  -6.354  30.954  1.00 96.39  ? 1   GDP A C8    1 
HETATM 20   N N7    . GDP A 1 1  ? -3.491  -5.149  31.113  1.00 96.99  ? 1   GDP A N7    1 
HETATM 21   C C5    . GDP A 1 1  ? -4.825  -5.329  30.995  1.00 92.00  ? 1   GDP A C5    1 
HETATM 22   C C6    . GDP A 1 1  ? -6.039  -4.460  31.055  1.00 85.06  ? 1   GDP A C6    1 
HETATM 23   O O6    . GDP A 1 1  ? -5.959  -3.225  31.266  1.00 81.39  ? 1   GDP A O6    1 
HETATM 24   N N1    . GDP A 1 1  ? -7.237  -5.045  30.876  1.00 83.82  ? 1   GDP A N1    1 
HETATM 25   C C2    . GDP A 1 1  ? -7.365  -6.375  30.651  1.00 84.60  ? 1   GDP A C2    1 
HETATM 26   N N2    . GDP A 1 1  ? -8.613  -6.878  30.479  1.00 79.78  ? 1   GDP A N2    1 
HETATM 27   N N3    . GDP A 1 1  ? -6.297  -7.229  30.585  1.00 86.36  ? 1   GDP A N3    1 
HETATM 28   C C4    . GDP A 1 1  ? -5.019  -6.777  30.744  1.00 91.82  ? 1   GDP A C4    1 
ATOM   29   P P     . G   A 1 2  ? -2.711  -8.817  25.820  1.00 94.18  ? 2   G   A P     1 
ATOM   30   O OP1   . G   A 1 2  ? -2.125  -9.532  24.658  1.00 94.83  ? 2   G   A OP1   1 
ATOM   31   O OP2   . G   A 1 2  ? -2.223  -7.450  26.131  1.00 92.80  ? 2   G   A OP2   1 
ATOM   32   O "O5'" . G   A 1 2  ? -4.286  -8.752  25.595  1.00 87.30  ? 2   G   A "O5'" 1 
ATOM   33   C "C5'" . G   A 1 2  ? -5.119  -9.861  25.903  1.00 81.94  ? 2   G   A "C5'" 1 
ATOM   34   C "C4'" . G   A 1 2  ? -6.557  -9.440  26.051  1.00 81.27  ? 2   G   A "C4'" 1 
ATOM   35   O "O4'" . G   A 1 2  ? -6.769  -8.765  27.323  1.00 78.55  ? 2   G   A "O4'" 1 
ATOM   36   C "C3'" . G   A 1 2  ? -7.048  -8.435  25.028  1.00 76.95  ? 2   G   A "C3'" 1 
ATOM   37   O "O3'" . G   A 1 2  ? -7.317  -9.010  23.764  1.00 70.20  ? 2   G   A "O3'" 1 
ATOM   38   C "C2'" . G   A 1 2  ? -8.260  -7.831  25.725  1.00 76.29  ? 2   G   A "C2'" 1 
ATOM   39   O "O2'" . G   A 1 2  ? -9.370  -8.716  25.678  1.00 69.08  ? 2   G   A "O2'" 1 
ATOM   40   C "C1'" . G   A 1 2  ? -7.751  -7.754  27.168  1.00 79.37  ? 2   G   A "C1'" 1 
ATOM   41   N N9    . G   A 1 2  ? -7.136  -6.437  27.441  1.00 81.31  ? 2   G   A N9    1 
ATOM   42   C C8    . G   A 1 2  ? -5.799  -6.145  27.577  1.00 81.97  ? 2   G   A C8    1 
ATOM   43   N N7    . G   A 1 2  ? -5.564  -4.876  27.790  1.00 80.99  ? 2   G   A N7    1 
ATOM   44   C C5    . G   A 1 2  ? -6.820  -4.284  27.791  1.00 78.81  ? 2   G   A C5    1 
ATOM   45   C C6    . G   A 1 2  ? -7.200  -2.921  27.972  1.00 74.82  ? 2   G   A C6    1 
ATOM   46   O O6    . G   A 1 2  ? -6.477  -1.933  28.177  1.00 72.15  ? 2   G   A O6    1 
ATOM   47   N N1    . G   A 1 2  ? -8.585  -2.763  27.892  1.00 72.87  ? 2   G   A N1    1 
ATOM   48   C C2    . G   A 1 2  ? -9.487  -3.781  27.670  1.00 74.26  ? 2   G   A C2    1 
ATOM   49   N N2    . G   A 1 2  ? -10.781 -3.428  27.626  1.00 72.22  ? 2   G   A N2    1 
ATOM   50   N N3    . G   A 1 2  ? -9.145  -5.054  27.504  1.00 76.43  ? 2   G   A N3    1 
ATOM   51   C C4    . G   A 1 2  ? -7.803  -5.234  27.572  1.00 79.39  ? 2   G   A C4    1 
ATOM   52   P P     . G   A 1 3  ? -6.916  -8.209  22.434  1.00 72.91  ? 3   G   A P     1 
ATOM   53   O OP1   . G   A 1 3  ? -7.004  -9.143  21.287  1.00 79.40  ? 3   G   A OP1   1 
ATOM   54   O OP2   . G   A 1 3  ? -5.660  -7.460  22.706  1.00 69.96  ? 3   G   A OP2   1 
ATOM   55   O "O5'" . G   A 1 3  ? -8.120  -7.188  22.242  1.00 75.00  ? 3   G   A "O5'" 1 
ATOM   56   C "C5'" . G   A 1 3  ? -9.458  -7.651  22.345  1.00 71.31  ? 3   G   A "C5'" 1 
ATOM   57   C "C4'" . G   A 1 3  ? -10.429 -6.526  22.586  1.00 72.18  ? 3   G   A "C4'" 1 
ATOM   58   O "O4'" . G   A 1 3  ? -10.239 -5.953  23.903  1.00 67.39  ? 3   G   A "O4'" 1 
ATOM   59   C "C3'" . G   A 1 3  ? -10.315 -5.339  21.652  1.00 68.12  ? 3   G   A "C3'" 1 
ATOM   60   O "O3'" . G   A 1 3  ? -10.923 -5.604  20.405  1.00 65.02  ? 3   G   A "O3'" 1 
ATOM   61   C "C2'" . G   A 1 3  ? -10.996 -4.235  22.455  1.00 64.94  ? 3   G   A "C2'" 1 
ATOM   62   O "O2'" . G   A 1 3  ? -12.406 -4.377  22.410  1.00 60.70  ? 3   G   A "O2'" 1 
ATOM   63   C "C1'" . G   A 1 3  ? -10.530 -4.573  23.870  1.00 63.27  ? 3   G   A "C1'" 1 
ATOM   64   N N9    . G   A 1 3  ? -9.301  -3.845  24.221  1.00 66.60  ? 3   G   A N9    1 
ATOM   65   C C8    . G   A 1 3  ? -8.050  -4.392  24.385  1.00 67.90  ? 3   G   A C8    1 
ATOM   66   N N7    . G   A 1 3  ? -7.145  -3.504  24.692  1.00 68.49  ? 3   G   A N7    1 
ATOM   67   C C5    . G   A 1 3  ? -7.850  -2.303  24.735  1.00 65.96  ? 3   G   A C5    1 
ATOM   68   C C6    . G   A 1 3  ? -7.401  -0.988  25.016  1.00 63.40  ? 3   G   A C6    1 
ATOM   69   O O6    . G   A 1 3  ? -6.248  -0.635  25.290  1.00 66.57  ? 3   G   A O6    1 
ATOM   70   N N1    . G   A 1 3  ? -8.430  -0.052  24.945  1.00 57.87  ? 3   G   A N1    1 
ATOM   71   C C2    . G   A 1 3  ? -9.736  -0.356  24.646  1.00 60.44  ? 3   G   A C2    1 
ATOM   72   N N2    . G   A 1 3  ? -10.598 0.670   24.635  1.00 58.24  ? 3   G   A N2    1 
ATOM   73   N N3    . G   A 1 3  ? -10.172 -1.578  24.383  1.00 62.70  ? 3   G   A N3    1 
ATOM   74   C C4    . G   A 1 3  ? -9.183  -2.495  24.446  1.00 64.63  ? 3   G   A C4    1 
ATOM   75   P P     . U   A 1 4  ? -10.401 -4.894  19.073  1.00 62.25  ? 4   U   A P     1 
ATOM   76   O OP1   . U   A 1 4  ? -11.319 -5.319  17.985  1.00 59.15  ? 4   U   A OP1   1 
ATOM   77   O OP2   . U   A 1 4  ? -8.932  -5.093  19.000  1.00 72.31  ? 4   U   A OP2   1 
ATOM   78   O "O5'" . U   A 1 4  ? -10.658 -3.343  19.307  1.00 63.08  ? 4   U   A "O5'" 1 
ATOM   79   C "C5'" . U   A 1 4  ? -11.971 -2.810  19.282  1.00 63.32  ? 4   U   A "C5'" 1 
ATOM   80   C "C4'" . U   A 1 4  ? -11.967 -1.353  19.663  1.00 61.86  ? 4   U   A "C4'" 1 
ATOM   81   O "O4'" . U   A 1 4  ? -11.374 -1.189  20.979  1.00 61.39  ? 4   U   A "O4'" 1 
ATOM   82   C "C3'" . U   A 1 4  ? -11.131 -0.450  18.771  1.00 60.21  ? 4   U   A "C3'" 1 
ATOM   83   O "O3'" . U   A 1 4  ? -11.786 -0.082  17.575  1.00 63.76  ? 4   U   A "O3'" 1 
ATOM   84   C "C2'" . U   A 1 4  ? -10.819 0.725   19.683  1.00 60.15  ? 4   U   A "C2'" 1 
ATOM   85   O "O2'" . U   A 1 4  ? -11.940 1.591   19.793  1.00 58.79  ? 4   U   A "O2'" 1 
ATOM   86   C "C1'" . U   A 1 4  ? -10.627 0.015   21.020  1.00 59.81  ? 4   U   A "C1'" 1 
ATOM   87   N N1    . U   A 1 4  ? -9.208  -0.317  21.272  1.00 56.76  ? 4   U   A N1    1 
ATOM   88   C C2    . U   A 1 4  ? -8.378  0.724   21.592  1.00 56.62  ? 4   U   A C2    1 
ATOM   89   O O2    . U   A 1 4  ? -8.771  1.876   21.654  1.00 56.20  ? 4   U   A O2    1 
ATOM   90   N N3    . U   A 1 4  ? -7.075  0.367   21.827  1.00 55.51  ? 4   U   A N3    1 
ATOM   91   C C4    . U   A 1 4  ? -6.542  -0.899  21.771  1.00 58.39  ? 4   U   A C4    1 
ATOM   92   O O4    . U   A 1 4  ? -5.346  -1.063  22.012  1.00 64.94  ? 4   U   A O4    1 
ATOM   93   C C5    . U   A 1 4  ? -7.471  -1.926  21.429  1.00 57.94  ? 4   U   A C5    1 
ATOM   94   C C6    . U   A 1 4  ? -8.742  -1.605  21.198  1.00 59.64  ? 4   U   A C6    1 
ATOM   95   P P     . G   A 1 5  ? -10.907 0.312   16.295  1.00 61.49  ? 5   G   A P     1 
ATOM   96   O OP1   . G   A 1 5  ? -11.813 0.401   15.124  1.00 58.86  ? 5   G   A OP1   1 
ATOM   97   O OP2   . G   A 1 5  ? -9.751  -0.630  16.259  1.00 57.29  ? 5   G   A OP2   1 
ATOM   98   O "O5'" . G   A 1 5  ? -10.401 1.787   16.631  1.00 56.84  ? 5   G   A "O5'" 1 
ATOM   99   C "C5'" . G   A 1 5  ? -11.246 2.899   16.396  1.00 54.90  ? 5   G   A "C5'" 1 
ATOM   100  C "C4'" . G   A 1 5  ? -10.630 4.190   16.870  1.00 56.85  ? 5   G   A "C4'" 1 
ATOM   101  O "O4'" . G   A 1 5  ? -10.211 4.066   18.250  1.00 60.18  ? 5   G   A "O4'" 1 
ATOM   102  C "C3'" . G   A 1 5  ? -9.368  4.631   16.165  1.00 59.91  ? 5   G   A "C3'" 1 
ATOM   103  O "O3'" . G   A 1 5  ? -9.602  5.202   14.896  1.00 60.54  ? 5   G   A "O3'" 1 
ATOM   104  C "C2'" . G   A 1 5  ? -8.758  5.582   17.179  1.00 58.85  ? 5   G   A "C2'" 1 
ATOM   105  O "O2'" . G   A 1 5  ? -9.484  6.798   17.219  1.00 56.45  ? 5   G   A "O2'" 1 
ATOM   106  C "C1'" . G   A 1 5  ? -9.041  4.827   18.467  1.00 54.50  ? 5   G   A "C1'" 1 
ATOM   107  N N9    . G   A 1 5  ? -7.958  3.884   18.760  1.00 57.93  ? 5   G   A N9    1 
ATOM   108  C C8    . G   A 1 5  ? -8.006  2.538   18.505  1.00 59.34  ? 5   G   A C8    1 
ATOM   109  N N7    . G   A 1 5  ? -6.908  1.921   18.847  1.00 62.78  ? 5   G   A N7    1 
ATOM   110  C C5    . G   A 1 5  ? -6.093  2.925   19.358  1.00 59.71  ? 5   G   A C5    1 
ATOM   111  C C6    . G   A 1 5  ? -4.776  2.839   19.884  1.00 58.99  ? 5   G   A C6    1 
ATOM   112  O O6    . G   A 1 5  ? -4.055  1.829   19.994  1.00 60.60  ? 5   G   A O6    1 
ATOM   113  N N1    . G   A 1 5  ? -4.321  4.089   20.284  1.00 55.05  ? 5   G   A N1    1 
ATOM   114  C C2    . G   A 1 5  ? -5.037  5.256   20.188  1.00 56.23  ? 5   G   A C2    1 
ATOM   115  N N2    . G   A 1 5  ? -4.409  6.351   20.631  1.00 56.75  ? 5   G   A N2    1 
ATOM   116  N N3    . G   A 1 5  ? -6.265  5.350   19.699  1.00 56.46  ? 5   G   A N3    1 
ATOM   117  C C4    . G   A 1 5  ? -6.726  4.149   19.305  1.00 57.73  ? 5   G   A C4    1 
ATOM   118  P P     . U   A 1 6  ? -8.785  4.647   13.628  1.00 56.45  ? 6   U   A P     1 
ATOM   119  O OP1   . U   A 1 6  ? -9.598  5.006   12.433  1.00 51.77  ? 6   U   A OP1   1 
ATOM   120  O OP2   . U   A 1 6  ? -8.417  3.218   13.851  1.00 54.24  ? 6   U   A OP2   1 
ATOM   121  O "O5'" . U   A 1 6  ? -7.427  5.479   13.682  1.00 56.59  ? 6   U   A "O5'" 1 
ATOM   122  C "C5'" . U   A 1 6  ? -7.454  6.888   13.859  1.00 57.61  ? 6   U   A "C5'" 1 
ATOM   123  C "C4'" . U   A 1 6  ? -6.207  7.395   14.540  1.00 55.72  ? 6   U   A "C4'" 1 
ATOM   124  O "O4'" . U   A 1 6  ? -6.076  6.788   15.849  1.00 59.85  ? 6   U   A "O4'" 1 
ATOM   125  C "C3'" . U   A 1 6  ? -4.888  7.081   13.862  1.00 50.58  ? 6   U   A "C3'" 1 
ATOM   126  O "O3'" . U   A 1 6  ? -4.613  7.974   12.808  1.00 51.44  ? 6   U   A "O3'" 1 
ATOM   127  C "C2'" . U   A 1 6  ? -3.898  7.200   15.011  1.00 51.80  ? 6   U   A "C2'" 1 
ATOM   128  O "O2'" . U   A 1 6  ? -3.634  8.567   15.295  1.00 49.46  ? 6   U   A "O2'" 1 
ATOM   129  C "C1'" . U   A 1 6  ? -4.711  6.628   16.168  1.00 53.94  ? 6   U   A "C1'" 1 
ATOM   130  N N1    . U   A 1 6  ? -4.442  5.192   16.410  1.00 53.59  ? 6   U   A N1    1 
ATOM   131  C C2    . U   A 1 6  ? -3.268  4.847   17.056  1.00 54.28  ? 6   U   A C2    1 
ATOM   132  O O2    . U   A 1 6  ? -2.433  5.667   17.412  1.00 52.15  ? 6   U   A O2    1 
ATOM   133  N N3    . U   A 1 6  ? -3.097  3.494   17.256  1.00 54.37  ? 6   U   A N3    1 
ATOM   134  C C4    . U   A 1 6  ? -3.961  2.479   16.898  1.00 52.53  ? 6   U   A C4    1 
ATOM   135  O O4    . U   A 1 6  ? -3.663  1.315   17.157  1.00 55.55  ? 6   U   A O4    1 
ATOM   136  C C5    . U   A 1 6  ? -5.160  2.920   16.257  1.00 53.96  ? 6   U   A C5    1 
ATOM   137  C C6    . U   A 1 6  ? -5.353  4.227   16.043  1.00 55.65  ? 6   U   A C6    1 
ATOM   138  P P     . G   A 1 7  ? -3.908  7.460   11.462  1.00 54.76  ? 7   G   A P     1 
ATOM   139  O OP1   . G   A 1 7  ? -3.822  8.657   10.587  1.00 48.56  ? 7   G   A OP1   1 
ATOM   140  O OP2   . G   A 1 7  ? -4.617  6.241   10.998  1.00 54.00  ? 7   G   A OP2   1 
ATOM   141  O "O5'" . G   A 1 7  ? -2.442  7.021   11.908  1.00 44.83  ? 7   G   A "O5'" 1 
ATOM   142  C "C5'" . G   A 1 7  ? -1.535  7.948   12.482  1.00 47.71  ? 7   G   A "C5'" 1 
ATOM   143  C "C4'" . G   A 1 7  ? -0.338  7.236   13.062  1.00 50.09  ? 7   G   A "C4'" 1 
ATOM   144  O "O4'" . G   A 1 7  ? -0.756  6.373   14.147  1.00 50.62  ? 7   G   A "O4'" 1 
ATOM   145  C "C3'" . G   A 1 7  ? 0.388   6.319   12.095  1.00 48.35  ? 7   G   A "C3'" 1 
ATOM   146  O "O3'" . G   A 1 7  ? 1.302   7.056   11.311  1.00 47.79  ? 7   G   A "O3'" 1 
ATOM   147  C "C2'" . G   A 1 7  ? 1.017   5.268   13.011  1.00 50.22  ? 7   G   A "C2'" 1 
ATOM   148  O "O2'" . G   A 1 7  ? 2.253   5.717   13.558  1.00 48.16  ? 7   G   A "O2'" 1 
ATOM   149  C "C1'" . G   A 1 7  ? -0.020  5.168   14.130  1.00 50.22  ? 7   G   A "C1'" 1 
ATOM   150  N N9    . G   A 1 7  ? -0.990  4.068   13.951  1.00 46.76  ? 7   G   A N9    1 
ATOM   151  C C8    . G   A 1 7  ? -2.185  4.169   13.287  1.00 48.51  ? 7   G   A C8    1 
ATOM   152  N N7    . G   A 1 7  ? -2.886  3.069   13.297  1.00 47.89  ? 7   G   A N7    1 
ATOM   153  C C5    . G   A 1 7  ? -2.115  2.185   14.030  1.00 51.02  ? 7   G   A C5    1 
ATOM   154  C C6    . G   A 1 7  ? -2.373  0.834   14.378  1.00 52.23  ? 7   G   A C6    1 
ATOM   155  O O6    . G   A 1 7  ? -3.369  0.153   14.083  1.00 52.57  ? 7   G   A O6    1 
ATOM   156  N N1    . G   A 1 7  ? -1.335  0.298   15.142  1.00 49.68  ? 7   G   A N1    1 
ATOM   157  C C2    . G   A 1 7  ? -0.201  0.982   15.520  1.00 50.93  ? 7   G   A C2    1 
ATOM   158  N N2    . G   A 1 7  ? 0.698   0.311   16.248  1.00 51.64  ? 7   G   A N2    1 
ATOM   159  N N3    . G   A 1 7  ? 0.046   2.244   15.201  1.00 53.27  ? 7   G   A N3    1 
ATOM   160  C C4    . G   A 1 7  ? -0.943  2.785   14.452  1.00 50.63  ? 7   G   A C4    1 
ATOM   161  P P     . U   A 1 8  ? 2.477   6.359   10.478  1.00 50.46  ? 8   U   A P     1 
ATOM   162  O OP1   . U   A 1 8  ? 2.558   7.204   9.261   1.00 53.52  ? 8   U   A OP1   1 
ATOM   163  O OP2   . U   A 1 8  ? 2.355   4.876   10.369  1.00 48.37  ? 8   U   A OP2   1 
ATOM   164  O "O5'" . U   A 1 8  ? 3.767   6.651   11.356  1.00 51.28  ? 8   U   A "O5'" 1 
ATOM   165  C "C5'" . U   A 1 8  ? 3.987   7.950   11.867  1.00 51.14  ? 8   U   A "C5'" 1 
ATOM   166  C "C4'" . U   A 1 8  ? 5.238   8.010   12.700  1.00 54.30  ? 8   U   A "C4'" 1 
ATOM   167  O "O4'" . U   A 1 8  ? 5.092   7.219   13.899  1.00 54.75  ? 8   U   A "O4'" 1 
ATOM   168  C "C3'" . U   A 1 8  ? 6.488   7.452   12.061  1.00 57.38  ? 8   U   A "C3'" 1 
ATOM   169  O "O3'" . U   A 1 8  ? 7.055   8.340   11.120  1.00 66.79  ? 8   U   A "O3'" 1 
ATOM   170  C "C2'" . U   A 1 8  ? 7.380   7.188   13.266  1.00 54.78  ? 8   U   A "C2'" 1 
ATOM   171  O "O2'" . U   A 1 8  ? 7.975   8.393   13.720  1.00 59.15  ? 8   U   A "O2'" 1 
ATOM   172  C "C1'" . U   A 1 8  ? 6.358   6.748   14.307  1.00 55.18  ? 8   U   A "C1'" 1 
ATOM   173  N N1    . U   A 1 8  ? 6.302   5.286   14.472  1.00 58.43  ? 8   U   A N1    1 
ATOM   174  C C2    . U   A 1 8  ? 7.359   4.692   15.137  1.00 60.47  ? 8   U   A C2    1 
ATOM   175  O O2    . U   A 1 8  ? 8.322   5.325   15.546  1.00 59.68  ? 8   U   A O2    1 
ATOM   176  N N3    . U   A 1 8  ? 7.249   3.333   15.295  1.00 60.07  ? 8   U   A N3    1 
ATOM   177  C C4    . U   A 1 8  ? 6.195   2.548   14.873  1.00 60.53  ? 8   U   A C4    1 
ATOM   178  O O4    . U   A 1 8  ? 6.227   1.335   15.080  1.00 64.53  ? 8   U   A O4    1 
ATOM   179  C C5    . U   A 1 8  ? 5.135   3.249   14.213  1.00 58.18  ? 8   U   A C5    1 
ATOM   180  C C6    . U   A 1 8  ? 5.214   4.571   14.039  1.00 58.16  ? 8   U   A C6    1 
ATOM   181  P P     . A   A 1 9  ? 7.622   7.772   9.734   1.00 54.89  ? 9   A   A P     1 
ATOM   182  O OP1   . A   A 1 9  ? 7.938   8.975   8.928   1.00 52.15  ? 9   A   A OP1   1 
ATOM   183  O OP2   . A   A 1 9  ? 6.635   6.772   9.228   1.00 51.01  ? 9   A   A OP2   1 
ATOM   184  O "O5'" . A   A 1 9  ? 8.951   6.993   10.157  1.00 53.70  ? 9   A   A "O5'" 1 
ATOM   185  C "C5'" . A   A 1 9  ? 9.981   7.626   10.910  1.00 55.25  ? 9   A   A "C5'" 1 
ATOM   186  C "C4'" . A   A 1 9  ? 10.971  6.631   11.490  1.00 62.62  ? 9   A   A "C4'" 1 
ATOM   187  O "O4'" . A   A 1 9  ? 10.377  5.914   12.609  1.00 63.28  ? 9   A   A "O4'" 1 
ATOM   188  C "C3'" . A   A 1 9  ? 11.458  5.525   10.560  1.00 61.01  ? 9   A   A "C3'" 1 
ATOM   189  O "O3'" . A   A 1 9  ? 12.497  5.939   9.698   1.00 58.17  ? 9   A   A "O3'" 1 
ATOM   190  C "C2'" . A   A 1 9  ? 11.886  4.430   11.531  1.00 63.26  ? 9   A   A "C2'" 1 
ATOM   191  O "O2'" . A   A 1 9  ? 13.155  4.722   12.097  1.00 64.95  ? 9   A   A "O2'" 1 
ATOM   192  C "C1'" . A   A 1 9  ? 10.830  4.572   12.625  1.00 59.59  ? 9   A   A "C1'" 1 
ATOM   193  N N9    . A   A 1 9  ? 9.673   3.692   12.378  1.00 57.68  ? 9   A   A N9    1 
ATOM   194  C C8    . A   A 1 9  ? 8.458   4.055   11.851  1.00 59.56  ? 9   A   A C8    1 
ATOM   195  N N7    . A   A 1 9  ? 7.600   3.072   11.739  1.00 57.72  ? 9   A   A N7    1 
ATOM   196  C C5    . A   A 1 9  ? 8.307   1.981   12.216  1.00 59.93  ? 9   A   A C5    1 
ATOM   197  C C6    . A   A 1 9  ? 7.944   0.631   12.361  1.00 61.86  ? 9   A   A C6    1 
ATOM   198  N N6    . A   A 1 9  ? 6.737   0.162   12.020  1.00 61.72  ? 9   A   A N6    1 
ATOM   199  N N1    . A   A 1 9  ? 8.871   -0.213  12.874  1.00 62.51  ? 9   A   A N1    1 
ATOM   200  C C2    . A   A 1 9  ? 10.073  0.285   13.208  1.00 62.97  ? 9   A   A C2    1 
ATOM   201  N N3    . A   A 1 9  ? 10.528  1.537   13.118  1.00 61.52  ? 9   A   A N3    1 
ATOM   202  C C4    . A   A 1 9  ? 9.585   2.345   12.610  1.00 58.77  ? 9   A   A C4    1 
ATOM   203  P P     . C   A 1 10 ? 12.398  5.624   8.131   1.00 70.89  ? 10  C   A P     1 
ATOM   204  O OP1   . C   A 1 10 ? 13.734  5.938   7.548   1.00 74.61  ? 10  C   A OP1   1 
ATOM   205  O OP2   . C   A 1 10 ? 11.174  6.282   7.598   1.00 64.20  ? 10  C   A OP2   1 
ATOM   206  O "O5'" . C   A 1 10 ? 12.156  4.048   8.055   1.00 65.06  ? 10  C   A "O5'" 1 
ATOM   207  C "C5'" . C   A 1 10 ? 13.173  3.135   8.439   1.00 63.86  ? 10  C   A "C5'" 1 
ATOM   208  C "C4'" . C   A 1 10 ? 12.637  1.736   8.613   1.00 64.86  ? 10  C   A "C4'" 1 
ATOM   209  O "O4'" . C   A 1 10 ? 11.546  1.734   9.575   1.00 63.69  ? 10  C   A "O4'" 1 
ATOM   210  C "C3'" . C   A 1 10 ? 12.032  1.088   7.380   1.00 62.96  ? 10  C   A "C3'" 1 
ATOM   211  O "O3'" . C   A 1 10 ? 12.995  0.567   6.486   1.00 63.59  ? 10  C   A "O3'" 1 
ATOM   212  C "C2'" . C   A 1 10 ? 11.140  0.015   7.981   1.00 67.60  ? 10  C   A "C2'" 1 
ATOM   213  O "O2'" . C   A 1 10 ? 11.913  -1.117  8.364   1.00 72.30  ? 10  C   A "O2'" 1 
ATOM   214  C "C1'" . C   A 1 10 ? 10.615  0.722   9.238   1.00 62.37  ? 10  C   A "C1'" 1 
ATOM   215  N N1    . C   A 1 10 ? 9.285   1.335   8.981   1.00 60.15  ? 10  C   A N1    1 
ATOM   216  C C2    . C   A 1 10 ? 8.144   0.519   9.077   1.00 59.09  ? 10  C   A C2    1 
ATOM   217  O O2    . C   A 1 10 ? 8.276   -0.669  9.413   1.00 57.36  ? 10  C   A O2    1 
ATOM   218  N N3    . C   A 1 10 ? 6.919   1.041   8.818   1.00 56.42  ? 10  C   A N3    1 
ATOM   219  C C4    . C   A 1 10 ? 6.808   2.319   8.464   1.00 54.95  ? 10  C   A C4    1 
ATOM   220  N N4    . C   A 1 10 ? 5.584   2.787   8.227   1.00 54.94  ? 10  C   A N4    1 
ATOM   221  C C5    . C   A 1 10 ? 7.943   3.172   8.347   1.00 54.08  ? 10  C   A C5    1 
ATOM   222  C C6    . C   A 1 10 ? 9.147   2.646   8.607   1.00 57.32  ? 10  C   A C6    1 
ATOM   223  P P     . C   A 1 11 ? 12.632  0.444   4.923   1.00 71.71  ? 11  C   A P     1 
ATOM   224  O OP1   . C   A 1 11 ? 13.900  0.143   4.217   1.00 76.18  ? 11  C   A OP1   1 
ATOM   225  O OP2   . C   A 1 11 ? 11.836  1.624   4.495   1.00 66.64  ? 11  C   A OP2   1 
ATOM   226  O "O5'" . C   A 1 11 ? 11.676  -0.831  4.846   1.00 67.39  ? 11  C   A "O5'" 1 
ATOM   227  C "C5'" . C   A 1 11 ? 12.124  -2.090  5.323   1.00 67.25  ? 11  C   A "C5'" 1 
ATOM   228  C "C4'" . C   A 1 11 ? 10.985  -3.048  5.567   1.00 65.53  ? 11  C   A "C4'" 1 
ATOM   229  O "O4'" . C   A 1 11 ? 10.098  -2.539  6.600   1.00 66.16  ? 11  C   A "O4'" 1 
ATOM   230  C "C3'" . C   A 1 11 ? 10.045  -3.299  4.406   1.00 62.51  ? 11  C   A "C3'" 1 
ATOM   231  O "O3'" . C   A 1 11 ? 10.567  -4.128  3.396   1.00 63.11  ? 11  C   A "O3'" 1 
ATOM   232  C "C2'" . C   A 1 11 ? 8.834   -3.878  5.111   1.00 62.30  ? 11  C   A "C2'" 1 
ATOM   233  O "O2'" . C   A 1 11 ? 9.091   -5.207  5.533   1.00 68.32  ? 11  C   A "O2'" 1 
ATOM   234  C "C1'" . C   A 1 11 ? 8.775   -2.982  6.344   1.00 62.20  ? 11  C   A "C1'" 1 
ATOM   235  N N1    . C   A 1 11 ? 7.905   -1.816  6.070   1.00 58.59  ? 11  C   A N1    1 
ATOM   236  C C2    . C   A 1 11 ? 6.527   -2.036  6.167   1.00 58.00  ? 11  C   A C2    1 
ATOM   237  O O2    . C   A 1 11 ? 6.123   -3.160  6.517   1.00 58.61  ? 11  C   A O2    1 
ATOM   238  N N3    . C   A 1 11 ? 5.671   -1.024  5.900   1.00 57.20  ? 11  C   A N3    1 
ATOM   239  C C4    . C   A 1 11 ? 6.155   0.162   5.530   1.00 58.91  ? 11  C   A C4    1 
ATOM   240  N N4    . C   A 1 11 ? 5.269   1.133   5.276   1.00 60.02  ? 11  C   A N4    1 
ATOM   241  C C5    . C   A 1 11 ? 7.558   0.408   5.403   1.00 54.08  ? 11  C   A C5    1 
ATOM   242  C C6    . C   A 1 11 ? 8.392   -0.599  5.675   1.00 55.43  ? 11  C   A C6    1 
ATOM   243  P P     . G   A 1 12 ? 10.180  -3.804  1.873   1.00 64.73  ? 12  G   A P     1 
ATOM   244  O OP1   . G   A 1 12 ? 11.236  -4.383  0.997   1.00 78.49  ? 12  G   A OP1   1 
ATOM   245  O OP2   . G   A 1 12 ? 9.866   -2.356  1.807   1.00 59.46  ? 12  G   A OP2   1 
ATOM   246  O "O5'" . G   A 1 12 ? 8.824   -4.612  1.649   1.00 62.30  ? 12  G   A "O5'" 1 
ATOM   247  C "C5'" . G   A 1 12 ? 8.643   -5.876  2.269   1.00 62.41  ? 12  G   A "C5'" 1 
ATOM   248  C "C4'" . G   A 1 12 ? 7.187   -6.187  2.506   1.00 59.74  ? 12  G   A "C4'" 1 
ATOM   249  O "O4'" . G   A 1 12 ? 6.607   -5.251  3.446   1.00 62.88  ? 12  G   A "O4'" 1 
ATOM   250  C "C3'" . G   A 1 12 ? 6.287   -6.091  1.291   1.00 58.76  ? 12  G   A "C3'" 1 
ATOM   251  O "O3'" . G   A 1 12 ? 6.391   -7.240  0.485   1.00 58.69  ? 12  G   A "O3'" 1 
ATOM   252  C "C2'" . G   A 1 12 ? 4.906   -5.902  1.912   1.00 61.66  ? 12  G   A "C2'" 1 
ATOM   253  O "O2'" . G   A 1 12 ? 4.363   -7.145  2.332   1.00 59.02  ? 12  G   A "O2'" 1 
ATOM   254  C "C1'" . G   A 1 12 ? 5.237   -5.067  3.153   1.00 58.87  ? 12  G   A "C1'" 1 
ATOM   255  N N9    . G   A 1 12 ? 4.991   -3.630  2.950   1.00 58.05  ? 12  G   A N9    1 
ATOM   256  C C8    . G   A 1 12 ? 5.943   -2.638  2.908   1.00 57.59  ? 12  G   A C8    1 
ATOM   257  N N7    . G   A 1 12 ? 5.438   -1.441  2.729   1.00 56.75  ? 12  G   A N7    1 
ATOM   258  C C5    . G   A 1 12 ? 4.070   -1.664  2.653   1.00 55.13  ? 12  G   A C5    1 
ATOM   259  C C6    . G   A 1 12 ? 3.015   -0.740  2.471   1.00 52.80  ? 12  G   A C6    1 
ATOM   260  O O6    . G   A 1 12 ? 3.119   0.483   2.333   1.00 55.64  ? 12  G   A O6    1 
ATOM   261  N N1    . G   A 1 12 ? 1.769   -1.368  2.444   1.00 47.87  ? 12  G   A N1    1 
ATOM   262  C C2    . G   A 1 12 ? 1.578   -2.724  2.587   1.00 52.10  ? 12  G   A C2    1 
ATOM   263  N N2    . G   A 1 12 ? 0.310   -3.156  2.547   1.00 51.69  ? 12  G   A N2    1 
ATOM   264  N N3    . G   A 1 12 ? 2.557   -3.604  2.768   1.00 55.34  ? 12  G   A N3    1 
ATOM   265  C C4    . G   A 1 12 ? 3.771   -3.007  2.790   1.00 57.32  ? 12  G   A C4    1 
ATOM   266  P P     . U   A 1 13 ? 6.038   -7.185  -1.075  1.00 66.68  ? 13  U   A P     1 
ATOM   267  O OP1   . U   A 1 13 ? 6.030   -8.601  -1.506  1.00 63.61  ? 13  U   A OP1   1 
ATOM   268  O OP2   . U   A 1 13 ? 6.853   -6.165  -1.791  1.00 67.72  ? 13  U   A OP2   1 
ATOM   269  O "O5'" . U   A 1 13 ? 4.527   -6.707  -1.099  1.00 63.77  ? 13  U   A "O5'" 1 
ATOM   270  C "C5'" . U   A 1 13 ? 3.490   -7.648  -0.914  1.00 60.70  ? 13  U   A "C5'" 1 
ATOM   271  C "C4'" . U   A 1 13 ? 2.174   -7.028  -1.251  1.00 55.06  ? 13  U   A "C4'" 1 
ATOM   272  O "O4'" . U   A 1 13 ? 1.926   -5.953  -0.326  1.00 56.92  ? 13  U   A "O4'" 1 
ATOM   273  C "C3'" . U   A 1 13 ? 2.101   -6.362  -2.607  1.00 58.36  ? 13  U   A "C3'" 1 
ATOM   274  O "O3'" . U   A 1 13 ? 1.872   -7.298  -3.644  1.00 65.20  ? 13  U   A "O3'" 1 
ATOM   275  C "C2'" . U   A 1 13 ? 0.978   -5.359  -2.412  1.00 57.86  ? 13  U   A "C2'" 1 
ATOM   276  O "O2'" . U   A 1 13 ? -0.276  -6.015  -2.468  1.00 58.73  ? 13  U   A "O2'" 1 
ATOM   277  C "C1'" . U   A 1 13 ? 1.213   -4.927  -0.967  1.00 57.93  ? 13  U   A "C1'" 1 
ATOM   278  N N1    . U   A 1 13 ? 2.004   -3.688  -0.865  1.00 56.55  ? 13  U   A N1    1 
ATOM   279  C C2    . U   A 1 13 ? 1.306   -2.510  -0.991  1.00 55.15  ? 13  U   A C2    1 
ATOM   280  O O2    . U   A 1 13 ? 0.103   -2.479  -1.189  1.00 54.79  ? 13  U   A O2    1 
ATOM   281  N N3    . U   A 1 13 ? 2.068   -1.378  -0.885  1.00 51.62  ? 13  U   A N3    1 
ATOM   282  C C4    . U   A 1 13 ? 3.423   -1.325  -0.666  1.00 50.49  ? 13  U   A C4    1 
ATOM   283  O O4    . U   A 1 13 ? 3.964   -0.223  -0.593  1.00 52.60  ? 13  U   A O4    1 
ATOM   284  C C5    . U   A 1 13 ? 4.064   -2.598  -0.529  1.00 53.88  ? 13  U   A C5    1 
ATOM   285  C C6    . U   A 1 13 ? 3.353   -3.719  -0.627  1.00 54.29  ? 13  U   A C6    1 
ATOM   286  P P     . U   A 1 14 ? 2.073   -6.905  -5.189  1.00 65.09  ? 14  U   A P     1 
ATOM   287  O OP1   . U   A 1 14 ? 2.905   -7.987  -5.766  1.00 70.91  ? 14  U   A OP1   1 
ATOM   288  O OP2   . U   A 1 14 ? 2.490   -5.486  -5.330  1.00 60.79  ? 14  U   A OP2   1 
ATOM   289  O "O5'" . U   A 1 14 ? 0.614   -7.069  -5.791  1.00 62.48  ? 14  U   A "O5'" 1 
ATOM   290  C "C5'" . U   A 1 14 ? -0.064  -8.308  -5.640  1.00 67.07  ? 14  U   A "C5'" 1 
ATOM   291  C "C4'" . U   A 1 14 ? -1.501  -8.206  -6.069  1.00 69.52  ? 14  U   A "C4'" 1 
ATOM   292  O "O4'" . U   A 1 14 ? -2.182  -7.288  -5.181  1.00 69.79  ? 14  U   A "O4'" 1 
ATOM   293  C "C3'" . U   A 1 14 ? -1.716  -7.688  -7.489  1.00 69.17  ? 14  U   A "C3'" 1 
ATOM   294  O "O3'" . U   A 1 14 ? -2.727  -8.442  -8.150  1.00 77.46  ? 14  U   A "O3'" 1 
ATOM   295  C "C2'" . U   A 1 14 ? -2.175  -6.246  -7.293  1.00 64.01  ? 14  U   A "C2'" 1 
ATOM   296  O "O2'" . U   A 1 14 ? -3.089  -5.806  -8.271  1.00 70.17  ? 14  U   A "O2'" 1 
ATOM   297  C "C1'" . U   A 1 14 ? -2.836  -6.283  -5.923  1.00 67.03  ? 14  U   A "C1'" 1 
ATOM   298  N N1    . U   A 1 14 ? -2.683  -5.020  -5.188  1.00 63.95  ? 14  U   A N1    1 
ATOM   299  C C2    . U   A 1 14 ? -3.833  -4.417  -4.707  1.00 60.35  ? 14  U   A C2    1 
ATOM   300  O O2    . U   A 1 14 ? -4.941  -4.903  -4.855  1.00 63.91  ? 14  U   A O2    1 
ATOM   301  N N3    . U   A 1 14 ? -3.638  -3.233  -4.046  1.00 53.14  ? 14  U   A N3    1 
ATOM   302  C C4    . U   A 1 14 ? -2.427  -2.617  -3.822  1.00 56.59  ? 14  U   A C4    1 
ATOM   303  O O4    . U   A 1 14 ? -2.426  -1.557  -3.198  1.00 58.50  ? 14  U   A O4    1 
ATOM   304  C C5    . U   A 1 14 ? -1.274  -3.297  -4.349  1.00 58.34  ? 14  U   A C5    1 
ATOM   305  C C6    . U   A 1 14 ? -1.434  -4.453  -5.012  1.00 60.07  ? 14  U   A C6    1 
ATOM   306  P P     . C   A 1 15 ? -2.439  -9.003  -9.630  1.00 78.32  ? 15  C   A P     1 
ATOM   307  O OP1   . C   A 1 15 ? -1.127  -8.454  -10.038 1.00 77.71  ? 15  C   A OP1   1 
ATOM   308  O OP2   . C   A 1 15 ? -3.655  -8.735  -10.449 1.00 72.85  ? 15  C   A OP2   1 
ATOM   309  O "O5'" . C   A 1 15 ? -2.248  -10.575 -9.440  1.00 68.78  ? 15  C   A "O5'" 1 
ATOM   310  C "C5'" . C   A 1 15 ? -3.332  -11.468 -9.667  1.00 74.14  ? 15  C   A "C5'" 1 
ATOM   311  C "C4'" . C   A 1 15 ? -3.242  -12.694 -8.789  1.00 77.06  ? 15  C   A "C4'" 1 
ATOM   312  O "O4'" . C   A 1 15 ? -1.970  -13.337 -9.009  1.00 85.61  ? 15  C   A "O4'" 1 
ATOM   313  C "C3'" . C   A 1 15 ? -3.309  -12.466 -7.283  1.00 72.65  ? 15  C   A "C3'" 1 
ATOM   314  O "O3'" . C   A 1 15 ? -4.649  -12.471 -6.821  1.00 71.75  ? 15  C   A "O3'" 1 
ATOM   315  C "C2'" . C   A 1 15 ? -2.512  -13.639 -6.708  1.00 79.83  ? 15  C   A "C2'" 1 
ATOM   316  O "O2'" . C   A 1 15 ? -3.347  -14.773 -6.533  1.00 84.90  ? 15  C   A "O2'" 1 
ATOM   317  C "C1'" . C   A 1 15 ? -1.530  -13.965 -7.831  1.00 85.04  ? 15  C   A "C1'" 1 
ATOM   318  N N1    . C   A 1 15 ? -0.122  -13.580 -7.568  1.00 92.67  ? 15  C   A N1    1 
ATOM   319  C C2    . C   A 1 15 ? 0.652   -14.350 -6.684  1.00 93.41  ? 15  C   A C2    1 
ATOM   320  O O2    . C   A 1 15 ? 0.129   -15.309 -6.086  1.00 89.47  ? 15  C   A O2    1 
ATOM   321  N N3    . C   A 1 15 ? 1.952   -14.002 -6.489  1.00 96.14  ? 15  C   A N3    1 
ATOM   322  C C4    . C   A 1 15 ? 2.486   -12.958 -7.145  1.00 101.05 ? 15  C   A C4    1 
ATOM   323  N N4    . C   A 1 15 ? 3.770   -12.649 -6.924  1.00 100.70 ? 15  C   A N4    1 
ATOM   324  C C5    . C   A 1 15 ? 1.722   -12.177 -8.067  1.00 97.71  ? 15  C   A C5    1 
ATOM   325  C C6    . C   A 1 15 ? 0.439   -12.529 -8.250  1.00 93.50  ? 15  C   A C6    1 
ATOM   326  P P     . A   A 1 16 ? -5.508  -11.122 -6.655  1.00 79.24  ? 16  A   A P     1 
ATOM   327  O OP1   . A   A 1 16 ? -6.949  -11.476 -6.733  1.00 72.23  ? 16  A   A OP1   1 
ATOM   328  O OP2   . A   A 1 16 ? -4.977  -10.049 -7.528  1.00 76.76  ? 16  A   A OP2   1 
ATOM   329  O "O5'" . A   A 1 16 ? -5.242  -10.694 -5.151  1.00 73.88  ? 16  A   A "O5'" 1 
ATOM   330  C "C5'" . A   A 1 16 ? -5.048  -9.334  -4.818  1.00 68.99  ? 16  A   A "C5'" 1 
ATOM   331  C "C4'" . A   A 1 16 ? -6.056  -8.868  -3.802  1.00 66.46  ? 16  A   A "C4'" 1 
ATOM   332  O "O4'" . A   A 1 16 ? -5.401  -8.619  -2.537  1.00 66.24  ? 16  A   A "O4'" 1 
ATOM   333  C "C3'" . A   A 1 16 ? -6.749  -7.564  -4.141  1.00 63.96  ? 16  A   A "C3'" 1 
ATOM   334  O "O3'" . A   A 1 16 ? -7.867  -7.797  -4.961  1.00 63.21  ? 16  A   A "O3'" 1 
ATOM   335  C "C2'" . A   A 1 16 ? -7.111  -6.986  -2.775  1.00 66.20  ? 16  A   A "C2'" 1 
ATOM   336  O "O2'" . A   A 1 16 ? -8.340  -7.521  -2.287  1.00 66.66  ? 16  A   A "O2'" 1 
ATOM   337  C "C1'" . A   A 1 16 ? -5.972  -7.503  -1.902  1.00 61.17  ? 16  A   A "C1'" 1 
ATOM   338  N N9    . A   A 1 16 ? -4.912  -6.508  -1.678  1.00 58.56  ? 16  A   A N9    1 
ATOM   339  C C8    . A   A 1 16 ? -3.625  -6.521  -2.152  1.00 58.27  ? 16  A   A C8    1 
ATOM   340  N N7    . A   A 1 16 ? -2.909  -5.505  -1.738  1.00 57.91  ? 16  A   A N7    1 
ATOM   341  C C5    . A   A 1 16 ? -3.782  -4.789  -0.932  1.00 57.95  ? 16  A   A C5    1 
ATOM   342  C C6    . A   A 1 16 ? -3.636  -3.606  -0.188  1.00 56.50  ? 16  A   A C6    1 
ATOM   343  N N6    . A   A 1 16 ? -2.503  -2.910  -0.145  1.00 56.75  ? 16  A   A N6    1 
ATOM   344  N N1    . A   A 1 16 ? -4.704  -3.154  0.514   1.00 55.73  ? 16  A   A N1    1 
ATOM   345  C C2    . A   A 1 16 ? -5.845  -3.857  0.468   1.00 56.19  ? 16  A   A C2    1 
ATOM   346  N N3    . A   A 1 16 ? -6.110  -4.983  -0.192  1.00 60.68  ? 16  A   A N3    1 
ATOM   347  C C4    . A   A 1 16 ? -5.022  -5.399  -0.880  1.00 61.60  ? 16  A   A C4    1 
ATOM   348  P P     . A   A 1 17 ? -8.517  -6.612  -5.810  1.00 68.49  ? 17  A   A P     1 
ATOM   349  O OP1   . A   A 1 17 ? -9.693  -7.282  -6.422  1.00 68.92  ? 17  A   A OP1   1 
ATOM   350  O OP2   . A   A 1 17 ? -7.482  -5.993  -6.682  1.00 64.92  ? 17  A   A OP2   1 
ATOM   351  O "O5'" . A   A 1 17 ? -9.018  -5.538  -4.726  1.00 64.69  ? 17  A   A "O5'" 1 
ATOM   352  C "C5'" . A   A 1 17 ? -10.405 -5.272  -4.549  1.00 58.42  ? 17  A   A "C5'" 1 
ATOM   353  C "C4'" . A   A 1 17 ? -10.691 -4.201  -3.516  1.00 61.13  ? 17  A   A "C4'" 1 
ATOM   354  O "O4'" . A   A 1 17 ? -9.726  -4.241  -2.432  1.00 58.74  ? 17  A   A "O4'" 1 
ATOM   355  C "C3'" . A   A 1 17 ? -10.630 -2.753  -3.968  1.00 60.47  ? 17  A   A "C3'" 1 
ATOM   356  O "O3'" . A   A 1 17 ? -11.730 -2.336  -4.745  1.00 62.87  ? 17  A   A "O3'" 1 
ATOM   357  C "C2'" . A   A 1 17 ? -10.531 -2.020  -2.650  1.00 52.94  ? 17  A   A "C2'" 1 
ATOM   358  O "O2'" . A   A 1 17 ? -11.790 -2.033  -2.011  1.00 56.78  ? 17  A   A "O2'" 1 
ATOM   359  C "C1'" . A   A 1 17 ? -9.595  -2.943  -1.877  1.00 53.51  ? 17  A   A "C1'" 1 
ATOM   360  N N9    . A   A 1 17 ? -8.197  -2.492  -1.991  1.00 53.57  ? 17  A   A N9    1 
ATOM   361  C C8    . A   A 1 17 ? -7.133  -3.150  -2.550  1.00 57.27  ? 17  A   A C8    1 
ATOM   362  N N7    . A   A 1 17 ? -6.011  -2.464  -2.505  1.00 56.76  ? 17  A   A N7    1 
ATOM   363  C C5    . A   A 1 17 ? -6.361  -1.276  -1.871  1.00 54.14  ? 17  A   A C5    1 
ATOM   364  C C6    . A   A 1 17 ? -5.619  -0.127  -1.519  1.00 53.17  ? 17  A   A C6    1 
ATOM   365  N N6    . A   A 1 17 ? -4.307  0.008   -1.777  1.00 49.10  ? 17  A   A N6    1 
ATOM   366  N N1    . A   A 1 17 ? -6.274  0.888   -0.896  1.00 47.73  ? 17  A   A N1    1 
ATOM   367  C C2    . A   A 1 17 ? -7.580  0.751   -0.659  1.00 45.76  ? 17  A   A C2    1 
ATOM   368  N N3    . A   A 1 17 ? -8.369  -0.281  -0.945  1.00 50.77  ? 17  A   A N3    1 
ATOM   369  C C4    . A   A 1 17 ? -7.703  -1.278  -1.553  1.00 51.30  ? 17  A   A C4    1 
ATOM   370  P P     . C   A 1 18 ? -11.444 -1.858  -6.247  1.00 68.20  ? 18  C   A P     1 
ATOM   371  O OP1   . C   A 1 18 ? -12.746 -1.513  -6.885  1.00 68.50  ? 18  C   A OP1   1 
ATOM   372  O OP2   . C   A 1 18 ? -10.602 -2.946  -6.806  1.00 62.21  ? 18  C   A OP2   1 
ATOM   373  O "O5'" . C   A 1 18 ? -10.559 -0.529  -6.082  1.00 58.75  ? 18  C   A "O5'" 1 
ATOM   374  C "C5'" . C   A 1 18 ? -11.072 0.581   -5.358  1.00 58.52  ? 18  C   A "C5'" 1 
ATOM   375  C "C4'" . C   A 1 18 ? -10.008 1.477   -4.759  1.00 53.89  ? 18  C   A "C4'" 1 
ATOM   376  O "O4'" . C   A 1 18 ? -8.882  0.730   -4.244  1.00 53.01  ? 18  C   A "O4'" 1 
ATOM   377  C "C3'" . C   A 1 18 ? -9.351  2.478   -5.675  1.00 56.83  ? 18  C   A "C3'" 1 
ATOM   378  O "O3'" . C   A 1 18 ? -10.204 3.553   -6.006  1.00 60.45  ? 18  C   A "O3'" 1 
ATOM   379  C "C2'" . C   A 1 18 ? -8.120  2.888   -4.865  1.00 53.25  ? 18  C   A "C2'" 1 
ATOM   380  O "O2'" . C   A 1 18 ? -8.450  3.814   -3.847  1.00 55.08  ? 18  C   A "O2'" 1 
ATOM   381  C "C1'" . C   A 1 18 ? -7.752  1.578   -4.190  1.00 46.15  ? 18  C   A "C1'" 1 
ATOM   382  N N1    . C   A 1 18 ? -6.602  0.932   -4.832  1.00 46.81  ? 18  C   A N1    1 
ATOM   383  C C2    . C   A 1 18 ? -5.347  1.494   -4.582  1.00 50.18  ? 18  C   A C2    1 
ATOM   384  O O2    . C   A 1 18 ? -5.271  2.499   -3.863  1.00 51.91  ? 18  C   A O2    1 
ATOM   385  N N3    . C   A 1 18 ? -4.249  0.937   -5.139  1.00 54.29  ? 18  C   A N3    1 
ATOM   386  C C4    . C   A 1 18 ? -4.397  -0.150  -5.916  1.00 56.24  ? 18  C   A C4    1 
ATOM   387  N N4    . C   A 1 18 ? -3.295  -0.685  -6.438  1.00 54.59  ? 18  C   A N4    1 
ATOM   388  C C5    . C   A 1 18 ? -5.672  -0.743  -6.191  1.00 53.48  ? 18  C   A C5    1 
ATOM   389  C C6    . C   A 1 18 ? -6.748  -0.170  -5.624  1.00 52.61  ? 18  C   A C6    1 
ATOM   390  P P     . U   A 1 19 ? -9.869  4.450   -7.286  1.00 54.01  ? 19  U   A P     1 
ATOM   391  O OP1   . U   A 1 19 ? -8.425  4.795   -7.172  1.00 55.93  ? 19  U   A OP1   1 
ATOM   392  O OP2   . U   A 1 19 ? -10.861 5.554   -7.390  1.00 50.70  ? 19  U   A OP2   1 
ATOM   393  O "O5'" . U   A 1 19 ? -10.011 3.429   -8.495  1.00 52.64  ? 19  U   A "O5'" 1 
ATOM   394  C "C5'" . U   A 1 19 ? -11.254 2.826   -8.825  1.00 48.90  ? 19  U   A "C5'" 1 
ATOM   395  C "C4'" . U   A 1 19 ? -11.497 2.836   -10.319 1.00 52.83  ? 19  U   A "C4'" 1 
ATOM   396  O "O4'" . U   A 1 19 ? -11.746 4.196   -10.761 1.00 53.57  ? 19  U   A "O4'" 1 
ATOM   397  C "C3'" . U   A 1 19 ? -10.351 2.316   -11.191 1.00 52.40  ? 19  U   A "C3'" 1 
ATOM   398  O "O3'" . U   A 1 19 ? -10.894 1.722   -12.360 1.00 48.34  ? 19  U   A "O3'" 1 
ATOM   399  C "C2'" . U   A 1 19 ? -9.654  3.594   -11.625 1.00 53.14  ? 19  U   A "C2'" 1 
ATOM   400  O "O2'" . U   A 1 19 ? -8.912  3.466   -12.819 1.00 54.95  ? 19  U   A "O2'" 1 
ATOM   401  C "C1'" . U   A 1 19 ? -10.845 4.525   -11.804 1.00 52.02  ? 19  U   A "C1'" 1 
ATOM   402  N N1    . U   A 1 19 ? -10.523 5.952   -11.708 1.00 50.29  ? 19  U   A N1    1 
ATOM   403  C C2    . U   A 1 19 ? -11.255 6.751   -12.545 1.00 52.10  ? 19  U   A C2    1 
ATOM   404  O O2    . U   A 1 19 ? -12.096 6.273   -13.284 1.00 50.30  ? 19  U   A O2    1 
ATOM   405  N N3    . U   A 1 19 ? -10.984 8.097   -12.470 1.00 55.33  ? 19  U   A N3    1 
ATOM   406  C C4    . U   A 1 19 ? -10.046 8.692   -11.647 1.00 56.04  ? 19  U   A C4    1 
ATOM   407  O O4    . U   A 1 19 ? -9.902  9.919   -11.685 1.00 55.08  ? 19  U   A O4    1 
ATOM   408  C C5    . U   A 1 19 ? -9.317  7.778   -10.809 1.00 53.12  ? 19  U   A C5    1 
ATOM   409  C C6    . U   A 1 19 ? -9.573  6.465   -10.862 1.00 51.86  ? 19  U   A C6    1 
ATOM   410  P P     . C   A 1 20 ? -10.731 0.156   -12.613 1.00 55.14  ? 20  C   A P     1 
ATOM   411  O OP1   . C   A 1 20 ? -11.789 -0.253  -13.575 1.00 49.93  ? 20  C   A OP1   1 
ATOM   412  O OP2   . C   A 1 20 ? -10.634 -0.496  -11.267 1.00 52.93  ? 20  C   A OP2   1 
ATOM   413  O "O5'" . C   A 1 20 ? -9.395  0.038   -13.468 1.00 54.63  ? 20  C   A "O5'" 1 
ATOM   414  C "C5'" . C   A 1 20 ? -8.118  0.354   -12.942 1.00 56.30  ? 20  C   A "C5'" 1 
ATOM   415  C "C4'" . C   A 1 20 ? -7.059  -0.423  -13.675 1.00 55.71  ? 20  C   A "C4'" 1 
ATOM   416  O "O4'" . C   A 1 20 ? -7.002  -0.007  -15.066 1.00 58.93  ? 20  C   A "O4'" 1 
ATOM   417  C "C3'" . C   A 1 20 ? -5.631  -0.269  -13.184 1.00 56.19  ? 20  C   A "C3'" 1 
ATOM   418  O "O3'" . C   A 1 20 ? -5.370  -1.074  -12.048 1.00 53.35  ? 20  C   A "O3'" 1 
ATOM   419  C "C2'" . C   A 1 20 ? -4.831  -0.696  -14.409 1.00 59.75  ? 20  C   A "C2'" 1 
ATOM   420  O "O2'" . C   A 1 20 ? -4.845  -2.111  -14.539 1.00 64.86  ? 20  C   A "O2'" 1 
ATOM   421  C "C1'" . C   A 1 20 ? -5.678  -0.120  -15.544 1.00 56.48  ? 20  C   A "C1'" 1 
ATOM   422  N N1    . C   A 1 20 ? -5.211  1.222   -15.962 1.00 59.83  ? 20  C   A N1    1 
ATOM   423  C C2    . C   A 1 20 ? -3.970  1.393   -16.602 1.00 59.31  ? 20  C   A C2    1 
ATOM   424  O O2    . C   A 1 20 ? -3.253  0.408   -16.833 1.00 61.57  ? 20  C   A O2    1 
ATOM   425  N N3    . C   A 1 20 ? -3.571  2.640   -16.959 1.00 57.19  ? 20  C   A N3    1 
ATOM   426  C C4    . C   A 1 20 ? -4.359  3.694   -16.701 1.00 61.68  ? 20  C   A C4    1 
ATOM   427  N N4    . C   A 1 20 ? -3.952  4.914   -17.070 1.00 65.40  ? 20  C   A N4    1 
ATOM   428  C C5    . C   A 1 20 ? -5.618  3.548   -16.048 1.00 59.05  ? 20  C   A C5    1 
ATOM   429  C C6    . C   A 1 20 ? -6.003  2.311   -15.706 1.00 61.45  ? 20  C   A C6    1 
ATOM   430  P P     . G   A 1 21 ? -4.992  -0.427  -10.625 1.00 62.56  ? 21  G   A P     1 
ATOM   431  O OP1   . G   A 1 21 ? -3.518  -0.222  -10.567 1.00 56.25  ? 21  G   A OP1   1 
ATOM   432  O OP2   . G   A 1 21 ? -5.663  -1.264  -9.597  1.00 67.49  ? 21  G   A OP2   1 
ATOM   433  O "O5'" . G   A 1 21 ? -5.745  0.975   -10.586 1.00 53.37  ? 21  G   A "O5'" 1 
ATOM   434  C "C5'" . G   A 1 21 ? -6.693  1.263   -9.573  1.00 51.82  ? 21  G   A "C5'" 1 
ATOM   435  C "C4'" . G   A 1 21 ? -6.602  2.702   -9.134  1.00 54.39  ? 21  G   A "C4'" 1 
ATOM   436  O "O4'" . G   A 1 21 ? -5.918  2.805   -7.857  1.00 57.18  ? 21  G   A "O4'" 1 
ATOM   437  C "C3'" . G   A 1 21 ? -5.809  3.602   -10.053 1.00 53.24  ? 21  G   A "C3'" 1 
ATOM   438  O "O3'" . G   A 1 21 ? -6.580  4.031   -11.158 1.00 56.90  ? 21  G   A "O3'" 1 
ATOM   439  C "C2'" . G   A 1 21 ? -5.371  4.732   -9.130  1.00 50.79  ? 21  G   A "C2'" 1 
ATOM   440  O "O2'" . G   A 1 21 ? -6.424  5.666   -8.957  1.00 53.11  ? 21  G   A "O2'" 1 
ATOM   441  C "C1'" . G   A 1 21 ? -5.143  3.982   -7.814  1.00 50.87  ? 21  G   A "C1'" 1 
ATOM   442  N N9    . G   A 1 21 ? -3.733  3.583   -7.648  1.00 49.43  ? 21  G   A N9    1 
ATOM   443  C C8    . G   A 1 21 ? -3.229  2.321   -7.861  1.00 50.49  ? 21  G   A C8    1 
ATOM   444  N N7    . G   A 1 21 ? -1.937  2.250   -7.672  1.00 49.95  ? 21  G   A N7    1 
ATOM   445  C C5    . G   A 1 21 ? -1.564  3.539   -7.307  1.00 49.80  ? 21  G   A C5    1 
ATOM   446  C C6    . G   A 1 21 ? -0.286  4.065   -6.969  1.00 49.69  ? 21  G   A C6    1 
ATOM   447  O O6    . G   A 1 21 ? 0.799   3.480   -6.920  1.00 50.41  ? 21  G   A O6    1 
ATOM   448  N N1    . G   A 1 21 ? -0.340  5.420   -6.660  1.00 50.20  ? 21  G   A N1    1 
ATOM   449  C C2    . G   A 1 21 ? -1.490  6.178   -6.682  1.00 53.42  ? 21  G   A C2    1 
ATOM   450  N N2    . G   A 1 21 ? -1.337  7.473   -6.357  1.00 52.65  ? 21  G   A N2    1 
ATOM   451  N N3    . G   A 1 21 ? -2.695  5.703   -6.998  1.00 52.65  ? 21  G   A N3    1 
ATOM   452  C C4    . G   A 1 21 ? -2.663  4.380   -7.292  1.00 51.26  ? 21  G   A C4    1 
ATOM   453  P P     . U   A 1 22 ? -5.865  4.417   -12.534 1.00 51.07  ? 22  U   A P     1 
ATOM   454  O OP1   . U   A 1 22 ? -6.933  4.730   -13.519 1.00 55.97  ? 22  U   A OP1   1 
ATOM   455  O OP2   . U   A 1 22 ? -4.882  3.342   -12.842 1.00 50.95  ? 22  U   A OP2   1 
ATOM   456  O "O5'" . U   A 1 22 ? -5.115  5.777   -12.177 1.00 50.75  ? 22  U   A "O5'" 1 
ATOM   457  C "C5'" . U   A 1 22 ? -5.849  6.939   -11.833 1.00 49.50  ? 22  U   A "C5'" 1 
ATOM   458  C "C4'" . U   A 1 22 ? -4.938  8.079   -11.465 1.00 51.33  ? 22  U   A "C4'" 1 
ATOM   459  O "O4'" . U   A 1 22 ? -4.183  7.738   -10.277 1.00 52.75  ? 22  U   A "O4'" 1 
ATOM   460  C "C3'" . U   A 1 22 ? -3.877  8.420   -12.492 1.00 54.40  ? 22  U   A "C3'" 1 
ATOM   461  O "O3'" . U   A 1 22 ? -4.373  9.243   -13.526 1.00 57.48  ? 22  U   A "O3'" 1 
ATOM   462  C "C2'" . U   A 1 22 ? -2.791  9.080   -11.655 1.00 55.44  ? 22  U   A "C2'" 1 
ATOM   463  O "O2'" . U   A 1 22 ? -3.117  10.434  -11.386 1.00 56.66  ? 22  U   A "O2'" 1 
ATOM   464  C "C1'" . U   A 1 22 ? -2.887  8.290   -10.353 1.00 52.69  ? 22  U   A "C1'" 1 
ATOM   465  N N1    . U   A 1 22 ? -1.914  7.182   -10.294 1.00 50.23  ? 22  U   A N1    1 
ATOM   466  C C2    . U   A 1 22 ? -0.603  7.483   -9.981  1.00 51.38  ? 22  U   A C2    1 
ATOM   467  O O2    . U   A 1 22 ? -0.227  8.621   -9.774  1.00 55.28  ? 22  U   A O2    1 
ATOM   468  N N3    . U   A 1 22 ? 0.245   6.406   -9.917  1.00 48.83  ? 22  U   A N3    1 
ATOM   469  C C4    . U   A 1 22 ? -0.104  5.086   -10.141 1.00 51.28  ? 22  U   A C4    1 
ATOM   470  O O4    . U   A 1 22 ? 0.757   4.217   -10.061 1.00 56.77  ? 22  U   A O4    1 
ATOM   471  C C5    . U   A 1 22 ? -1.481  4.850   -10.454 1.00 49.78  ? 22  U   A C5    1 
ATOM   472  C C6    . U   A 1 22 ? -2.320  5.889   -10.516 1.00 52.09  ? 22  U   A C6    1 
ATOM   473  P P     . C   A 1 23 ? -3.735  9.146   -14.997 1.00 60.87  ? 23  C   A P     1 
ATOM   474  O OP1   . C   A 1 23 ? -4.522  10.088  -15.836 1.00 58.81  ? 23  C   A OP1   1 
ATOM   475  O OP2   . C   A 1 23 ? -3.595  7.721   -15.394 1.00 56.35  ? 23  C   A OP2   1 
ATOM   476  O "O5'" . C   A 1 23 ? -2.264  9.723   -14.816 1.00 57.04  ? 23  C   A "O5'" 1 
ATOM   477  C "C5'" . C   A 1 23 ? -2.051  11.119  -14.704 1.00 55.67  ? 23  C   A "C5'" 1 
ATOM   478  C "C4'" . C   A 1 23 ? -0.628  11.428  -14.325 1.00 56.82  ? 23  C   A "C4'" 1 
ATOM   479  O "O4'" . C   A 1 23 ? -0.294  10.749  -13.088 1.00 56.88  ? 23  C   A "O4'" 1 
ATOM   480  C "C3'" . C   A 1 23 ? 0.462   10.960  -15.276 1.00 56.89  ? 23  C   A "C3'" 1 
ATOM   481  O "O3'" . C   A 1 23 ? 0.607   11.754  -16.439 1.00 60.53  ? 23  C   A "O3'" 1 
ATOM   482  C "C2'" . C   A 1 23 ? 1.672   10.982  -14.365 1.00 57.44  ? 23  C   A "C2'" 1 
ATOM   483  O "O2'" . C   A 1 23 ? 2.006   12.328  -14.053 1.00 57.16  ? 23  C   A "O2'" 1 
ATOM   484  C "C1'" . C   A 1 23 ? 1.071   10.382  -13.106 1.00 53.44  ? 23  C   A "C1'" 1 
ATOM   485  N N1    . C   A 1 23 ? 1.175   8.903   -13.080 1.00 52.72  ? 23  C   A N1    1 
ATOM   486  C C2    . C   A 1 23 ? 2.363   8.333   -12.644 1.00 52.30  ? 23  C   A C2    1 
ATOM   487  O O2    . C   A 1 23 ? 3.264   9.109   -12.320 1.00 58.57  ? 23  C   A O2    1 
ATOM   488  N N3    . C   A 1 23 ? 2.502   6.988   -12.590 1.00 47.83  ? 23  C   A N3    1 
ATOM   489  C C4    . C   A 1 23 ? 1.484   6.216   -12.952 1.00 47.34  ? 23  C   A C4    1 
ATOM   490  N N4    . C   A 1 23 ? 1.615   4.897   -12.888 1.00 50.94  ? 23  C   A N4    1 
ATOM   491  C C5    . C   A 1 23 ? 0.259   6.756   -13.402 1.00 51.88  ? 23  C   A C5    1 
ATOM   492  C C6    . C   A 1 23 ? 0.144   8.090   -13.444 1.00 56.40  ? 23  C   A C6    1 
ATOM   493  P P     . C   A 1 24 ? 1.166   11.090  -17.794 1.00 61.48  ? 24  C   A P     1 
ATOM   494  O OP1   . C   A 1 24 ? 1.364   12.185  -18.763 1.00 65.14  ? 24  C   A OP1   1 
ATOM   495  O OP2   . C   A 1 24 ? 0.355   9.898   -18.148 1.00 64.46  ? 24  C   A OP2   1 
ATOM   496  O "O5'" . C   A 1 24 ? 2.637   10.621  -17.430 1.00 61.36  ? 24  C   A "O5'" 1 
ATOM   497  C "C5'" . C   A 1 24 ? 3.656   11.595  -17.279 1.00 64.65  ? 24  C   A "C5'" 1 
ATOM   498  C "C4'" . C   A 1 24 ? 4.990   10.983  -16.937 1.00 66.43  ? 24  C   A "C4'" 1 
ATOM   499  O "O4'" . C   A 1 24 ? 4.887   10.159  -15.750 1.00 63.52  ? 24  C   A "O4'" 1 
ATOM   500  C "C3'" . C   A 1 24 ? 5.598   10.044  -17.958 1.00 63.74  ? 24  C   A "C3'" 1 
ATOM   501  O "O3'" . C   A 1 24 ? 6.164   10.713  -19.067 1.00 64.17  ? 24  C   A "O3'" 1 
ATOM   502  C "C2'" . C   A 1 24 ? 6.620   9.305   -17.117 1.00 64.46  ? 24  C   A "C2'" 1 
ATOM   503  O "O2'" . C   A 1 24 ? 7.725   10.154  -16.840 1.00 66.56  ? 24  C   A "O2'" 1 
ATOM   504  C "C1'" . C   A 1 24 ? 5.845   9.121   -15.818 1.00 61.80  ? 24  C   A "C1'" 1 
ATOM   505  N N1    . C   A 1 24 ? 5.159   7.811   -15.758 1.00 59.64  ? 24  C   A N1    1 
ATOM   506  C C2    . C   A 1 24 ? 5.928   6.700   -15.379 1.00 61.38  ? 24  C   A C2    1 
ATOM   507  O O2    . C   A 1 24 ? 7.138   6.855   -15.119 1.00 58.78  ? 24  C   A O2    1 
ATOM   508  N N3    . C   A 1 24 ? 5.336   5.482   -15.305 1.00 61.69  ? 24  C   A N3    1 
ATOM   509  C C4    . C   A 1 24 ? 4.037   5.355   -15.596 1.00 60.88  ? 24  C   A C4    1 
ATOM   510  N N4    . C   A 1 24 ? 3.501   4.131   -15.508 1.00 60.27  ? 24  C   A N4    1 
ATOM   511  C C5    . C   A 1 24 ? 3.235   6.475   -15.985 1.00 55.79  ? 24  C   A C5    1 
ATOM   512  C C6    . C   A 1 24 ? 3.830   7.674   -16.054 1.00 56.51  ? 24  C   A C6    1 
ATOM   513  P P     . C   A 1 25 ? 6.166   10.005  -20.510 1.00 76.87  ? 25  C   A P     1 
ATOM   514  O OP1   . C   A 1 25 ? 6.386   11.095  -21.500 1.00 76.43  ? 25  C   A OP1   1 
ATOM   515  O OP2   . C   A 1 25 ? 4.935   9.185   -20.681 1.00 69.72  ? 25  C   A OP2   1 
ATOM   516  O "O5'" . C   A 1 25 ? 7.404   8.989   -20.428 1.00 68.98  ? 25  C   A "O5'" 1 
ATOM   517  C "C5'" . C   A 1 25 ? 8.670   9.413   -19.939 1.00 64.00  ? 25  C   A "C5'" 1 
ATOM   518  C "C4'" . C   A 1 25 ? 9.577   8.260   -19.556 1.00 66.13  ? 25  C   A "C4'" 1 
ATOM   519  O "O4'" . C   A 1 25 ? 9.098   7.583   -18.361 1.00 64.57  ? 25  C   A "O4'" 1 
ATOM   520  C "C3'" . C   A 1 25 ? 9.744   7.122   -20.547 1.00 66.51  ? 25  C   A "C3'" 1 
ATOM   521  O "O3'" . C   A 1 25 ? 10.550  7.438   -21.656 1.00 69.00  ? 25  C   A "O3'" 1 
ATOM   522  C "C2'" . C   A 1 25 ? 10.340  6.034   -19.670 1.00 67.13  ? 25  C   A "C2'" 1 
ATOM   523  O "O2'" . C   A 1 25 ? 11.705  6.321   -19.391 1.00 60.90  ? 25  C   A "O2'" 1 
ATOM   524  C "C1'" . C   A 1 25 ? 9.531   6.229   -18.385 1.00 66.86  ? 25  C   A "C1'" 1 
ATOM   525  N N1    . C   A 1 25 ? 8.347   5.333   -18.342 1.00 65.31  ? 25  C   A N1    1 
ATOM   526  C C2    . C   A 1 25 ? 8.497   3.958   -18.047 1.00 66.47  ? 25  C   A C2    1 
ATOM   527  O O2    . C   A 1 25 ? 9.618   3.474   -17.807 1.00 63.41  ? 25  C   A O2    1 
ATOM   528  N N3    . C   A 1 25 ? 7.396   3.164   -18.026 1.00 66.39  ? 25  C   A N3    1 
ATOM   529  C C4    . C   A 1 25 ? 6.189   3.683   -18.283 1.00 66.12  ? 25  C   A C4    1 
ATOM   530  N N4    . C   A 1 25 ? 5.128   2.872   -18.247 1.00 65.32  ? 25  C   A N4    1 
ATOM   531  C C5    . C   A 1 25 ? 6.008   5.063   -18.589 1.00 63.47  ? 25  C   A C5    1 
ATOM   532  C C6    . C   A 1 25 ? 7.102   5.838   -18.608 1.00 64.44  ? 25  C   A C6    1 
ATOM   533  P P     . A   A 1 26 ? 10.149  6.878   -23.109 1.00 78.23  ? 26  A   A P     1 
ATOM   534  O OP1   . A   A 1 26 ? 11.140  7.531   -24.006 1.00 74.20  ? 26  A   A OP1   1 
ATOM   535  O OP2   . A   A 1 26 ? 8.693   7.065   -23.362 1.00 69.17  ? 26  A   A OP2   1 
ATOM   536  O "O5'" . A   A 1 26 ? 10.444  5.309   -23.035 1.00 67.35  ? 26  A   A "O5'" 1 
ATOM   537  C "C5'" . A   A 1 26 ? 11.785  4.844   -23.038 1.00 66.62  ? 26  A   A "C5'" 1 
ATOM   538  C "C4'" . A   A 1 26 ? 11.931  3.410   -22.579 1.00 71.45  ? 26  A   A "C4'" 1 
ATOM   539  O "O4'" . A   A 1 26 ? 11.255  3.170   -21.310 1.00 71.53  ? 26  A   A "O4'" 1 
ATOM   540  C "C3'" . A   A 1 26 ? 11.370  2.322   -23.475 1.00 69.26  ? 26  A   A "C3'" 1 
ATOM   541  O "O3'" . A   A 1 26 ? 12.128  2.091   -24.637 1.00 70.47  ? 26  A   A "O3'" 1 
ATOM   542  C "C2'" . A   A 1 26 ? 11.359  1.138   -22.529 1.00 71.79  ? 26  A   A "C2'" 1 
ATOM   543  O "O2'" . A   A 1 26 ? 12.685  0.670   -22.324 1.00 71.84  ? 26  A   A "O2'" 1 
ATOM   544  C "C1'" . A   A 1 26 ? 10.863  1.808   -21.246 1.00 67.71  ? 26  A   A "C1'" 1 
ATOM   545  N N9    . A   A 1 26 ? 9.395   1.729   -21.185 1.00 63.33  ? 26  A   A N9    1 
ATOM   546  C C8    . A   A 1 26 ? 8.473   2.677   -21.521 1.00 64.81  ? 26  A   A C8    1 
ATOM   547  N N7    . A   A 1 26 ? 7.237   2.262   -21.384 1.00 66.62  ? 26  A   A N7    1 
ATOM   548  C C5    . A   A 1 26 ? 7.350   0.949   -20.950 1.00 64.16  ? 26  A   A C5    1 
ATOM   549  C C6    . A   A 1 26 ? 6.406   -0.045  -20.620 1.00 64.36  ? 26  A   A C6    1 
ATOM   550  N N6    . A   A 1 26 ? 5.085   0.117   -20.677 1.00 63.60  ? 26  A   A N6    1 
ATOM   551  N N1    . A   A 1 26 ? 6.866   -1.243  -20.220 1.00 62.51  ? 26  A   A N1    1 
ATOM   552  C C2    . A   A 1 26 ? 8.185   -1.425  -20.160 1.00 63.97  ? 26  A   A C2    1 
ATOM   553  N N3    . A   A 1 26 ? 9.169   -0.577  -20.445 1.00 65.76  ? 26  A   A N3    1 
ATOM   554  C C4    . A   A 1 26 ? 8.679   0.609   -20.837 1.00 64.56  ? 26  A   A C4    1 
ATOM   555  P P     . G   A 1 27 ? 11.407  1.531   -25.959 1.00 78.30  ? 27  G   A P     1 
ATOM   556  O OP1   . G   A 1 27 ? 12.383  1.761   -27.053 1.00 78.06  ? 27  G   A OP1   1 
ATOM   557  O OP2   . G   A 1 27 ? 10.038  2.092   -26.103 1.00 69.24  ? 27  G   A OP2   1 
ATOM   558  O "O5'" . G   A 1 27 ? 11.245  -0.029  -25.675 1.00 71.39  ? 27  G   A "O5'" 1 
ATOM   559  C "C5'" . G   A 1 27 ? 12.357  -0.825  -25.292 1.00 70.78  ? 27  G   A "C5'" 1 
ATOM   560  C "C4'" . G   A 1 27 ? 11.921  -2.182  -24.789 1.00 72.61  ? 27  G   A "C4'" 1 
ATOM   561  O "O4'" . G   A 1 27 ? 11.090  -2.034  -23.606 1.00 65.96  ? 27  G   A "O4'" 1 
ATOM   562  C "C3'" . G   A 1 27 ? 11.072  -3.008  -25.751 1.00 67.05  ? 27  G   A "C3'" 1 
ATOM   563  O "O3'" . G   A 1 27 ? 11.861  -3.729  -26.675 1.00 64.67  ? 27  G   A "O3'" 1 
ATOM   564  C "C2'" . G   A 1 27 ? 10.292  -3.913  -24.814 1.00 67.94  ? 27  G   A "C2'" 1 
ATOM   565  O "O2'" . G   A 1 27 ? 11.120  -4.984  -24.381 1.00 68.66  ? 27  G   A "O2'" 1 
ATOM   566  C "C1'" . G   A 1 27 ? 10.044  -2.978  -23.633 1.00 65.03  ? 27  G   A "C1'" 1 
ATOM   567  N N9    . G   A 1 27 ? 8.768   -2.242  -23.751 1.00 66.73  ? 27  G   A N9    1 
ATOM   568  C C8    . G   A 1 27 ? 8.598   -0.914  -24.063 1.00 65.03  ? 27  G   A C8    1 
ATOM   569  N N7    . G   A 1 27 ? 7.342   -0.547  -24.068 1.00 64.69  ? 27  G   A N7    1 
ATOM   570  C C5    . G   A 1 27 ? 6.634   -1.698  -23.732 1.00 65.69  ? 27  G   A C5    1 
ATOM   571  C C6    . G   A 1 27 ? 5.234   -1.936  -23.555 1.00 68.09  ? 27  G   A C6    1 
ATOM   572  O O6    . G   A 1 27 ? 4.260   -1.173  -23.674 1.00 66.29  ? 27  G   A O6    1 
ATOM   573  N N1    . G   A 1 27 ? 4.983   -3.259  -23.224 1.00 68.19  ? 27  G   A N1    1 
ATOM   574  C C2    . G   A 1 27 ? 5.931   -4.229  -23.055 1.00 64.63  ? 27  G   A C2    1 
ATOM   575  N N2    . G   A 1 27 ? 5.469   -5.442  -22.726 1.00 64.50  ? 27  G   A N2    1 
ATOM   576  N N3    . G   A 1 27 ? 7.228   -4.022  -23.191 1.00 66.48  ? 27  G   A N3    1 
ATOM   577  C C4    . G   A 1 27 ? 7.508   -2.746  -23.530 1.00 65.56  ? 27  G   A C4    1 
ATOM   578  P P     . C   A 1 28 ? 11.286  -4.117  -28.127 1.00 72.97  ? 28  C   A P     1 
ATOM   579  O OP1   . C   A 1 28 ? 12.460  -4.539  -28.940 1.00 75.64  ? 28  C   A OP1   1 
ATOM   580  O OP2   . C   A 1 28 ? 10.382  -3.052  -28.643 1.00 59.78  ? 28  C   A OP2   1 
ATOM   581  O "O5'" . C   A 1 28 ? 10.370  -5.389  -27.858 1.00 65.32  ? 28  C   A "O5'" 1 
ATOM   582  C "C5'" . C   A 1 28 ? 10.832  -6.510  -27.120 1.00 59.50  ? 28  C   A "C5'" 1 
ATOM   583  C "C4'" . C   A 1 28 ? 9.707   -7.479  -26.882 1.00 58.24  ? 28  C   A "C4'" 1 
ATOM   584  O "O4'" . C   A 1 28 ? 8.638   -6.785  -26.187 1.00 62.31  ? 28  C   A "O4'" 1 
ATOM   585  C "C3'" . C   A 1 28 ? 9.079   -8.055  -28.147 1.00 54.90  ? 28  C   A "C3'" 1 
ATOM   586  O "O3'" . C   A 1 28 ? 8.565   -9.349  -27.862 1.00 59.18  ? 28  C   A "O3'" 1 
ATOM   587  C "C2'" . C   A 1 28 ? 7.904   -7.128  -28.386 1.00 55.55  ? 28  C   A "C2'" 1 
ATOM   588  O "O2'" . C   A 1 28 ? 6.872   -7.693  -29.162 1.00 56.39  ? 28  C   A "O2'" 1 
ATOM   589  C "C1'" . C   A 1 28 ? 7.453   -6.851  -26.954 1.00 59.53  ? 28  C   A "C1'" 1 
ATOM   590  N N1    . C   A 1 28 ? 6.729   -5.584  -26.796 1.00 63.02  ? 28  C   A N1    1 
ATOM   591  C C2    . C   A 1 28 ? 5.374   -5.631  -26.428 1.00 65.18  ? 28  C   A C2    1 
ATOM   592  O O2    . C   A 1 28 ? 4.840   -6.743  -26.242 1.00 62.02  ? 28  C   A O2    1 
ATOM   593  N N3    . C   A 1 28 ? 4.688   -4.467  -26.286 1.00 62.80  ? 28  C   A N3    1 
ATOM   594  C C4    . C   A 1 28 ? 5.317   -3.306  -26.496 1.00 62.60  ? 28  C   A C4    1 
ATOM   595  N N4    . C   A 1 28 ? 4.619   -2.178  -26.360 1.00 61.42  ? 28  C   A N4    1 
ATOM   596  C C5    . C   A 1 28 ? 6.693   -3.245  -26.866 1.00 61.84  ? 28  C   A C5    1 
ATOM   597  C C6    . C   A 1 28 ? 7.360   -4.392  -27.007 1.00 58.07  ? 28  C   A C6    1 
ATOM   598  P P     . U   A 1 29 ? 9.548   -10.607 -27.725 1.00 62.99  ? 29  U   A P     1 
ATOM   599  O OP1   . U   A 1 29 ? 9.615   -11.028 -26.295 1.00 52.21  ? 29  U   A OP1   1 
ATOM   600  O OP2   . U   A 1 29 ? 10.812  -10.262 -28.447 1.00 59.82  ? 29  U   A OP2   1 
ATOM   601  O "O5'" . U   A 1 29 ? 8.790   -11.729 -28.558 1.00 56.86  ? 29  U   A "O5'" 1 
ATOM   602  C "C5'" . U   A 1 29 ? 8.668   -11.604 -29.963 1.00 56.67  ? 29  U   A "C5'" 1 
ATOM   603  C "C4'" . U   A 1 29 ? 7.589   -12.506 -30.490 1.00 56.26  ? 29  U   A "C4'" 1 
ATOM   604  O "O4'" . U   A 1 29 ? 7.815   -13.850 -30.010 1.00 59.91  ? 29  U   A "O4'" 1 
ATOM   605  C "C3'" . U   A 1 29 ? 6.190   -12.183 -30.019 1.00 55.71  ? 29  U   A "C3'" 1 
ATOM   606  O "O3'" . U   A 1 29 ? 5.589   -11.152 -30.772 1.00 58.96  ? 29  U   A "O3'" 1 
ATOM   607  C "C2'" . U   A 1 29 ? 5.473   -13.519 -30.130 1.00 54.20  ? 29  U   A "C2'" 1 
ATOM   608  O "O2'" . U   A 1 29 ? 5.070   -13.771 -31.460 1.00 53.88  ? 29  U   A "O2'" 1 
ATOM   609  C "C1'" . U   A 1 29 ? 6.584   -14.490 -29.766 1.00 55.85  ? 29  U   A "C1'" 1 
ATOM   610  N N1    . U   A 1 29 ? 6.537   -14.873 -28.342 1.00 58.43  ? 29  U   A N1    1 
ATOM   611  C C2    . U   A 1 29 ? 5.740   -15.955 -28.019 1.00 59.92  ? 29  U   A C2    1 
ATOM   612  O O2    . U   A 1 29 ? 5.093   -16.561 -28.868 1.00 57.59  ? 29  U   A O2    1 
ATOM   613  N N3    . U   A 1 29 ? 5.734   -16.282 -26.675 1.00 59.83  ? 29  U   A N3    1 
ATOM   614  C C4    . U   A 1 29 ? 6.436   -15.645 -25.661 1.00 60.10  ? 29  U   A C4    1 
ATOM   615  O O4    . U   A 1 29 ? 6.336   -16.044 -24.496 1.00 59.85  ? 29  U   A O4    1 
ATOM   616  C C5    . U   A 1 29 ? 7.240   -14.541 -26.094 1.00 57.50  ? 29  U   A C5    1 
ATOM   617  C C6    . U   A 1 29 ? 7.262   -14.197 -27.387 1.00 58.42  ? 29  U   A C6    1 
ATOM   618  P P     . U   A 1 30 ? 4.668   -10.083 -30.020 1.00 57.46  ? 30  U   A P     1 
ATOM   619  O OP1   . U   A 1 30 ? 3.906   -9.335  -31.051 1.00 60.80  ? 30  U   A OP1   1 
ATOM   620  O OP2   . U   A 1 30 ? 5.540   -9.373  -29.047 1.00 54.80  ? 30  U   A OP2   1 
ATOM   621  O "O5'" . U   A 1 30 ? 3.626   -10.984 -29.223 1.00 53.00  ? 30  U   A "O5'" 1 
ATOM   622  C "C5'" . U   A 1 30 ? 2.544   -11.615 -29.898 1.00 53.81  ? 30  U   A "C5'" 1 
ATOM   623  C "C4'" . U   A 1 30 ? 1.325   -11.713 -29.015 1.00 61.28  ? 30  U   A "C4'" 1 
ATOM   624  O "O4'" . U   A 1 30 ? 1.587   -12.639 -27.923 1.00 59.97  ? 30  U   A "O4'" 1 
ATOM   625  C "C3'" . U   A 1 30 ? 0.900   -10.394 -28.369 1.00 60.25  ? 30  U   A "C3'" 1 
ATOM   626  O "O3'" . U   A 1 30 ? -0.519  -10.302 -28.352 1.00 64.46  ? 30  U   A "O3'" 1 
ATOM   627  C "C2'" . U   A 1 30 ? 1.436   -10.517 -26.945 1.00 56.54  ? 30  U   A "C2'" 1 
ATOM   628  O "O2'" . U   A 1 30 ? 0.730   -9.771  -25.984 1.00 60.90  ? 30  U   A "O2'" 1 
ATOM   629  C "C1'" . U   A 1 30 ? 1.310   -12.009 -26.686 1.00 57.11  ? 30  U   A "C1'" 1 
ATOM   630  N N1    . U   A 1 30 ? 2.267   -12.495 -25.680 1.00 63.82  ? 30  U   A N1    1 
ATOM   631  C C2    . U   A 1 30 ? 1.780   -13.067 -24.517 1.00 58.02  ? 30  U   A C2    1 
ATOM   632  O O2    . U   A 1 30 ? 0.598   -13.211 -24.293 1.00 58.82  ? 30  U   A O2    1 
ATOM   633  N N3    . U   A 1 30 ? 2.725   -13.482 -23.621 1.00 56.90  ? 30  U   A N3    1 
ATOM   634  C C4    . U   A 1 30 ? 4.091   -13.385 -23.749 1.00 61.33  ? 30  U   A C4    1 
ATOM   635  O O4    . U   A 1 30 ? 4.817   -13.811 -22.842 1.00 66.35  ? 30  U   A O4    1 
ATOM   636  C C5    . U   A 1 30 ? 4.525   -12.771 -24.972 1.00 58.75  ? 30  U   A C5    1 
ATOM   637  C C6    . U   A 1 30 ? 3.625   -12.353 -25.871 1.00 61.13  ? 30  U   A C6    1 
ATOM   638  P P     . C   A 1 31 ? -1.268  -9.370  -29.429 1.00 67.52  ? 31  C   A P     1 
ATOM   639  O OP1   . C   A 1 31 ? -2.728  -9.550  -29.223 1.00 66.37  ? 31  C   A OP1   1 
ATOM   640  O OP2   . C   A 1 31 ? -0.699  -9.649  -30.769 1.00 64.51  ? 31  C   A OP2   1 
ATOM   641  O "O5'" . C   A 1 31 ? -0.847  -7.882  -29.024 1.00 65.13  ? 31  C   A "O5'" 1 
ATOM   642  C "C5'" . C   A 1 31 ? -1.434  -7.228  -27.902 1.00 59.27  ? 31  C   A "C5'" 1 
ATOM   643  C "C4'" . C   A 1 31 ? -1.433  -5.722  -28.040 1.00 61.93  ? 31  C   A "C4'" 1 
ATOM   644  O "O4'" . C   A 1 31 ? -0.086  -5.202  -27.867 1.00 62.36  ? 31  C   A "O4'" 1 
ATOM   645  C "C3'" . C   A 1 31 ? -1.925  -5.170  -29.371 1.00 61.00  ? 31  C   A "C3'" 1 
ATOM   646  O "O3'" . C   A 1 31 ? -2.579  -3.933  -29.127 1.00 60.74  ? 31  C   A "O3'" 1 
ATOM   647  C "C2'" . C   A 1 31 ? -0.626  -4.904  -30.118 1.00 57.89  ? 31  C   A "C2'" 1 
ATOM   648  O "O2'" . C   A 1 31 ? -0.720  -3.948  -31.148 1.00 64.77  ? 31  C   A "O2'" 1 
ATOM   649  C "C1'" . C   A 1 31 ? 0.274   -4.426  -28.993 1.00 56.69  ? 31  C   A "C1'" 1 
ATOM   650  N N1    . C   A 1 31 ? 1.701   -4.653  -29.235 1.00 64.47  ? 31  C   A N1    1 
ATOM   651  C C2    . C   A 1 31 ? 2.566   -3.562  -29.368 1.00 64.93  ? 31  C   A C2    1 
ATOM   652  O O2    . C   A 1 31 ? 2.102   -2.417  -29.294 1.00 66.59  ? 31  C   A O2    1 
ATOM   653  N N3    . C   A 1 31 ? 3.887   -3.788  -29.578 1.00 63.22  ? 31  C   A N3    1 
ATOM   654  C C4    . C   A 1 31 ? 4.352   -5.041  -29.648 1.00 58.01  ? 31  C   A C4    1 
ATOM   655  N N4    . C   A 1 31 ? 5.659   -5.215  -29.845 1.00 55.63  ? 31  C   A N4    1 
ATOM   656  C C5    . C   A 1 31 ? 3.494   -6.170  -29.520 1.00 57.84  ? 31  C   A C5    1 
ATOM   657  C C6    . C   A 1 31 ? 2.190   -5.932  -29.314 1.00 63.57  ? 31  C   A C6    1 
ATOM   658  P P     . G   A 1 32 ? -4.156  -3.906  -28.841 1.00 67.16  ? 32  G   A P     1 
ATOM   659  O OP1   . G   A 1 32 ? -4.794  -4.875  -29.772 1.00 65.82  ? 32  G   A OP1   1 
ATOM   660  O OP2   . G   A 1 32 ? -4.560  -2.476  -28.876 1.00 68.70  ? 32  G   A OP2   1 
ATOM   661  O "O5'" . G   A 1 32 ? -4.306  -4.448  -27.343 1.00 61.26  ? 32  G   A "O5'" 1 
ATOM   662  C "C5'" . G   A 1 32 ? -5.020  -5.646  -27.048 1.00 57.02  ? 32  G   A "C5'" 1 
ATOM   663  C "C4'" . G   A 1 32 ? -4.717  -6.149  -25.651 1.00 60.89  ? 32  G   A "C4'" 1 
ATOM   664  O "O4'" . G   A 1 32 ? -3.286  -6.328  -25.515 1.00 62.96  ? 32  G   A "O4'" 1 
ATOM   665  C "C3'" . G   A 1 32 ? -5.105  -5.220  -24.498 1.00 61.97  ? 32  G   A "C3'" 1 
ATOM   666  O "O3'" . G   A 1 32 ? -6.432  -5.418  -24.039 1.00 59.04  ? 32  G   A "O3'" 1 
ATOM   667  C "C2'" . G   A 1 32 ? -4.068  -5.532  -23.428 1.00 61.85  ? 32  G   A "C2'" 1 
ATOM   668  O "O2'" . G   A 1 32 ? -4.427  -6.694  -22.695 1.00 59.36  ? 32  G   A "O2'" 1 
ATOM   669  C "C1'" . G   A 1 32 ? -2.841  -5.840  -24.273 1.00 60.07  ? 32  G   A "C1'" 1 
ATOM   670  N N9    . G   A 1 32 ? -2.036  -4.638  -24.539 1.00 62.52  ? 32  G   A N9    1 
ATOM   671  C C8    . G   A 1 32 ? -2.398  -3.310  -24.539 1.00 61.42  ? 32  G   A C8    1 
ATOM   672  N N7    . G   A 1 32 ? -1.407  -2.514  -24.840 1.00 61.30  ? 32  G   A N7    1 
ATOM   673  C C5    . G   A 1 32 ? -0.335  -3.371  -25.061 1.00 63.42  ? 32  G   A C5    1 
ATOM   674  C C6    . G   A 1 32 ? 1.009   -3.109  -25.415 1.00 64.19  ? 32  G   A C6    1 
ATOM   675  O O6    . G   A 1 32 ? 1.546   -2.011  -25.622 1.00 66.82  ? 32  G   A O6    1 
ATOM   676  N N1    . G   A 1 32 ? 1.739   -4.290  -25.528 1.00 62.35  ? 32  G   A N1    1 
ATOM   677  C C2    . G   A 1 32 ? 1.245   -5.554  -25.327 1.00 61.72  ? 32  G   A C2    1 
ATOM   678  N N2    . G   A 1 32 ? 2.084   -6.577  -25.482 1.00 65.53  ? 32  G   A N2    1 
ATOM   679  N N3    . G   A 1 32 ? 0.004   -5.815  -24.995 1.00 63.76  ? 32  G   A N3    1 
ATOM   680  C C4    . G   A 1 32 ? -0.715  -4.681  -24.881 1.00 65.28  ? 32  G   A C4    1 
ATOM   681  P P     . A   A 1 33 ? -7.538  -4.265  -24.205 1.00 61.64  ? 33  A   A P     1 
ATOM   682  O OP1   . A   A 1 33 ? -8.843  -4.900  -23.892 1.00 63.38  ? 33  A   A OP1   1 
ATOM   683  O OP2   . A   A 1 33 ? -7.329  -3.547  -25.488 1.00 59.19  ? 33  A   A OP2   1 
ATOM   684  O "O5'" . A   A 1 33 ? -7.174  -3.175  -23.096 1.00 65.78  ? 33  A   A "O5'" 1 
ATOM   685  C "C5'" . A   A 1 33 ? -6.729  -3.542  -21.804 1.00 56.27  ? 33  A   A "C5'" 1 
ATOM   686  C "C4'" . A   A 1 33 ? -5.526  -2.734  -21.392 1.00 56.26  ? 33  A   A "C4'" 1 
ATOM   687  O "O4'" . A   A 1 33 ? -5.811  -1.317  -21.452 1.00 58.98  ? 33  A   A "O4'" 1 
ATOM   688  C "C3'" . A   A 1 33 ? -5.059  -2.971  -19.972 1.00 57.36  ? 33  A   A "C3'" 1 
ATOM   689  O "O3'" . A   A 1 33 ? -4.207  -4.088  -19.916 1.00 59.57  ? 33  A   A "O3'" 1 
ATOM   690  C "C2'" . A   A 1 33 ? -4.370  -1.664  -19.598 1.00 59.11  ? 33  A   A "C2'" 1 
ATOM   691  O "O2'" . A   A 1 33 ? -3.036  -1.634  -20.076 1.00 65.39  ? 33  A   A "O2'" 1 
ATOM   692  C "C1'" . A   A 1 33 ? -5.182  -0.645  -20.380 1.00 58.12  ? 33  A   A "C1'" 1 
ATOM   693  N N9    . A   A 1 33 ? -6.226  0.001   -19.566 1.00 61.74  ? 33  A   A N9    1 
ATOM   694  C C8    . A   A 1 33 ? -7.300  -0.499  -18.848 1.00 60.68  ? 33  A   A C8    1 
ATOM   695  N N7    . A   A 1 33 ? -8.045  0.431   -18.286 1.00 56.92  ? 33  A   A N7    1 
ATOM   696  C C5    . A   A 1 33 ? -7.415  1.607   -18.677 1.00 59.05  ? 33  A   A C5    1 
ATOM   697  C C6    . A   A 1 33 ? -7.674  2.966   -18.443 1.00 62.06  ? 33  A   A C6    1 
ATOM   698  N N6    . A   A 1 33 ? -8.687  3.419   -17.706 1.00 63.99  ? 33  A   A N6    1 
ATOM   699  N N1    . A   A 1 33 ? -6.829  3.873   -18.996 1.00 64.83  ? 33  A   A N1    1 
ATOM   700  C C2    . A   A 1 33 ? -5.793  3.446   -19.734 1.00 59.88  ? 33  A   A C2    1 
ATOM   701  N N3    . A   A 1 33 ? -5.445  2.200   -20.037 1.00 60.17  ? 33  A   A N3    1 
ATOM   702  C C4    . A   A 1 33 ? -6.309  1.345   -19.469 1.00 61.16  ? 33  A   A C4    1 
ATOM   703  P P     . C   A 1 34 ? -3.651  -4.614  -18.520 1.00 62.76  ? 34  C   A P     1 
ATOM   704  O OP1   . C   A 1 34 ? -4.754  -5.425  -17.947 1.00 69.09  ? 34  C   A OP1   1 
ATOM   705  O OP2   . C   A 1 34 ? -3.014  -3.511  -17.742 1.00 59.70  ? 34  C   A OP2   1 
ATOM   706  O "O5'" . C   A 1 34 ? -2.505  -5.623  -18.954 1.00 63.15  ? 34  C   A "O5'" 1 
ATOM   707  C "C5'" . C   A 1 34 ? -2.805  -6.748  -19.762 1.00 65.75  ? 34  C   A "C5'" 1 
ATOM   708  C "C4'" . C   A 1 34 ? -1.545  -7.346  -20.330 1.00 66.89  ? 34  C   A "C4'" 1 
ATOM   709  O "O4'" . C   A 1 34 ? -1.218  -6.686  -21.578 1.00 63.65  ? 34  C   A "O4'" 1 
ATOM   710  C "C3'" . C   A 1 34 ? -0.295  -7.172  -19.479 1.00 68.18  ? 34  C   A "C3'" 1 
ATOM   711  O "O3'" . C   A 1 34 ? -0.196  -8.124  -18.430 1.00 66.91  ? 34  C   A "O3'" 1 
ATOM   712  C "C2'" . C   A 1 34 ? 0.818   -7.278  -20.506 1.00 64.64  ? 34  C   A "C2'" 1 
ATOM   713  O "O2'" . C   A 1 34 ? 1.048   -8.635  -20.833 1.00 68.57  ? 34  C   A "O2'" 1 
ATOM   714  C "C1'" . C   A 1 34 ? 0.180   -6.601  -21.722 1.00 63.94  ? 34  C   A "C1'" 1 
ATOM   715  N N1    . C   A 1 34 ? 0.545   -5.177  -21.857 1.00 64.85  ? 34  C   A N1    1 
ATOM   716  C C2    . C   A 1 34 ? 1.832   -4.842  -22.305 1.00 66.56  ? 34  C   A C2    1 
ATOM   717  O O2    . C   A 1 34 ? 2.640   -5.745  -22.553 1.00 66.10  ? 34  C   A O2    1 
ATOM   718  N N3    . C   A 1 34 ? 2.175   -3.544  -22.450 1.00 65.55  ? 34  C   A N3    1 
ATOM   719  C C4    . C   A 1 34 ? 1.275   -2.605  -22.173 1.00 65.31  ? 34  C   A C4    1 
ATOM   720  N N4    . C   A 1 34 ? 1.650   -1.338  -22.331 1.00 65.47  ? 34  C   A N4    1 
ATOM   721  C C5    . C   A 1 34 ? -0.048  -2.919  -21.726 1.00 64.86  ? 34  C   A C5    1 
ATOM   722  C C6    . C   A 1 34 ? -0.376  -4.209  -21.581 1.00 62.65  ? 34  C   A C6    1 
ATOM   723  P P     . U   A 1 35 ? 0.479   -7.732  -17.018 1.00 70.70  ? 35  U   A P     1 
ATOM   724  O OP1   . U   A 1 35 ? 0.250   -8.878  -16.103 1.00 70.45  ? 35  U   A OP1   1 
ATOM   725  O OP2   . U   A 1 35 ? 0.055   -6.379  -16.585 1.00 62.34  ? 35  U   A OP2   1 
ATOM   726  O "O5'" . U   A 1 35 ? 2.038   -7.666  -17.343 1.00 69.40  ? 35  U   A "O5'" 1 
ATOM   727  C "C5'" . U   A 1 35 ? 2.750   -8.836  -17.710 1.00 67.68  ? 35  U   A "C5'" 1 
ATOM   728  C "C4'" . U   A 1 35 ? 4.174   -8.526  -18.086 1.00 66.30  ? 35  U   A "C4'" 1 
ATOM   729  O "O4'" . U   A 1 35 ? 4.204   -7.785  -19.338 1.00 67.30  ? 35  U   A "O4'" 1 
ATOM   730  C "C3'" . U   A 1 35 ? 4.932   -7.632  -17.120 1.00 68.58  ? 35  U   A "C3'" 1 
ATOM   731  O "O3'" . U   A 1 35 ? 5.420   -8.307  -15.977 1.00 66.50  ? 35  U   A "O3'" 1 
ATOM   732  C "C2'" . U   A 1 35 ? 6.015   -7.042  -18.007 1.00 73.14  ? 35  U   A "C2'" 1 
ATOM   733  O "O2'" . U   A 1 35 ? 7.026   -8.004  -18.275 1.00 74.48  ? 35  U   A "O2'" 1 
ATOM   734  C "C1'" . U   A 1 35 ? 5.236   -6.820  -19.301 1.00 67.81  ? 35  U   A "C1'" 1 
ATOM   735  N N1    . U   A 1 35 ? 4.629   -5.466  -19.355 1.00 69.56  ? 35  U   A N1    1 
ATOM   736  C C2    . U   A 1 35 ? 5.451   -4.404  -19.676 1.00 67.07  ? 35  U   A C2    1 
ATOM   737  O O2    . U   A 1 35 ? 6.632   -4.531  -19.913 1.00 70.40  ? 35  U   A O2    1 
ATOM   738  N N3    . U   A 1 35 ? 4.855   -3.176  -19.716 1.00 65.04  ? 35  U   A N3    1 
ATOM   739  C C4    . U   A 1 35 ? 3.534   -2.900  -19.470 1.00 68.38  ? 35  U   A C4    1 
ATOM   740  O O4    . U   A 1 35 ? 3.152   -1.734  -19.546 1.00 70.81  ? 35  U   A O4    1 
ATOM   741  C C5    . U   A 1 35 ? 2.735   -4.039  -19.134 1.00 68.02  ? 35  U   A C5    1 
ATOM   742  C C6    . U   A 1 35 ? 3.296   -5.251  -19.086 1.00 69.13  ? 35  U   A C6    1 
ATOM   743  P P     . G   A 1 36 ? 5.476   -7.526  -14.576 1.00 78.96  ? 36  G   A P     1 
ATOM   744  O OP1   . G   A 1 36 ? 5.701   -8.501  -13.473 1.00 82.47  ? 36  G   A OP1   1 
ATOM   745  O OP2   . G   A 1 36 ? 4.308   -6.612  -14.499 1.00 76.15  ? 36  G   A OP2   1 
ATOM   746  O "O5'" . G   A 1 36 ? 6.780   -6.632  -14.710 1.00 73.76  ? 36  G   A "O5'" 1 
ATOM   747  C "C5'" . G   A 1 36 ? 8.057   -7.240  -14.763 1.00 71.64  ? 36  G   A "C5'" 1 
ATOM   748  C "C4'" . G   A 1 36 ? 9.119   -6.220  -15.055 1.00 68.91  ? 36  G   A "C4'" 1 
ATOM   749  O "O4'" . G   A 1 36 ? 8.841   -5.602  -16.333 1.00 65.58  ? 36  G   A "O4'" 1 
ATOM   750  C "C3'" . G   A 1 36 ? 9.186   -5.042  -14.107 1.00 69.45  ? 36  G   A "C3'" 1 
ATOM   751  O "O3'" . G   A 1 36 ? 9.839   -5.326  -12.887 1.00 72.57  ? 36  G   A "O3'" 1 
ATOM   752  C "C2'" . G   A 1 36 ? 9.891   -3.999  -14.950 1.00 69.23  ? 36  G   A "C2'" 1 
ATOM   753  O "O2'" . G   A 1 36 ? 11.271  -4.304  -15.047 1.00 72.80  ? 36  G   A "O2'" 1 
ATOM   754  C "C1'" . G   A 1 36 ? 9.254   -4.254  -16.310 1.00 65.80  ? 36  G   A "C1'" 1 
ATOM   755  N N9    . G   A 1 36 ? 8.070   -3.409  -16.513 1.00 68.56  ? 36  G   A N9    1 
ATOM   756  C C8    . G   A 1 36 ? 6.758   -3.818  -16.449 1.00 68.32  ? 36  G   A C8    1 
ATOM   757  N N7    . G   A 1 36 ? 5.919   -2.836  -16.657 1.00 69.62  ? 36  G   A N7    1 
ATOM   758  C C5    . G   A 1 36 ? 6.730   -1.720  -16.870 1.00 69.26  ? 36  G   A C5    1 
ATOM   759  C C6    . G   A 1 36 ? 6.383   -0.370  -17.151 1.00 67.21  ? 36  G   A C6    1 
ATOM   760  O O6    . G   A 1 36 ? 5.257   0.127   -17.272 1.00 67.80  ? 36  G   A O6    1 
ATOM   761  N N1    . G   A 1 36 ? 7.507   0.436   -17.293 1.00 65.27  ? 36  G   A N1    1 
ATOM   762  C C2    . G   A 1 36 ? 8.801   0.007   -17.174 1.00 64.15  ? 36  G   A C2    1 
ATOM   763  N N2    . G   A 1 36 ? 9.719   0.967   -17.348 1.00 64.40  ? 36  G   A N2    1 
ATOM   764  N N3    . G   A 1 36 ? 9.153   -1.248  -16.915 1.00 61.55  ? 36  G   A N3    1 
ATOM   765  C C4    . G   A 1 36 ? 8.070   -2.054  -16.783 1.00 67.86  ? 36  G   A C4    1 
ATOM   766  P P     . G   A 1 37 ? 9.335   -4.601  -11.543 1.00 77.92  ? 37  G   A P     1 
ATOM   767  O OP1   . G   A 1 37 ? 9.925   -5.326  -10.387 1.00 74.06  ? 37  G   A OP1   1 
ATOM   768  O OP2   . G   A 1 37 ? 7.857   -4.460  -11.634 1.00 66.26  ? 37  G   A OP2   1 
ATOM   769  O "O5'" . G   A 1 37 ? 9.967   -3.138  -11.642 1.00 73.54  ? 37  G   A "O5'" 1 
ATOM   770  C "C5'" . G   A 1 37 ? 11.340  -2.952  -11.949 1.00 68.53  ? 37  G   A "C5'" 1 
ATOM   771  C "C4'" . G   A 1 37 ? 11.626  -1.532  -12.358 1.00 69.59  ? 37  G   A "C4'" 1 
ATOM   772  O "O4'" . G   A 1 37 ? 10.946  -1.225  -13.604 1.00 69.75  ? 37  G   A "O4'" 1 
ATOM   773  C "C3'" . G   A 1 37 ? 11.139  -0.450  -11.412 1.00 70.55  ? 37  G   A "C3'" 1 
ATOM   774  O "O3'" . G   A 1 37 ? 11.958  -0.276  -10.271 1.00 69.45  ? 37  G   A "O3'" 1 
ATOM   775  C "C2'" . G   A 1 37 ? 11.079  0.775   -12.319 1.00 73.29  ? 37  G   A "C2'" 1 
ATOM   776  O "O2'" . G   A 1 37 ? 12.372  1.326   -12.512 1.00 72.11  ? 37  G   A "O2'" 1 
ATOM   777  C "C1'" . G   A 1 37 ? 10.609  0.150   -13.637 1.00 71.38  ? 37  G   A "C1'" 1 
ATOM   778  N N9    . G   A 1 37 ? 9.150   0.305   -13.824 1.00 69.17  ? 37  G   A N9    1 
ATOM   779  C C8    . G   A 1 37 ? 8.160   -0.646  -13.731 1.00 65.23  ? 37  G   A C8    1 
ATOM   780  N N7    . G   A 1 37 ? 6.962   -0.163  -13.948 1.00 64.85  ? 37  G   A N7    1 
ATOM   781  C C5    . G   A 1 37 ? 7.167   1.191   -14.190 1.00 65.03  ? 37  G   A C5    1 
ATOM   782  C C6    . G   A 1 37 ? 6.249   2.237   -14.491 1.00 64.68  ? 37  G   A C6    1 
ATOM   783  O O6    . G   A 1 37 ? 5.018   2.187   -14.609 1.00 64.62  ? 37  G   A O6    1 
ATOM   784  N N1    . G   A 1 37 ? 6.894   3.458   -14.663 1.00 63.53  ? 37  G   A N1    1 
ATOM   785  C C2    . G   A 1 37 ? 8.249   3.651   -14.565 1.00 64.93  ? 37  G   A C2    1 
ATOM   786  N N2    . G   A 1 37 ? 8.690   4.902   -14.772 1.00 63.87  ? 37  G   A N2    1 
ATOM   787  N N3    . G   A 1 37 ? 9.113   2.688   -14.289 1.00 65.63  ? 37  G   A N3    1 
ATOM   788  C C4    . G   A 1 37 ? 8.510   1.492   -14.116 1.00 66.93  ? 37  G   A C4    1 
ATOM   789  P P     . G   A 1 38 ? 11.294  0.208   -8.885  1.00 82.82  ? 38  G   A P     1 
ATOM   790  O OP1   . G   A 1 38 ? 12.275  -0.072  -7.810  1.00 83.35  ? 38  G   A OP1   1 
ATOM   791  O OP2   . G   A 1 38 ? 9.930   -0.376  -8.784  1.00 76.45  ? 38  G   A OP2   1 
ATOM   792  O "O5'" . G   A 1 38 ? 11.127  1.792   -9.049  1.00 75.51  ? 38  G   A "O5'" 1 
ATOM   793  C "C5'" . G   A 1 38 ? 12.223  2.596   -9.464  1.00 77.06  ? 38  G   A "C5'" 1 
ATOM   794  C "C4'" . G   A 1 38 ? 11.809  3.988   -9.879  1.00 73.81  ? 38  G   A "C4'" 1 
ATOM   795  O "O4'" . G   A 1 38 ? 11.104  3.964   -11.149 1.00 68.20  ? 38  G   A "O4'" 1 
ATOM   796  C "C3'" . G   A 1 38 ? 10.864  4.733   -8.950  1.00 69.16  ? 38  G   A "C3'" 1 
ATOM   797  O "O3'" . G   A 1 38 ? 11.524  5.272   -7.820  1.00 68.83  ? 38  G   A "O3'" 1 
ATOM   798  C "C2'" . G   A 1 38 ? 10.286  5.792   -9.877  1.00 71.20  ? 38  G   A "C2'" 1 
ATOM   799  O "O2'" . G   A 1 38 ? 11.238  6.822   -10.105 1.00 73.14  ? 38  G   A "O2'" 1 
ATOM   800  C "C1'" . G   A 1 38 ? 10.129  4.990   -11.172 1.00 69.27  ? 38  G   A "C1'" 1 
ATOM   801  N N9    . G   A 1 38 ? 8.794   4.362   -11.245 1.00 66.79  ? 38  G   A N9    1 
ATOM   802  C C8    . G   A 1 38 ? 8.521   3.037   -11.003 1.00 69.85  ? 38  G   A C8    1 
ATOM   803  N N7    . G   A 1 38 ? 7.256   2.732   -11.104 1.00 68.59  ? 38  G   A N7    1 
ATOM   804  C C5    . G   A 1 38 ? 6.649   3.934   -11.428 1.00 65.67  ? 38  G   A C5    1 
ATOM   805  C C6    . G   A 1 38 ? 5.277   4.201   -11.661 1.00 64.15  ? 38  G   A C6    1 
ATOM   806  O O6    . G   A 1 38 ? 4.339   3.381   -11.608 1.00 63.66  ? 38  G   A O6    1 
ATOM   807  N N1    . G   A 1 38 ? 5.072   5.550   -11.968 1.00 56.72  ? 38  G   A N1    1 
ATOM   808  C C2    . G   A 1 38 ? 6.070   6.496   -12.026 1.00 56.89  ? 38  G   A C2    1 
ATOM   809  N N2    . G   A 1 38 ? 5.694   7.737   -12.337 1.00 55.20  ? 38  G   A N2    1 
ATOM   810  N N3    . G   A 1 38 ? 7.352   6.255   -11.807 1.00 60.55  ? 38  G   A N3    1 
ATOM   811  C C4    . G   A 1 38 ? 7.577   4.956   -11.517 1.00 64.28  ? 38  G   A C4    1 
ATOM   812  P P     . A   A 1 39 ? 10.813  5.306   -6.376  1.00 82.26  ? 39  A   A P     1 
ATOM   813  O OP1   . A   A 1 39 ? 11.888  5.517   -5.375  1.00 78.73  ? 39  A   A OP1   1 
ATOM   814  O OP2   . A   A 1 39 ? 9.884   4.157   -6.198  1.00 74.90  ? 39  A   A OP2   1 
ATOM   815  O "O5'" . A   A 1 39 ? 9.928   6.631   -6.428  1.00 80.60  ? 39  A   A "O5'" 1 
ATOM   816  C "C5'" . A   A 1 39 ? 10.473  7.849   -6.918  1.00 75.88  ? 39  A   A "C5'" 1 
ATOM   817  C "C4'" . A   A 1 39 ? 9.397   8.869   -7.203  1.00 70.14  ? 39  A   A "C4'" 1 
ATOM   818  O "O4'" . A   A 1 39 ? 8.694   8.521   -8.427  1.00 69.68  ? 39  A   A "O4'" 1 
ATOM   819  C "C3'" . A   A 1 39 ? 8.289   8.993   -6.167  1.00 63.80  ? 39  A   A "C3'" 1 
ATOM   820  O "O3'" . A   A 1 39 ? 8.654   9.769   -5.038  1.00 64.28  ? 39  A   A "O3'" 1 
ATOM   821  C "C2'" . A   A 1 39 ? 7.153   9.600   -6.980  1.00 64.02  ? 39  A   A "C2'" 1 
ATOM   822  O "O2'" . A   A 1 39 ? 7.364   10.991  -7.174  1.00 63.08  ? 39  A   A "O2'" 1 
ATOM   823  C "C1'" . A   A 1 39 ? 7.334   8.892   -8.321  1.00 65.76  ? 39  A   A "C1'" 1 
ATOM   824  N N9    . A   A 1 39 ? 6.501   7.676   -8.413  1.00 61.70  ? 39  A   A N9    1 
ATOM   825  C C8    . A   A 1 39 ? 6.892   6.386   -8.167  1.00 63.48  ? 39  A   A C8    1 
ATOM   826  N N7    . A   A 1 39 ? 5.940   5.502   -8.320  1.00 61.65  ? 39  A   A N7    1 
ATOM   827  C C5    . A   A 1 39 ? 4.841   6.263   -8.680  1.00 57.35  ? 39  A   A C5    1 
ATOM   828  C C6    . A   A 1 39 ? 3.520   5.902   -8.979  1.00 54.18  ? 39  A   A C6    1 
ATOM   829  N N6    . A   A 1 39 ? 3.106   4.639   -8.963  1.00 54.45  ? 39  A   A N6    1 
ATOM   830  N N1    . A   A 1 39 ? 2.644   6.882   -9.302  1.00 54.45  ? 39  A   A N1    1 
ATOM   831  C C2    . A   A 1 39 ? 3.098   8.149   -9.325  1.00 58.01  ? 39  A   A C2    1 
ATOM   832  N N3    . A   A 1 39 ? 4.324   8.618   -9.066  1.00 59.56  ? 39  A   A N3    1 
ATOM   833  C C4    . A   A 1 39 ? 5.163   7.608   -8.741  1.00 60.34  ? 39  A   A C4    1 
ATOM   834  P P     . C   A 1 40 ? 8.055   9.428   -3.577  1.00 76.11  ? 40  C   A P     1 
ATOM   835  O OP1   . C   A 1 40 ? 8.767   10.329  -2.634  1.00 75.16  ? 40  C   A OP1   1 
ATOM   836  O OP2   . C   A 1 40 ? 8.066   7.957   -3.342  1.00 68.85  ? 40  C   A OP2   1 
ATOM   837  O "O5'" . C   A 1 40 ? 6.517   9.854   -3.642  1.00 64.77  ? 40  C   A "O5'" 1 
ATOM   838  C "C5'" . C   A 1 40 ? 6.136   11.183  -3.969  1.00 62.94  ? 40  C   A "C5'" 1 
ATOM   839  C "C4'" . C   A 1 40 ? 4.680   11.282  -4.355  1.00 63.55  ? 40  C   A "C4'" 1 
ATOM   840  O "O4'" . C   A 1 40 ? 4.410   10.510  -5.561  1.00 64.62  ? 40  C   A "O4'" 1 
ATOM   841  C "C3'" . C   A 1 40 ? 3.670   10.742  -3.355  1.00 62.24  ? 40  C   A "C3'" 1 
ATOM   842  O "O3'" . C   A 1 40 ? 3.444   11.616  -2.265  1.00 61.95  ? 40  C   A "O3'" 1 
ATOM   843  C "C2'" . C   A 1 40 ? 2.443   10.527  -4.233  1.00 63.45  ? 40  C   A "C2'" 1 
ATOM   844  O "O2'" . C   A 1 40 ? 1.816   11.770  -4.529  1.00 70.09  ? 40  C   A "O2'" 1 
ATOM   845  C "C1'" . C   A 1 40 ? 3.087   10.004  -5.517  1.00 60.62  ? 40  C   A "C1'" 1 
ATOM   846  N N1    . C   A 1 40 ? 3.120   8.519   -5.548  1.00 58.56  ? 40  C   A N1    1 
ATOM   847  C C2    . C   A 1 40 ? 1.968   7.817   -5.945  1.00 56.80  ? 40  C   A C2    1 
ATOM   848  O O2    . C   A 1 40 ? 0.954   8.450   -6.279  1.00 53.68  ? 40  C   A O2    1 
ATOM   849  N N3    . C   A 1 40 ? 1.988   6.459   -5.962  1.00 55.76  ? 40  C   A N3    1 
ATOM   850  C C4    . C   A 1 40 ? 3.099   5.802   -5.609  1.00 54.46  ? 40  C   A C4    1 
ATOM   851  N N4    . C   A 1 40 ? 3.086   4.466   -5.644  1.00 48.84  ? 40  C   A N4    1 
ATOM   852  C C5    . C   A 1 40 ? 4.279   6.485   -5.198  1.00 55.09  ? 40  C   A C5    1 
ATOM   853  C C6    . C   A 1 40 ? 4.243   7.824   -5.178  1.00 58.11  ? 40  C   A C6    1 
ATOM   854  P P     . U   A 1 41 ? 3.061   11.036  -0.816  1.00 68.69  ? 41  U   A P     1 
ATOM   855  O OP1   . U   A 1 41 ? 2.699   12.252  -0.058  1.00 72.64  ? 41  U   A OP1   1 
ATOM   856  O OP2   . U   A 1 41 ? 4.119   10.144  -0.285  1.00 69.07  ? 41  U   A OP2   1 
ATOM   857  O "O5'" . U   A 1 41 ? 1.742   10.163  -1.053  1.00 60.00  ? 41  U   A "O5'" 1 
ATOM   858  C "C5'" . U   A 1 41 ? 0.500   10.810  -1.278  1.00 60.30  ? 41  U   A "C5'" 1 
ATOM   859  C "C4'" . U   A 1 41 ? -0.562  9.914   -1.876  1.00 57.34  ? 41  U   A "C4'" 1 
ATOM   860  O "O4'" . U   A 1 41 ? -0.033  9.052   -2.917  1.00 58.65  ? 41  U   A "O4'" 1 
ATOM   861  C "C3'" . U   A 1 41 ? -1.253  8.947   -0.948  1.00 52.25  ? 41  U   A "C3'" 1 
ATOM   862  O "O3'" . U   A 1 41 ? -2.160  9.582   -0.072  1.00 57.22  ? 41  U   A "O3'" 1 
ATOM   863  C "C2'" . U   A 1 41 ? -1.917  7.990   -1.928  1.00 54.39  ? 41  U   A "C2'" 1 
ATOM   864  O "O2'" . U   A 1 41 ? -3.098  8.569   -2.463  1.00 52.95  ? 41  U   A "O2'" 1 
ATOM   865  C "C1'" . U   A 1 41 ? -0.862  7.911   -3.041  1.00 53.52  ? 41  U   A "C1'" 1 
ATOM   866  N N1    . U   A 1 41 ? -0.033  6.680   -2.958  1.00 52.85  ? 41  U   A N1    1 
ATOM   867  C C2    . U   A 1 41 ? -0.613  5.453   -3.287  1.00 52.50  ? 41  U   A C2    1 
ATOM   868  O O2    . U   A 1 41 ? -1.773  5.309   -3.650  1.00 52.74  ? 41  U   A O2    1 
ATOM   869  N N3    . U   A 1 41 ? 0.221   4.366   -3.172  1.00 50.35  ? 41  U   A N3    1 
ATOM   870  C C4    . U   A 1 41 ? 1.549   4.376   -2.776  1.00 52.78  ? 41  U   A C4    1 
ATOM   871  O O4    . U   A 1 41 ? 2.177   3.303   -2.727  1.00 56.27  ? 41  U   A O4    1 
ATOM   872  C C5    . U   A 1 41 ? 2.075   5.674   -2.461  1.00 47.38  ? 41  U   A C5    1 
ATOM   873  C C6    . U   A 1 41 ? 1.285   6.747   -2.561  1.00 53.28  ? 41  U   A C6    1 
ATOM   874  P P     . A   A 1 42 ? -2.295  9.044   1.432   1.00 62.11  ? 42  A   A P     1 
ATOM   875  O OP1   . A   A 1 42 ? -3.269  9.870   2.185   1.00 57.65  ? 42  A   A OP1   1 
ATOM   876  O OP2   . A   A 1 42 ? -0.895  8.904   1.946   1.00 52.23  ? 42  A   A OP2   1 
ATOM   877  O "O5'" . A   A 1 42 ? -3.017  7.634   1.253   1.00 55.10  ? 42  A   A "O5'" 1 
ATOM   878  C "C5'" . A   A 1 42 ? -4.356  7.578   0.782   1.00 51.02  ? 42  A   A "C5'" 1 
ATOM   879  C "C4'" . A   A 1 42 ? -4.722  6.209   0.261   1.00 55.92  ? 42  A   A "C4'" 1 
ATOM   880  O "O4'" . A   A 1 42 ? -3.790  5.789   -0.776  1.00 53.30  ? 42  A   A "O4'" 1 
ATOM   881  C "C3'" . A   A 1 42 ? -4.695  5.073   1.271   1.00 52.23  ? 42  A   A "C3'" 1 
ATOM   882  O "O3'" . A   A 1 42 ? -5.868  5.023   2.064   1.00 54.87  ? 42  A   A "O3'" 1 
ATOM   883  C "C2'" . A   A 1 42 ? -4.513  3.846   0.384   1.00 52.84  ? 42  A   A "C2'" 1 
ATOM   884  O "O2'" . A   A 1 42 ? -5.756  3.472   -0.201  1.00 54.20  ? 42  A   A "O2'" 1 
ATOM   885  C "C1'" . A   A 1 42 ? -3.595  4.393   -0.715  1.00 45.51  ? 42  A   A "C1'" 1 
ATOM   886  N N9    . A   A 1 42 ? -2.165  4.151   -0.441  1.00 46.34  ? 42  A   A N9    1 
ATOM   887  C C8    . A   A 1 42 ? -1.243  5.080   -0.013  1.00 49.06  ? 42  A   A C8    1 
ATOM   888  N N7    . A   A 1 42 ? -0.020  4.604   0.134   1.00 48.12  ? 42  A   A N7    1 
ATOM   889  C C5    . A   A 1 42 ? -0.138  3.267   -0.227  1.00 46.83  ? 42  A   A C5    1 
ATOM   890  C C6    . A   A 1 42 ? 0.794   2.214   -0.282  1.00 46.86  ? 42  A   A C6    1 
ATOM   891  N N6    . A   A 1 42 ? 2.082   2.338   0.045   1.00 47.21  ? 42  A   A N6    1 
ATOM   892  N N1    . A   A 1 42 ? 0.361   1.000   -0.683  1.00 47.33  ? 42  A   A N1    1 
ATOM   893  C C2    . A   A 1 42 ? -0.931  0.860   -1.000  1.00 48.14  ? 42  A   A C2    1 
ATOM   894  N N3    . A   A 1 42 ? -1.906  1.770   -0.983  1.00 49.98  ? 42  A   A N3    1 
ATOM   895  C C4    . A   A 1 42 ? -1.448  2.975   -0.586  1.00 49.01  ? 42  A   A C4    1 
ATOM   896  P P     . C   A 1 43 ? -5.801  4.719   3.654   1.00 55.23  ? 43  C   A P     1 
ATOM   897  O OP1   . C   A 1 43 ? -7.134  5.079   4.218   1.00 49.32  ? 43  C   A OP1   1 
ATOM   898  O OP2   . C   A 1 43 ? -4.552  5.289   4.217   1.00 49.76  ? 43  C   A OP2   1 
ATOM   899  O "O5'" . C   A 1 43 ? -5.612  3.142   3.757   1.00 43.85  ? 43  C   A "O5'" 1 
ATOM   900  C "C5'" . C   A 1 43 ? -6.574  2.252   3.226   1.00 43.75  ? 43  C   A "C5'" 1 
ATOM   901  C "C4'" . C   A 1 43 ? -5.951  0.914   2.962   1.00 47.83  ? 43  C   A "C4'" 1 
ATOM   902  O "O4'" . C   A 1 43 ? -4.878  1.053   1.993   1.00 47.28  ? 43  C   A "O4'" 1 
ATOM   903  C "C3'" . C   A 1 43 ? -5.272  0.256   4.148   1.00 46.19  ? 43  C   A "C3'" 1 
ATOM   904  O "O3'" . C   A 1 43 ? -6.190  -0.363  5.023   1.00 47.55  ? 43  C   A "O3'" 1 
ATOM   905  C "C2'" . C   A 1 43 ? -4.333  -0.729  3.466   1.00 49.56  ? 43  C   A "C2'" 1 
ATOM   906  O "O2'" . C   A 1 43 ? -5.049  -1.868  3.013   1.00 50.90  ? 43  C   A "O2'" 1 
ATOM   907  C "C1'" . C   A 1 43 ? -3.884  0.080   2.245   1.00 47.95  ? 43  C   A "C1'" 1 
ATOM   908  N N1    . C   A 1 43 ? -2.591  0.753   2.499   1.00 46.18  ? 43  C   A N1    1 
ATOM   909  C C2    . C   A 1 43 ? -1.429  -0.027  2.464   1.00 47.67  ? 43  C   A C2    1 
ATOM   910  O O2    . C   A 1 43 ? -1.521  -1.227  2.195   1.00 50.09  ? 43  C   A O2    1 
ATOM   911  N N3    . C   A 1 43 ? -0.227  0.521   2.715   1.00 46.43  ? 43  C   A N3    1 
ATOM   912  C C4    . C   A 1 43 ? -0.171  1.819   2.998   1.00 49.02  ? 43  C   A C4    1 
ATOM   913  N N4    . C   A 1 43 ? 1.037   2.340   3.239   1.00 51.11  ? 43  C   A N4    1 
ATOM   914  C C5    . C   A 1 43 ? -1.336  2.644   3.041   1.00 45.36  ? 43  C   A C5    1 
ATOM   915  C C6    . C   A 1 43 ? -2.522  2.078   2.794   1.00 45.17  ? 43  C   A C6    1 
ATOM   916  P P     . G   A 1 44 ? -5.896  -0.502  6.595   1.00 44.84  ? 44  G   A P     1 
ATOM   917  O OP1   . G   A 1 44 ? -7.210  -0.948  7.102   1.00 50.44  ? 44  G   A OP1   1 
ATOM   918  O OP2   . G   A 1 44 ? -5.197  0.701   7.126   1.00 41.77  ? 44  G   A OP2   1 
ATOM   919  O "O5'" . G   A 1 44 ? -4.850  -1.691  6.742   1.00 50.38  ? 44  G   A "O5'" 1 
ATOM   920  C "C5'" . G   A 1 44 ? -5.188  -3.033  6.428   1.00 51.94  ? 44  G   A "C5'" 1 
ATOM   921  C "C4'" . G   A 1 44 ? -3.958  -3.908  6.305   1.00 54.96  ? 44  G   A "C4'" 1 
ATOM   922  O "O4'" . G   A 1 44 ? -3.071  -3.400  5.274   1.00 52.80  ? 44  G   A "O4'" 1 
ATOM   923  C "C3'" . G   A 1 44 ? -3.051  -3.988  7.516   1.00 55.40  ? 44  G   A "C3'" 1 
ATOM   924  O "O3'" . G   A 1 44 ? -3.548  -4.798  8.551   1.00 60.89  ? 44  G   A "O3'" 1 
ATOM   925  C "C2'" . G   A 1 44 ? -1.747  -4.489  6.913   1.00 55.72  ? 44  G   A "C2'" 1 
ATOM   926  O "O2'" . G   A 1 44 ? -1.827  -5.873  6.602   1.00 58.70  ? 44  G   A "O2'" 1 
ATOM   927  C "C1'" . G   A 1 44 ? -1.730  -3.721  5.603   1.00 49.76  ? 44  G   A "C1'" 1 
ATOM   928  N N9    . G   A 1 44 ? -0.958  -2.481  5.703   1.00 46.66  ? 44  G   A N9    1 
ATOM   929  C C8    . G   A 1 44 ? -1.445  -1.210  5.667   1.00 46.32  ? 44  G   A C8    1 
ATOM   930  N N7    . G   A 1 44 ? -0.488  -0.324  5.725   1.00 48.62  ? 44  G   A N7    1 
ATOM   931  C C5    . G   A 1 44 ? 0.675   -1.061  5.806   1.00 43.20  ? 44  G   A C5    1 
ATOM   932  C C6    . G   A 1 44 ? 2.011   -0.639  5.895   1.00 47.26  ? 44  G   A C6    1 
ATOM   933  O O6    . G   A 1 44 ? 2.440   0.504   5.931   1.00 53.22  ? 44  G   A O6    1 
ATOM   934  N N1    . G   A 1 44 ? 2.899   -1.694  5.946   1.00 50.15  ? 44  G   A N1    1 
ATOM   935  C C2    . G   A 1 44 ? 2.522   -3.007  5.906   1.00 51.19  ? 44  G   A C2    1 
ATOM   936  N N2    . G   A 1 44 ? 3.528   -3.885  5.963   1.00 54.17  ? 44  G   A N2    1 
ATOM   937  N N3    . G   A 1 44 ? 1.268   -3.426  5.823   1.00 48.61  ? 44  G   A N3    1 
ATOM   938  C C4    . G   A 1 44 ? 0.406   -2.396  5.783   1.00 45.93  ? 44  G   A C4    1 
ATOM   939  P P     . G   A 1 45 ? -3.527  -4.216  10.040  1.00 60.35  ? 45  G   A P     1 
ATOM   940  O OP1   . G   A 1 45 ? -4.539  -4.982  10.812  1.00 56.25  ? 45  G   A OP1   1 
ATOM   941  O OP2   . G   A 1 45 ? -3.593  -2.735  9.915   1.00 54.22  ? 45  G   A OP2   1 
ATOM   942  O "O5'" . G   A 1 45 ? -2.060  -4.552  10.557  1.00 52.86  ? 45  G   A "O5'" 1 
ATOM   943  C "C5'" . G   A 1 45 ? -1.602  -5.889  10.592  1.00 51.50  ? 45  G   A "C5'" 1 
ATOM   944  C "C4'" . G   A 1 45 ? -0.100  -5.952  10.650  1.00 54.05  ? 45  G   A "C4'" 1 
ATOM   945  O "O4'" . G   A 1 45 ? 0.469   -5.276  9.503   1.00 55.20  ? 45  G   A "O4'" 1 
ATOM   946  C "C3'" . G   A 1 45 ? 0.556   -5.265  11.831  1.00 52.05  ? 45  G   A "C3'" 1 
ATOM   947  O "O3'" . G   A 1 45 ? 0.511   -6.058  12.995  1.00 53.82  ? 45  G   A "O3'" 1 
ATOM   948  C "C2'" . G   A 1 45 ? 1.973   -5.035  11.329  1.00 53.18  ? 45  G   A "C2'" 1 
ATOM   949  O "O2'" . G   A 1 45 ? 2.730   -6.228  11.444  1.00 55.37  ? 45  G   A "O2'" 1 
ATOM   950  C "C1'" . G   A 1 45 ? 1.733   -4.755  9.843   1.00 51.06  ? 45  G   A "C1'" 1 
ATOM   951  N N9    . G   A 1 45 ? 1.767   -3.322  9.528   1.00 47.03  ? 45  G   A N9    1 
ATOM   952  C C8    . G   A 1 45 ? 0.723   -2.469  9.295   1.00 49.56  ? 45  G   A C8    1 
ATOM   953  N N7    . G   A 1 45 ? 1.133   -1.246  9.048   1.00 52.57  ? 45  G   A N7    1 
ATOM   954  C C5    . G   A 1 45 ? 2.527   -1.318  9.115   1.00 51.50  ? 45  G   A C5    1 
ATOM   955  C C6    . G   A 1 45 ? 3.540   -0.336  8.932   1.00 52.51  ? 45  G   A C6    1 
ATOM   956  O O6    . G   A 1 45 ? 3.425   0.859   8.654   1.00 54.54  ? 45  G   A O6    1 
ATOM   957  N N1    . G   A 1 45 ? 4.815   -0.854  9.097   1.00 53.84  ? 45  G   A N1    1 
ATOM   958  C C2    . G   A 1 45 ? 5.093   -2.160  9.396   1.00 55.27  ? 45  G   A C2    1 
ATOM   959  N N2    . G   A 1 45 ? 6.390   -2.481  9.524   1.00 52.17  ? 45  G   A N2    1 
ATOM   960  N N3    . G   A 1 45 ? 4.163   -3.083  9.569   1.00 54.02  ? 45  G   A N3    1 
ATOM   961  C C4    . G   A 1 45 ? 2.919   -2.596  9.413   1.00 49.51  ? 45  G   A C4    1 
ATOM   962  P P     . G   A 1 46 ? 0.166   -5.414  14.430  1.00 57.11  ? 46  G   A P     1 
ATOM   963  O OP1   . G   A 1 46 ? 0.329   -6.566  15.363  1.00 53.33  ? 46  G   A OP1   1 
ATOM   964  O OP2   . G   A 1 46 ? -1.114  -4.653  14.424  1.00 49.54  ? 46  G   A OP2   1 
ATOM   965  O "O5'" . G   A 1 46 ? 1.357   -4.391  14.686  1.00 52.34  ? 46  G   A "O5'" 1 
ATOM   966  C "C5'" . G   A 1 46 ? 2.696   -4.851  14.728  1.00 51.31  ? 46  G   A "C5'" 1 
ATOM   967  C "C4'" . G   A 1 46 ? 3.667   -3.704  14.672  1.00 53.79  ? 46  G   A "C4'" 1 
ATOM   968  O "O4'" . G   A 1 46 ? 3.649   -3.089  13.355  1.00 56.43  ? 46  G   A "O4'" 1 
ATOM   969  C "C3'" . G   A 1 46 ? 3.373   -2.560  15.623  1.00 52.28  ? 46  G   A "C3'" 1 
ATOM   970  O "O3'" . G   A 1 46 ? 3.845   -2.817  16.932  1.00 58.01  ? 46  G   A "O3'" 1 
ATOM   971  C "C2'" . G   A 1 46 ? 4.067   -1.383  14.952  1.00 54.66  ? 46  G   A "C2'" 1 
ATOM   972  O "O2'" . G   A 1 46 ? 5.457   -1.419  15.218  1.00 56.04  ? 46  G   A "O2'" 1 
ATOM   973  C "C1'" . G   A 1 46 ? 3.848   -1.695  13.472  1.00 54.85  ? 46  G   A "C1'" 1 
ATOM   974  N N9    . G   A 1 46 ? 2.664   -0.997  12.930  1.00 54.05  ? 46  G   A N9    1 
ATOM   975  C C8    . G   A 1 46 ? 1.355   -1.404  12.978  1.00 51.80  ? 46  G   A C8    1 
ATOM   976  N N7    . G   A 1 46 ? 0.537   -0.562  12.408  1.00 50.49  ? 46  G   A N7    1 
ATOM   977  C C5    . G   A 1 46 ? 1.351   0.465   11.953  1.00 48.48  ? 46  G   A C5    1 
ATOM   978  C C6    . G   A 1 46 ? 1.034   1.662   11.251  1.00 51.34  ? 46  G   A C6    1 
ATOM   979  O O6    . G   A 1 46 ? -0.066  2.094   10.861  1.00 52.10  ? 46  G   A O6    1 
ATOM   980  N N1    . G   A 1 46 ? 2.175   2.415   11.003  1.00 52.66  ? 46  G   A N1    1 
ATOM   981  C C2    . G   A 1 46 ? 3.454   2.065   11.363  1.00 55.56  ? 46  G   A C2    1 
ATOM   982  N N2    . G   A 1 46 ? 4.421   2.932   11.022  1.00 54.27  ? 46  G   A N2    1 
ATOM   983  N N3    . G   A 1 46 ? 3.759   0.948   12.006  1.00 56.54  ? 46  G   A N3    1 
ATOM   984  C C4    . G   A 1 46 ? 2.663   0.208   12.274  1.00 51.69  ? 46  G   A C4    1 
ATOM   985  P P     . A   A 1 47 ? 2.853   -2.735  18.200  1.00 63.00  ? 47  A   A P     1 
ATOM   986  O OP1   . A   A 1 47 ? 2.544   -4.129  18.606  1.00 57.88  ? 47  A   A OP1   1 
ATOM   987  O OP2   . A   A 1 47 ? 1.731   -1.812  17.895  1.00 56.63  ? 47  A   A OP2   1 
ATOM   988  O "O5'" . A   A 1 47 ? 3.734   -2.043  19.335  1.00 59.09  ? 47  A   A "O5'" 1 
ATOM   989  C "C5'" . A   A 1 47 ? 4.965   -2.606  19.768  1.00 56.01  ? 47  A   A "C5'" 1 
ATOM   990  C "C4'" . A   A 1 47 ? 6.014   -1.539  19.938  1.00 53.50  ? 47  A   A "C4'" 1 
ATOM   991  O "O4'" . A   A 1 47 ? 6.283   -0.933  18.648  1.00 58.16  ? 47  A   A "O4'" 1 
ATOM   992  C "C3'" . A   A 1 47 ? 5.630   -0.364  20.831  1.00 54.74  ? 47  A   A "C3'" 1 
ATOM   993  O "O3'" . A   A 1 47 ? 5.850   -0.620  22.207  1.00 60.77  ? 47  A   A "O3'" 1 
ATOM   994  C "C2'" . A   A 1 47 ? 6.510   0.746   20.298  1.00 58.04  ? 47  A   A "C2'" 1 
ATOM   995  O "O2'" . A   A 1 47 ? 7.838   0.566   20.761  1.00 63.60  ? 47  A   A "O2'" 1 
ATOM   996  C "C1'" . A   A 1 47 ? 6.470   0.456   18.799  1.00 61.59  ? 47  A   A "C1'" 1 
ATOM   997  N N9    . A   A 1 47 ? 5.325   1.143   18.174  1.00 58.53  ? 47  A   A N9    1 
ATOM   998  C C8    . A   A 1 47 ? 4.188   0.588   17.646  1.00 55.92  ? 47  A   A C8    1 
ATOM   999  N N7    . A   A 1 47 ? 3.329   1.467   17.186  1.00 54.18  ? 47  A   A N7    1 
ATOM   1000 C C5    . A   A 1 47 ? 3.939   2.683   17.450  1.00 56.00  ? 47  A   A C5    1 
ATOM   1001 C C6    . A   A 1 47 ? 3.537   4.011   17.214  1.00 57.87  ? 47  A   A C6    1 
ATOM   1002 N N6    . A   A 1 47 ? 2.379   4.338   16.635  1.00 54.83  ? 47  A   A N6    1 
ATOM   1003 N N1    . A   A 1 47 ? 4.378   5.002   17.591  1.00 58.77  ? 47  A   A N1    1 
ATOM   1004 C C2    . A   A 1 47 ? 5.535   4.656   18.177  1.00 60.73  ? 47  A   A C2    1 
ATOM   1005 N N3    . A   A 1 47 ? 6.020   3.447   18.465  1.00 59.62  ? 47  A   A N3    1 
ATOM   1006 C C4    . A   A 1 47 ? 5.164   2.497   18.062  1.00 57.30  ? 47  A   A C4    1 
ATOM   1007 P P     . G   A 1 48 ? 4.821   -0.115  23.341  1.00 62.79  ? 48  G   A P     1 
ATOM   1008 O OP1   . G   A 1 48 ? 5.516   -0.375  24.621  1.00 68.81  ? 48  G   A OP1   1 
ATOM   1009 O OP2   . G   A 1 48 ? 3.466   -0.681  23.112  1.00 58.99  ? 48  G   A OP2   1 
ATOM   1010 O "O5'" . G   A 1 48 ? 4.712   1.464   23.141  1.00 56.95  ? 48  G   A "O5'" 1 
ATOM   1011 C "C5'" . G   A 1 48 ? 5.829   2.307   23.364  1.00 56.28  ? 48  G   A "C5'" 1 
ATOM   1012 C "C4'" . G   A 1 48 ? 5.513   3.726   22.986  1.00 52.32  ? 48  G   A "C4'" 1 
ATOM   1013 O "O4'" . G   A 1 48 ? 5.253   3.797   21.564  1.00 60.11  ? 48  G   A "O4'" 1 
ATOM   1014 C "C3'" . G   A 1 48 ? 4.264   4.302   23.622  1.00 55.03  ? 48  G   A "C3'" 1 
ATOM   1015 O "O3'" . G   A 1 48 ? 4.506   4.777   24.935  1.00 60.08  ? 48  G   A "O3'" 1 
ATOM   1016 C "C2'" . G   A 1 48 ? 3.863   5.391   22.635  1.00 56.35  ? 48  G   A "C2'" 1 
ATOM   1017 O "O2'" . G   A 1 48 ? 4.671   6.549   22.795  1.00 57.43  ? 48  G   A "O2'" 1 
ATOM   1018 C "C1'" . G   A 1 48 ? 4.232   4.737   21.307  1.00 59.46  ? 48  G   A "C1'" 1 
ATOM   1019 N N9    . G   A 1 48 ? 3.091   4.038   20.676  1.00 55.35  ? 48  G   A N9    1 
ATOM   1020 C C8    . G   A 1 48 ? 2.868   2.682   20.621  1.00 53.09  ? 48  G   A C8    1 
ATOM   1021 N N7    . G   A 1 48 ? 1.766   2.369   20.001  1.00 50.35  ? 48  G   A N7    1 
ATOM   1022 C C5    . G   A 1 48 ? 1.231   3.591   19.613  1.00 50.89  ? 48  G   A C5    1 
ATOM   1023 C C6    . G   A 1 48 ? 0.038   3.895   18.902  1.00 54.31  ? 48  G   A C6    1 
ATOM   1024 O O6    . G   A 1 48 ? -0.810  3.112   18.443  1.00 54.69  ? 48  G   A O6    1 
ATOM   1025 N N1    . G   A 1 48 ? -0.130  5.271   18.741  1.00 52.45  ? 48  G   A N1    1 
ATOM   1026 C C2    . G   A 1 48 ? 0.738   6.230   19.202  1.00 52.49  ? 48  G   A C2    1 
ATOM   1027 N N2    . G   A 1 48 ? 0.415   7.508   18.948  1.00 51.79  ? 48  G   A N2    1 
ATOM   1028 N N3    . G   A 1 48 ? 1.848   5.954   19.865  1.00 53.83  ? 48  G   A N3    1 
ATOM   1029 C C4    . G   A 1 48 ? 2.032   4.627   20.029  1.00 51.90  ? 48  G   A C4    1 
ATOM   1030 P P     . C   A 1 49 ? 3.396   4.627   26.089  1.00 64.32  ? 49  C   A P     1 
ATOM   1031 O OP1   . C   A 1 49 ? 4.058   5.096   27.333  1.00 63.15  ? 49  C   A OP1   1 
ATOM   1032 O OP2   . C   A 1 49 ? 2.736   3.287   26.053  1.00 53.92  ? 49  C   A OP2   1 
ATOM   1033 O "O5'" . C   A 1 49 ? 2.317   5.728   25.705  1.00 60.73  ? 49  C   A "O5'" 1 
ATOM   1034 C "C5'" . C   A 1 49 ? 2.716   7.071   25.497  1.00 58.67  ? 49  C   A "C5'" 1 
ATOM   1035 C "C4'" . C   A 1 49 ? 1.659   7.845   24.767  1.00 55.63  ? 49  C   A "C4'" 1 
ATOM   1036 O "O4'" . C   A 1 49 ? 1.584   7.384   23.394  1.00 57.33  ? 49  C   A "O4'" 1 
ATOM   1037 C "C3'" . C   A 1 49 ? 0.239   7.673   25.272  1.00 57.99  ? 49  C   A "C3'" 1 
ATOM   1038 O "O3'" . C   A 1 49 ? -0.056  8.419   26.437  1.00 63.16  ? 49  C   A "O3'" 1 
ATOM   1039 C "C2'" . C   A 1 49 ? -0.577  8.077   24.059  1.00 58.45  ? 49  C   A "C2'" 1 
ATOM   1040 O "O2'" . C   A 1 49 ? -0.540  9.485   23.873  1.00 63.23  ? 49  C   A "O2'" 1 
ATOM   1041 C "C1'" . C   A 1 49 ? 0.245   7.450   22.945  1.00 56.24  ? 49  C   A "C1'" 1 
ATOM   1042 N N1    . C   A 1 49 ? -0.218  6.085   22.616  1.00 53.40  ? 49  C   A N1    1 
ATOM   1043 C C2    . C   A 1 49 ? -1.403  5.963   21.894  1.00 53.65  ? 49  C   A C2    1 
ATOM   1044 O O2    . C   A 1 49 ? -2.024  6.992   21.575  1.00 54.85  ? 49  C   A O2    1 
ATOM   1045 N N3    . C   A 1 49 ? -1.841  4.734   21.559  1.00 50.27  ? 49  C   A N3    1 
ATOM   1046 C C4    . C   A 1 49 ? -1.144  3.667   21.921  1.00 49.64  ? 49  C   A C4    1 
ATOM   1047 N N4    . C   A 1 49 ? -1.627  2.477   21.565  1.00 50.14  ? 49  C   A N4    1 
ATOM   1048 C C5    . C   A 1 49 ? 0.064   3.765   22.664  1.00 51.04  ? 49  C   A C5    1 
ATOM   1049 C C6    . C   A 1 49 ? 0.492   4.986   22.986  1.00 52.18  ? 49  C   A C6    1 
ATOM   1050 P P     . G   A 1 50 ? -1.091  7.833   27.519  1.00 61.07  ? 50  G   A P     1 
ATOM   1051 O OP1   . G   A 1 50 ? -0.859  8.604   28.763  1.00 69.18  ? 50  G   A OP1   1 
ATOM   1052 O OP2   . G   A 1 50 ? -0.999  6.354   27.590  1.00 60.35  ? 50  G   A OP2   1 
ATOM   1053 O "O5'" . G   A 1 50 ? -2.506  8.182   26.898  1.00 50.20  ? 50  G   A "O5'" 1 
ATOM   1054 C "C5'" . G   A 1 50 ? -2.782  9.496   26.474  1.00 53.75  ? 50  G   A "C5'" 1 
ATOM   1055 C "C4'" . G   A 1 50 ? -4.116  9.553   25.797  1.00 57.31  ? 50  G   A "C4'" 1 
ATOM   1056 O "O4'" . G   A 1 50 ? -4.020  8.903   24.511  1.00 57.28  ? 50  G   A "O4'" 1 
ATOM   1057 C "C3'" . G   A 1 50 ? -5.248  8.810   26.481  1.00 56.85  ? 50  G   A "C3'" 1 
ATOM   1058 O "O3'" . G   A 1 50 ? -5.800  9.522   27.564  1.00 62.97  ? 50  G   A "O3'" 1 
ATOM   1059 C "C2'" . G   A 1 50 ? -6.218  8.593   25.331  1.00 56.68  ? 50  G   A "C2'" 1 
ATOM   1060 O "O2'" . G   A 1 50 ? -6.874  9.806   24.989  1.00 55.32  ? 50  G   A "O2'" 1 
ATOM   1061 C "C1'" . G   A 1 50 ? -5.247  8.278   24.204  1.00 56.44  ? 50  G   A "C1'" 1 
ATOM   1062 N N9    . G   A 1 50 ? -5.011  6.835   24.058  1.00 54.98  ? 50  G   A N9    1 
ATOM   1063 C C8    . G   A 1 50 ? -3.909  6.096   24.416  1.00 54.97  ? 50  G   A C8    1 
ATOM   1064 N N7    . G   A 1 50 ? -4.037  4.830   24.114  1.00 54.83  ? 50  G   A N7    1 
ATOM   1065 C C5    . G   A 1 50 ? -5.293  4.744   23.516  1.00 55.12  ? 50  G   A C5    1 
ATOM   1066 C C6    . G   A 1 50 ? -6.003  3.639   22.975  1.00 57.08  ? 50  G   A C6    1 
ATOM   1067 O O6    . G   A 1 50 ? -5.654  2.446   22.906  1.00 58.15  ? 50  G   A O6    1 
ATOM   1068 N N1    . G   A 1 50 ? -7.249  4.034   22.487  1.00 54.95  ? 50  G   A N1    1 
ATOM   1069 C C2    . G   A 1 50 ? -7.748  5.317   22.519  1.00 56.37  ? 50  G   A C2    1 
ATOM   1070 N N2    . G   A 1 50 ? -8.972  5.514   22.008  1.00 58.20  ? 50  G   A N2    1 
ATOM   1071 N N3    . G   A 1 50 ? -7.096  6.348   23.013  1.00 54.40  ? 50  G   A N3    1 
ATOM   1072 C C4    . G   A 1 50 ? -5.896  5.979   23.484  1.00 54.45  ? 50  G   A C4    1 
ATOM   1073 P P     . C   A 1 51 ? -6.522  8.758   28.782  1.00 59.05  ? 51  C   A P     1 
ATOM   1074 O OP1   . C   A 1 51 ? -7.120  9.843   29.608  1.00 55.87  ? 51  C   A OP1   1 
ATOM   1075 O OP2   . C   A 1 51 ? -5.578  7.800   29.407  1.00 55.67  ? 51  C   A OP2   1 
ATOM   1076 O "O5'" . C   A 1 51 ? -7.750  8.004   28.100  1.00 56.69  ? 51  C   A "O5'" 1 
ATOM   1077 C "C5'" . C   A 1 51 ? -8.919  8.730   27.752  1.00 58.02  ? 51  C   A "C5'" 1 
ATOM   1078 C "C4'" . C   A 1 51 ? -9.887  7.881   26.973  1.00 58.27  ? 51  C   A "C4'" 1 
ATOM   1079 O "O4'" . C   A 1 51 ? -9.191  7.222   25.892  1.00 57.19  ? 51  C   A "O4'" 1 
ATOM   1080 C "C3'" . C   A 1 51 ? -10.531 6.737   27.734  1.00 61.47  ? 51  C   A "C3'" 1 
ATOM   1081 O "O3'" . C   A 1 51 ? -11.614 7.156   28.539  1.00 66.44  ? 51  C   A "O3'" 1 
ATOM   1082 C "C2'" . C   A 1 51 ? -10.934 5.788   26.615  1.00 59.05  ? 51  C   A "C2'" 1 
ATOM   1083 O "O2'" . C   A 1 51 ? -12.109 6.244   25.960  1.00 61.71  ? 51  C   A "O2'" 1 
ATOM   1084 C "C1'" . C   A 1 51 ? -9.767  5.956   25.651  1.00 55.51  ? 51  C   A "C1'" 1 
ATOM   1085 N N1    . C   A 1 51 ? -8.725  4.924   25.831  1.00 55.16  ? 51  C   A N1    1 
ATOM   1086 C C2    . C   A 1 51 ? -8.947  3.647   25.299  1.00 54.45  ? 51  C   A C2    1 
ATOM   1087 O O2    . C   A 1 51 ? -10.015 3.426   24.717  1.00 51.72  ? 51  C   A O2    1 
ATOM   1088 N N3    . C   A 1 51 ? -7.997  2.691   25.436  1.00 54.01  ? 51  C   A N3    1 
ATOM   1089 C C4    . C   A 1 51 ? -6.858  2.999   26.068  1.00 57.21  ? 51  C   A C4    1 
ATOM   1090 N N4    . C   A 1 51 ? -5.933  2.048   26.190  1.00 56.44  ? 51  C   A N4    1 
ATOM   1091 C C5    . C   A 1 51 ? -6.605  4.295   26.619  1.00 56.35  ? 51  C   A C5    1 
ATOM   1092 C C6    . C   A 1 51 ? -7.556  5.227   26.475  1.00 55.31  ? 51  C   A C6    1 
ATOM   1093 P P     . C   A 1 52 ? -11.902 6.428   29.937  1.00 64.30  ? 52  C   A P     1 
ATOM   1094 O OP1   . C   A 1 52 ? -13.045 7.155   30.547  1.00 69.26  ? 52  C   A OP1   1 
ATOM   1095 O OP2   . C   A 1 52 ? -10.611 6.301   30.668  1.00 61.75  ? 52  C   A OP2   1 
ATOM   1096 O "O5'" . C   A 1 52 ? -12.434 4.984   29.520  1.00 61.11  ? 52  C   A "O5'" 1 
ATOM   1097 C "C5'" . C   A 1 52 ? -13.648 4.852   28.796  1.00 63.47  ? 52  C   A "C5'" 1 
ATOM   1098 C "C4'" . C   A 1 52 ? -13.931 3.416   28.412  1.00 69.86  ? 52  C   A "C4'" 1 
ATOM   1099 O "O4'" . C   A 1 52 ? -12.976 2.943   27.420  1.00 64.32  ? 52  C   A "O4'" 1 
ATOM   1100 C "C3'" . C   A 1 52 ? -13.830 2.386   29.524  1.00 68.77  ? 52  C   A "C3'" 1 
ATOM   1101 O "O3'" . C   A 1 52 ? -14.951 2.391   30.388  1.00 72.50  ? 52  C   A "O3'" 1 
ATOM   1102 C "C2'" . C   A 1 52 ? -13.653 1.092   28.738  1.00 65.15  ? 52  C   A "C2'" 1 
ATOM   1103 O "O2'" . C   A 1 52 ? -14.874 0.700   28.133  1.00 64.35  ? 52  C   A "O2'" 1 
ATOM   1104 C "C1'" . C   A 1 52 ? -12.730 1.562   27.620  1.00 63.07  ? 52  C   A "C1'" 1 
ATOM   1105 N N1    . C   A 1 52 ? -11.299 1.358   27.952  1.00 58.25  ? 52  C   A N1    1 
ATOM   1106 C C2    . C   A 1 52 ? -10.780 0.059   27.945  1.00 62.35  ? 52  C   A C2    1 
ATOM   1107 O O2    . C   A 1 52 ? -11.522 -0.895  27.678  1.00 65.45  ? 52  C   A O2    1 
ATOM   1108 N N3    . C   A 1 52 ? -9.475  -0.142  28.234  1.00 61.47  ? 52  C   A N3    1 
ATOM   1109 C C4    . C   A 1 52 ? -8.692  0.896   28.517  1.00 60.19  ? 52  C   A C4    1 
ATOM   1110 N N4    . C   A 1 52 ? -7.414  0.648   28.797  1.00 59.12  ? 52  C   A N4    1 
ATOM   1111 C C5    . C   A 1 52 ? -9.187  2.230   28.531  1.00 57.60  ? 52  C   A C5    1 
ATOM   1112 C C6    . C   A 1 52 ? -10.483 2.410   28.247  1.00 57.41  ? 52  C   A C6    1 
ATOM   1113 P P     . U   A 1 53 ? -14.808 1.902   31.912  1.00 71.70  ? 53  U   A P     1 
ATOM   1114 O OP1   . U   A 1 53 ? -16.086 2.294   32.542  1.00 68.87  ? 53  U   A OP1   1 
ATOM   1115 O OP2   . U   A 1 53 ? -13.495 2.335   32.466  1.00 71.42  ? 53  U   A OP2   1 
ATOM   1116 O "O5'" . U   A 1 53 ? -14.748 0.310   31.813  1.00 71.18  ? 53  U   A "O5'" 1 
ATOM   1117 C "C5'" . U   A 1 53 ? -15.813 -0.436  31.228  1.00 69.88  ? 53  U   A "C5'" 1 
ATOM   1118 C "C4'" . U   A 1 53 ? -15.562 -1.920  31.329  1.00 75.37  ? 53  U   A "C4'" 1 
ATOM   1119 O "O4'" . U   A 1 53 ? -14.254 -2.204  30.756  1.00 73.83  ? 53  U   A "O4'" 1 
ATOM   1120 C "C3'" . U   A 1 53 ? -15.538 -2.480  32.756  1.00 80.82  ? 53  U   A "C3'" 1 
ATOM   1121 O "O3'" . U   A 1 53 ? -16.046 -3.818  32.781  1.00 75.80  ? 53  U   A "O3'" 1 
ATOM   1122 C "C2'" . U   A 1 53 ? -14.049 -2.489  33.092  1.00 82.69  ? 53  U   A "C2'" 1 
ATOM   1123 O "O2'" . U   A 1 53 ? -13.681 -3.423  34.091  1.00 82.37  ? 53  U   A "O2'" 1 
ATOM   1124 C "C1'" . U   A 1 53 ? -13.417 -2.801  31.730  1.00 76.30  ? 53  U   A "C1'" 1 
ATOM   1125 N N1    . U   A 1 53 ? -12.073 -2.223  31.572  1.00 76.65  ? 53  U   A N1    1 
ATOM   1126 C C2    . U   A 1 53 ? -11.012 -3.070  31.316  1.00 79.93  ? 53  U   A C2    1 
ATOM   1127 O O2    . U   A 1 53 ? -11.153 -4.278  31.198  1.00 83.81  ? 53  U   A O2    1 
ATOM   1128 N N3    . U   A 1 53 ? -9.786  -2.445  31.199  1.00 77.87  ? 53  U   A N3    1 
ATOM   1129 C C4    . U   A 1 53 ? -9.527  -1.086  31.318  1.00 73.48  ? 53  U   A C4    1 
ATOM   1130 O O4    . U   A 1 53 ? -8.372  -0.667  31.193  1.00 73.57  ? 53  U   A O4    1 
ATOM   1131 C C5    . U   A 1 53 ? -10.679 -0.279  31.586  1.00 70.27  ? 53  U   A C5    1 
ATOM   1132 C C6    . U   A 1 53 ? -11.877 -0.863  31.703  1.00 75.21  ? 53  U   A C6    1 
HETATM 1133 O O     . HOH B 2 .  ? -4.524  -1.784  24.714  1.00 54.33  ? 101 HOH A O     1 
HETATM 1134 O O     . HOH B 2 .  ? -14.962 -5.284  34.098  1.00 66.68  ? 102 HOH A O     1 
HETATM 1135 O O     . HOH B 2 .  ? -2.589  -10.277 -24.907 1.00 54.22  ? 103 HOH A O     1 
HETATM 1136 O O     . HOH B 2 .  ? -1.602  -16.695 -2.455  1.00 56.45  ? 104 HOH A O     1 
# 
